data_9DRV
#
_entry.id   9DRV
#
_cell.length_a   147.091
_cell.length_b   64.393
_cell.length_c   188.776
_cell.angle_alpha   90.00
_cell.angle_beta   111.10
_cell.angle_gamma   90.00
#
_symmetry.space_group_name_H-M   'P 1 21 1'
#
loop_
_entity.id
_entity.type
_entity.pdbx_description
1 polymer 'Phenylalanine--tRNA ligase alpha subunit'
2 polymer 'Phenylalanine--tRNA ligase beta subunit'
3 polymer tRNA(phe)
4 non-polymer QUINOLIN-2-AMINE
5 non-polymer 'MAGNESIUM ION'
6 non-polymer 'ACETATE ION'
7 non-polymer DI(HYDROXYETHYL)ETHER
8 non-polymer GLYCEROL
9 non-polymer 'DIMETHYL SULFOXIDE'
10 non-polymer '4-(2-HYDROXYETHYL)-1-PIPERAZINE ETHANESULFONIC ACID'
11 non-polymer 1,2-ETHANEDIOL
12 water water
#
loop_
_entity_poly.entity_id
_entity_poly.type
_entity_poly.pdbx_seq_one_letter_code
_entity_poly.pdbx_strand_id
1 'polypeptide(L)'
;ENLYFQSNAMLSPEALTTAVDAAQQAIALADTLDVLARVKTEHLGDRSPLALARQALAVLPKEQRAEAGKRVNAARNAAQ
RSYDERLATLRAERDAAVLVAEGIDVTLPSTRVPAGARHPIIMLAEHVADTFIAMGWELAEGPEVETEQFNFDALNFPAD
HPARGEQDTFYIAPEDSRQLLRTHTSPVQIRTLLARELPVYIISIGRTFRTDELDATHTPIFHQVEGLAVDRGLSMAHLR
GTLDAFARAEFGPSARTRIRPHFFPFTEPSAEVDVWFANKIGGAAWVEWGGCGMVHPNVLRATGIDPDLYSGFAFGMGLE
RTLQFRNGIPDMRDMVEGDVRFSLPFGVGA
;
A,D
2 'polypeptide(L)'
;QSNAMRLPYSWLREVVAVGASGWDVTPGELEQTLLRIGHEVEEVIPLGPVDGPVTVGRVADIEELTGYKKPIRACAVDIG
DRQYREIICGATNFAVGDLVVVALPGATLPGGFTISARKAYGRNSDGMICSAAELNLGADHSGILVLPPGAAEPGADGAG
VLGLDDVVFHLAITPDRGYCMSVRGLARELACAYDLDFVDPASNSRVPPLPIEGPAWPLTVQPETGVRRFALRPVIGIDP
AAVSPWWLQRRLLLCGIRATCPAVDVTNYVMLELGHPMHAHDRNRISGTLGVRFARSGETAVTLDGIERKLDTADVLIVD
DAATAAIGGVMGAASTEVRADSTDVLLEAAIWDPAAVSRTQRRLHLPSEAARRYERTVDPAISVAALDRCARLLADIAGG
EVSPTLTDWRGDPPCDDWSPPPIRMGVDVPDRIAGVAYPQGTTARRLAQIGAVVTHDGDTLTVTPPSWRPDLRQPADLVE
EVLRLEGLEVIPSVLPPAPAGRGLTAGQQRRRTIGRSLALSGYVEILPTPFLPAGVFDLWGLEADDSRRMTTRVLNPLEA
DRPQLATTLLPALLEALVRNVSRGLVDVALFAIAQVVQPTEQTRGVGLIPVDRRPTDDEIAMLDASLPRQPQHVAAVLAG
LREPRGPWGPGRPVEAADAFEAVRIIARASRVDVTLRPAQYLPWHPGRCAQVFVGESSVGHAGQLHPAVIERSGLPKGTC
AVELNLDAIPCSAPLPAPRVSPYPAVFQDVSLVVAADIPAQAVADAVRAGAGDLLEDIALFDVFTGPQIGEHRKSLTFAL
RFRAPDRTLTEDDASAARDAAVQSAAERVGAVLRG
;
B,E
3 'polyribonucleotide' GGCCAGGUAGCUCAGUCGGUAUGAGCGUCCGCCUGAAAAGCGGAAGGUCGGCGGUUCGAUCCCGCCCCUGGCCACCA C,F
#
# COMPACT_ATOMS: atom_id res chain seq x y z
N MET A 10 -76.29 32.35 2.33
CA MET A 10 -74.86 32.27 2.62
C MET A 10 -74.02 32.55 1.37
N LEU A 11 -74.60 32.26 0.20
CA LEU A 11 -73.89 32.47 -1.05
C LEU A 11 -73.76 33.96 -1.37
N SER A 12 -74.71 34.77 -0.90
CA SER A 12 -74.88 36.21 -1.14
C SER A 12 -73.59 36.89 -1.60
N PRO A 13 -73.55 37.41 -2.82
CA PRO A 13 -72.32 38.07 -3.30
C PRO A 13 -71.88 39.23 -2.44
N GLU A 14 -72.78 39.83 -1.66
CA GLU A 14 -72.36 40.83 -0.68
C GLU A 14 -71.55 40.21 0.44
N ALA A 15 -72.07 39.11 1.03
CA ALA A 15 -71.31 38.40 2.05
C ALA A 15 -70.11 37.69 1.46
N LEU A 16 -70.16 37.35 0.17
CA LEU A 16 -69.01 36.76 -0.50
C LEU A 16 -67.85 37.75 -0.54
N THR A 17 -68.14 39.02 -0.83
CA THR A 17 -67.10 40.03 -0.90
C THR A 17 -66.44 40.27 0.45
N THR A 18 -67.20 40.11 1.54
CA THR A 18 -66.63 40.25 2.87
C THR A 18 -65.61 39.17 3.18
N ALA A 19 -65.68 38.02 2.50
CA ALA A 19 -64.69 36.97 2.70
C ALA A 19 -63.37 37.30 2.04
N VAL A 20 -63.41 37.78 0.79
CA VAL A 20 -62.18 38.18 0.11
C VAL A 20 -61.60 39.44 0.73
N ASP A 21 -62.39 40.19 1.50
CA ASP A 21 -61.86 41.37 2.18
C ASP A 21 -60.93 40.98 3.31
N ALA A 22 -61.42 40.15 4.25
CA ALA A 22 -60.59 39.73 5.36
C ALA A 22 -59.40 38.90 4.90
N ALA A 23 -59.54 38.21 3.76
CA ALA A 23 -58.41 37.45 3.21
C ALA A 23 -57.29 38.39 2.79
N GLN A 24 -57.56 39.27 1.83
CA GLN A 24 -56.54 40.20 1.35
C GLN A 24 -56.04 41.11 2.46
N GLN A 25 -56.88 41.38 3.46
CA GLN A 25 -56.43 42.18 4.59
C GLN A 25 -55.42 41.42 5.43
N ALA A 26 -55.73 40.17 5.78
CA ALA A 26 -54.77 39.35 6.51
C ALA A 26 -53.55 39.02 5.67
N ILE A 27 -53.73 38.91 4.34
CA ILE A 27 -52.59 38.68 3.46
C ILE A 27 -51.68 39.90 3.44
N ALA A 28 -52.26 41.10 3.36
CA ALA A 28 -51.45 42.32 3.38
C ALA A 28 -50.80 42.54 4.74
N LEU A 29 -51.42 42.04 5.80
CA LEU A 29 -50.89 42.17 7.15
C LEU A 29 -49.91 41.07 7.51
N ALA A 30 -49.57 40.19 6.58
CA ALA A 30 -48.60 39.12 6.82
C ALA A 30 -47.20 39.68 6.65
N ASP A 31 -46.47 39.77 7.76
CA ASP A 31 -45.14 40.36 7.74
C ASP A 31 -44.03 39.36 7.39
N THR A 32 -44.19 38.10 7.79
CA THR A 32 -43.19 37.08 7.55
C THR A 32 -43.75 35.99 6.65
N LEU A 33 -42.85 35.18 6.08
CA LEU A 33 -43.29 34.07 5.24
C LEU A 33 -44.01 33.00 6.05
N ASP A 34 -43.64 32.84 7.32
CA ASP A 34 -44.32 31.85 8.16
C ASP A 34 -45.74 32.28 8.49
N VAL A 35 -45.96 33.58 8.69
CA VAL A 35 -47.31 34.08 8.93
C VAL A 35 -48.17 33.91 7.68
N LEU A 36 -47.57 34.07 6.49
CA LEU A 36 -48.31 33.90 5.26
C LEU A 36 -48.79 32.46 5.10
N ALA A 37 -47.91 31.49 5.38
CA ALA A 37 -48.30 30.10 5.28
C ALA A 37 -49.48 29.78 6.19
N ARG A 38 -49.52 30.41 7.37
CA ARG A 38 -50.68 30.27 8.23
C ARG A 38 -51.88 31.02 7.66
N VAL A 39 -51.65 32.22 7.10
CA VAL A 39 -52.73 33.00 6.52
C VAL A 39 -53.32 32.27 5.32
N LYS A 40 -52.48 31.68 4.48
CA LYS A 40 -52.96 30.90 3.35
C LYS A 40 -53.81 29.73 3.80
N THR A 41 -53.48 29.14 4.95
CA THR A 41 -54.28 28.03 5.47
C THR A 41 -55.67 28.51 5.89
N GLU A 42 -55.75 29.66 6.56
CA GLU A 42 -57.03 30.12 7.10
C GLU A 42 -57.92 30.74 6.03
N HIS A 43 -57.35 31.30 4.97
CA HIS A 43 -58.12 32.01 3.96
C HIS A 43 -58.07 31.37 2.58
N LEU A 44 -57.29 30.31 2.39
CA LEU A 44 -57.25 29.61 1.12
C LEU A 44 -57.17 28.10 1.25
N GLY A 45 -57.00 27.55 2.44
CA GLY A 45 -56.92 26.11 2.62
C GLY A 45 -58.27 25.45 2.42
N ASP A 46 -58.27 24.13 2.64
CA ASP A 46 -59.49 23.35 2.45
C ASP A 46 -60.57 23.67 3.48
N ARG A 47 -60.19 24.24 4.62
CA ARG A 47 -61.14 24.62 5.66
C ARG A 47 -61.43 26.11 5.67
N SER A 48 -60.98 26.85 4.66
CA SER A 48 -61.22 28.28 4.59
C SER A 48 -62.68 28.56 4.24
N PRO A 49 -63.19 29.73 4.62
CA PRO A 49 -64.57 30.09 4.23
C PRO A 49 -64.79 30.11 2.74
N LEU A 50 -63.76 30.47 1.96
CA LEU A 50 -63.89 30.39 0.50
C LEU A 50 -63.99 28.95 0.01
N ALA A 51 -63.28 28.02 0.67
CA ALA A 51 -63.39 26.61 0.32
C ALA A 51 -64.70 26.00 0.79
N LEU A 52 -65.22 26.45 1.94
CA LEU A 52 -66.51 25.97 2.40
C LEU A 52 -67.64 26.37 1.47
N ALA A 53 -67.47 27.45 0.70
CA ALA A 53 -68.49 27.86 -0.25
C ALA A 53 -68.43 27.05 -1.53
N ARG A 54 -67.24 26.61 -1.94
CA ARG A 54 -67.13 25.82 -3.16
C ARG A 54 -67.75 24.44 -2.99
N GLN A 55 -67.58 23.84 -1.81
CA GLN A 55 -68.23 22.56 -1.53
C GLN A 55 -69.71 22.71 -1.21
N ALA A 56 -70.14 23.90 -0.79
CA ALA A 56 -71.55 24.15 -0.58
C ALA A 56 -72.34 24.22 -1.89
N LEU A 57 -71.65 24.35 -3.03
CA LEU A 57 -72.33 24.44 -4.31
C LEU A 57 -73.11 23.17 -4.63
N ALA A 58 -72.71 22.04 -4.05
CA ALA A 58 -73.37 20.77 -4.38
C ALA A 58 -74.80 20.71 -3.86
N VAL A 59 -75.11 21.46 -2.80
CA VAL A 59 -76.44 21.44 -2.21
C VAL A 59 -77.32 22.45 -2.94
N LEU A 60 -76.94 22.79 -4.17
CA LEU A 60 -77.73 23.63 -5.05
C LEU A 60 -77.89 22.92 -6.39
N PRO A 61 -79.04 23.07 -7.05
CA PRO A 61 -79.21 22.48 -8.37
C PRO A 61 -78.30 23.12 -9.40
N LYS A 62 -78.04 22.37 -10.48
CA LYS A 62 -77.10 22.84 -11.50
C LYS A 62 -77.56 24.14 -12.15
N GLU A 63 -78.86 24.33 -12.32
CA GLU A 63 -79.36 25.59 -12.88
C GLU A 63 -79.08 26.75 -11.95
N GLN A 64 -79.27 26.55 -10.66
CA GLN A 64 -79.01 27.59 -9.66
C GLN A 64 -77.56 27.57 -9.17
N ARG A 65 -76.68 26.79 -9.81
CA ARG A 65 -75.27 26.74 -9.45
C ARG A 65 -74.36 27.21 -10.58
N ALA A 66 -74.93 27.92 -11.56
CA ALA A 66 -74.14 28.45 -12.67
C ALA A 66 -73.66 29.87 -12.38
N GLU A 67 -74.59 30.79 -12.15
CA GLU A 67 -74.22 32.17 -11.83
C GLU A 67 -73.63 32.29 -10.43
N ALA A 68 -73.94 31.36 -9.52
CA ALA A 68 -73.39 31.41 -8.18
C ALA A 68 -71.90 31.08 -8.19
N GLY A 69 -71.51 30.05 -8.93
CA GLY A 69 -70.11 29.68 -9.02
C GLY A 69 -69.26 30.65 -9.82
N LYS A 70 -69.90 31.45 -10.69
CA LYS A 70 -69.16 32.44 -11.46
C LYS A 70 -68.63 33.56 -10.56
N ARG A 71 -69.46 34.04 -9.64
CA ARG A 71 -69.00 35.06 -8.69
C ARG A 71 -68.00 34.50 -7.68
N VAL A 72 -68.02 33.18 -7.45
CA VAL A 72 -67.06 32.57 -6.54
C VAL A 72 -65.68 32.50 -7.19
N ASN A 73 -65.64 32.18 -8.48
CA ASN A 73 -64.35 32.05 -9.17
C ASN A 73 -63.64 33.39 -9.30
N ALA A 74 -64.40 34.47 -9.54
CA ALA A 74 -63.78 35.78 -9.68
C ALA A 74 -63.15 36.24 -8.37
N ALA A 75 -63.69 35.79 -7.24
CA ALA A 75 -63.12 36.14 -5.94
C ALA A 75 -62.03 35.17 -5.50
N ARG A 76 -62.12 33.91 -5.94
CA ARG A 76 -61.05 32.96 -5.66
C ARG A 76 -59.73 33.44 -6.27
N ASN A 77 -59.78 33.88 -7.53
CA ASN A 77 -58.60 34.47 -8.16
C ASN A 77 -58.26 35.83 -7.57
N ALA A 78 -59.24 36.54 -7.00
CA ALA A 78 -58.96 37.83 -6.38
C ALA A 78 -58.12 37.66 -5.12
N ALA A 79 -58.40 36.61 -4.34
CA ALA A 79 -57.62 36.34 -3.14
C ALA A 79 -56.39 35.49 -3.42
N GLN A 80 -56.42 34.65 -4.46
CA GLN A 80 -55.28 33.80 -4.80
C GLN A 80 -54.11 34.65 -5.27
N ARG A 81 -54.26 35.32 -6.42
CA ARG A 81 -53.16 36.12 -6.95
C ARG A 81 -52.75 37.25 -6.02
N SER A 82 -53.64 37.67 -5.10
CA SER A 82 -53.22 38.58 -4.05
C SER A 82 -52.24 37.90 -3.10
N TYR A 83 -52.47 36.61 -2.82
CA TYR A 83 -51.50 35.84 -2.06
C TYR A 83 -50.22 35.61 -2.84
N ASP A 84 -50.33 35.47 -4.17
CA ASP A 84 -49.15 35.26 -5.00
C ASP A 84 -48.25 36.49 -5.00
N GLU A 85 -48.85 37.68 -5.09
CA GLU A 85 -48.05 38.91 -5.08
C GLU A 85 -47.40 39.12 -3.72
N ARG A 86 -48.13 38.86 -2.63
CA ARG A 86 -47.55 38.97 -1.30
C ARG A 86 -46.49 37.90 -1.07
N LEU A 87 -46.66 36.72 -1.67
CA LEU A 87 -45.64 35.69 -1.57
C LEU A 87 -44.37 36.10 -2.30
N ALA A 88 -44.51 36.74 -3.46
CA ALA A 88 -43.34 37.23 -4.18
C ALA A 88 -42.71 38.43 -3.48
N THR A 89 -43.54 39.29 -2.88
CA THR A 89 -43.02 40.46 -2.18
C THR A 89 -42.29 40.05 -0.91
N LEU A 90 -42.81 39.05 -0.20
CA LEU A 90 -42.14 38.59 1.02
C LEU A 90 -40.88 37.80 0.70
N ARG A 91 -40.90 37.00 -0.38
CA ARG A 91 -39.71 36.28 -0.78
C ARG A 91 -38.62 37.22 -1.30
N ALA A 92 -39.02 38.29 -1.98
CA ALA A 92 -38.03 39.28 -2.42
C ALA A 92 -37.41 40.02 -1.25
N GLU A 93 -38.19 40.24 -0.18
CA GLU A 93 -37.64 40.87 1.01
C GLU A 93 -36.71 39.92 1.75
N ARG A 94 -37.06 38.63 1.80
CA ARG A 94 -36.23 37.66 2.50
C ARG A 94 -34.89 37.48 1.80
N ASP A 95 -34.90 37.37 0.47
CA ASP A 95 -33.66 37.24 -0.27
C ASP A 95 -32.83 38.53 -0.19
N ALA A 96 -33.48 39.68 -0.05
CA ALA A 96 -32.75 40.94 0.09
C ALA A 96 -32.22 41.11 1.51
N ALA A 97 -32.96 40.65 2.52
CA ALA A 97 -32.48 40.73 3.89
C ALA A 97 -31.32 39.78 4.13
N VAL A 98 -31.27 38.66 3.40
CA VAL A 98 -30.17 37.73 3.54
C VAL A 98 -28.86 38.35 3.05
N LEU A 99 -28.93 39.18 2.01
CA LEU A 99 -27.73 39.86 1.51
C LEU A 99 -27.17 40.81 2.56
N VAL A 100 -28.04 41.64 3.15
CA VAL A 100 -27.58 42.62 4.13
C VAL A 100 -27.36 42.04 5.51
N ALA A 101 -27.87 40.84 5.77
CA ALA A 101 -27.66 40.20 7.07
C ALA A 101 -26.19 40.03 7.37
N GLU A 102 -25.81 40.23 8.62
CA GLU A 102 -24.41 40.20 9.01
C GLU A 102 -23.82 38.82 8.81
N GLY A 103 -22.61 38.77 8.25
CA GLY A 103 -21.92 37.52 8.04
C GLY A 103 -21.11 37.08 9.25
N ILE A 104 -20.73 35.80 9.24
CA ILE A 104 -19.95 35.23 10.33
C ILE A 104 -18.47 35.29 9.97
N ASP A 105 -17.61 35.06 10.96
CA ASP A 105 -16.18 34.93 10.73
C ASP A 105 -15.91 33.51 10.27
N VAL A 106 -15.70 33.34 8.96
CA VAL A 106 -15.49 32.02 8.39
C VAL A 106 -14.15 31.41 8.78
N THR A 107 -13.25 32.19 9.36
CA THR A 107 -11.93 31.73 9.75
C THR A 107 -11.84 31.34 11.21
N LEU A 108 -12.96 31.31 11.92
CA LEU A 108 -12.95 30.90 13.32
C LEU A 108 -12.49 29.44 13.42
N PRO A 109 -11.77 29.10 14.48
CA PRO A 109 -11.34 27.71 14.66
C PRO A 109 -12.55 26.78 14.75
N SER A 110 -12.47 25.65 14.03
CA SER A 110 -13.53 24.67 14.01
C SER A 110 -13.08 23.28 14.41
N THR A 111 -11.78 23.04 14.53
CA THR A 111 -11.26 21.72 14.90
C THR A 111 -11.29 21.59 16.42
N ARG A 112 -12.31 20.89 16.93
CA ARG A 112 -12.44 20.65 18.35
C ARG A 112 -11.68 19.41 18.81
N VAL A 113 -11.10 18.65 17.90
CA VAL A 113 -10.29 17.48 18.22
C VAL A 113 -8.83 17.92 18.22
N PRO A 114 -8.04 17.56 19.23
CA PRO A 114 -6.64 17.97 19.26
C PRO A 114 -5.86 17.38 18.09
N ALA A 115 -4.73 18.02 17.79
CA ALA A 115 -3.91 17.60 16.66
C ALA A 115 -3.23 16.28 16.96
N GLY A 116 -3.36 15.33 16.04
CA GLY A 116 -2.72 14.04 16.15
C GLY A 116 -1.60 13.89 15.12
N ALA A 117 -0.81 12.83 15.31
CA ALA A 117 0.33 12.58 14.44
C ALA A 117 0.88 11.17 14.59
N ARG A 118 1.09 10.49 13.47
CA ARG A 118 1.83 9.24 13.49
C ARG A 118 3.33 9.54 13.51
N HIS A 119 4.09 8.64 14.13
CA HIS A 119 5.51 8.88 14.28
C HIS A 119 6.21 8.85 12.92
N PRO A 120 7.15 9.76 12.67
CA PRO A 120 7.81 9.78 11.36
C PRO A 120 8.57 8.52 11.03
N ILE A 121 9.12 7.82 12.03
CA ILE A 121 9.83 6.57 11.77
C ILE A 121 8.86 5.51 11.27
N ILE A 122 7.68 5.42 11.88
CA ILE A 122 6.67 4.47 11.43
C ILE A 122 6.21 4.80 10.01
N MET A 123 6.09 6.10 9.70
CA MET A 123 5.69 6.49 8.35
C MET A 123 6.77 6.20 7.34
N LEU A 124 8.04 6.37 7.71
CA LEU A 124 9.13 6.01 6.81
C LEU A 124 9.14 4.52 6.53
N ALA A 125 8.88 3.70 7.56
CA ALA A 125 8.75 2.26 7.35
C ALA A 125 7.58 1.95 6.43
N GLU A 126 6.50 2.71 6.55
CA GLU A 126 5.34 2.51 5.68
C GLU A 126 5.70 2.83 4.23
N HIS A 127 6.47 3.91 4.01
CA HIS A 127 6.88 4.25 2.66
C HIS A 127 7.89 3.26 2.12
N VAL A 128 8.79 2.77 2.97
CA VAL A 128 9.76 1.76 2.55
C VAL A 128 9.04 0.47 2.15
N ALA A 129 8.07 0.05 2.98
CA ALA A 129 7.33 -1.16 2.69
C ALA A 129 6.51 -1.02 1.41
N ASP A 130 5.91 0.16 1.19
CA ASP A 130 5.14 0.38 -0.03
C ASP A 130 6.03 0.34 -1.26
N THR A 131 7.27 0.81 -1.14
CA THR A 131 8.18 0.82 -2.27
C THR A 131 8.53 -0.59 -2.72
N PHE A 132 8.84 -1.48 -1.78
CA PHE A 132 9.22 -2.84 -2.13
C PHE A 132 8.01 -3.69 -2.49
N ILE A 133 6.85 -3.44 -1.87
CA ILE A 133 5.64 -4.19 -2.22
C ILE A 133 5.23 -3.86 -3.65
N ALA A 134 5.39 -2.61 -4.07
CA ALA A 134 5.09 -2.22 -5.44
C ALA A 134 6.00 -2.90 -6.45
N MET A 135 7.09 -3.52 -6.02
CA MET A 135 7.98 -4.27 -6.89
C MET A 135 7.77 -5.77 -6.80
N GLY A 136 6.80 -6.23 -6.01
CA GLY A 136 6.51 -7.64 -5.86
C GLY A 136 7.00 -8.28 -4.58
N TRP A 137 7.79 -7.56 -3.79
CA TRP A 137 8.32 -8.12 -2.55
C TRP A 137 7.22 -8.24 -1.51
N GLU A 138 7.55 -8.89 -0.39
CA GLU A 138 6.63 -9.08 0.72
C GLU A 138 7.31 -8.69 2.02
N LEU A 139 6.52 -8.64 3.09
CA LEU A 139 6.99 -8.22 4.41
C LEU A 139 7.04 -9.43 5.33
N ALA A 140 8.22 -9.72 5.87
CA ALA A 140 8.42 -10.79 6.83
C ALA A 140 8.75 -10.21 8.20
N GLU A 141 8.45 -10.98 9.25
CA GLU A 141 8.57 -10.51 10.62
C GLU A 141 9.51 -11.42 11.42
N GLY A 142 9.77 -11.01 12.65
CA GLY A 142 10.60 -11.77 13.56
C GLY A 142 10.66 -11.15 14.94
N PRO A 143 10.48 -11.98 15.97
CA PRO A 143 10.63 -11.52 17.35
C PRO A 143 11.94 -10.77 17.56
N GLU A 144 11.93 -9.85 18.54
CA GLU A 144 13.11 -9.04 18.85
C GLU A 144 14.09 -9.80 19.73
N VAL A 145 13.59 -10.59 20.68
CA VAL A 145 14.44 -11.49 21.45
C VAL A 145 14.63 -12.75 20.61
N GLU A 146 15.86 -12.95 20.12
CA GLU A 146 16.18 -14.03 19.21
C GLU A 146 17.17 -14.99 19.87
N THR A 147 17.24 -16.20 19.34
CA THR A 147 18.25 -17.16 19.76
C THR A 147 19.59 -16.84 19.10
N GLU A 148 20.67 -17.13 19.83
CA GLU A 148 22.01 -16.90 19.29
C GLU A 148 22.28 -17.75 18.06
N GLN A 149 21.56 -18.88 17.91
CA GLN A 149 21.73 -19.71 16.72
C GLN A 149 21.34 -18.95 15.46
N PHE A 150 20.24 -18.20 15.51
CA PHE A 150 19.76 -17.46 14.35
C PHE A 150 20.42 -16.10 14.19
N ASN A 151 20.75 -15.43 15.30
CA ASN A 151 21.35 -14.11 15.22
C ASN A 151 22.81 -14.16 14.79
N PHE A 152 23.54 -15.21 15.20
CA PHE A 152 24.97 -15.30 14.93
C PHE A 152 25.35 -16.58 14.20
N ASP A 153 25.08 -17.75 14.79
CA ASP A 153 25.62 -19.00 14.26
C ASP A 153 25.12 -19.29 12.85
N ALA A 154 23.82 -19.15 12.62
CA ALA A 154 23.26 -19.43 11.30
C ALA A 154 23.71 -18.42 10.26
N LEU A 155 24.18 -17.24 10.67
CA LEU A 155 24.63 -16.21 9.74
C LEU A 155 26.16 -16.19 9.63
N ASN A 156 26.80 -17.34 9.79
CA ASN A 156 28.24 -17.53 9.53
C ASN A 156 29.11 -16.68 10.46
N PHE A 157 28.61 -16.37 11.65
CA PHE A 157 29.44 -15.67 12.63
C PHE A 157 30.41 -16.66 13.25
N PRO A 158 31.72 -16.42 13.16
CA PRO A 158 32.68 -17.36 13.76
C PRO A 158 32.71 -17.24 15.27
N ALA A 159 32.90 -18.38 15.93
CA ALA A 159 32.91 -18.42 17.39
C ALA A 159 34.28 -17.99 17.91
N ASP A 160 34.26 -17.22 19.00
CA ASP A 160 35.48 -16.73 19.65
C ASP A 160 36.34 -15.91 18.68
N HIS A 161 35.68 -15.17 17.79
CA HIS A 161 36.35 -14.35 16.81
C HIS A 161 35.90 -12.90 16.92
N PRO A 162 36.81 -11.94 16.74
CA PRO A 162 36.39 -10.53 16.74
C PRO A 162 35.22 -10.22 15.82
N ALA A 163 35.01 -11.00 14.76
CA ALA A 163 33.83 -10.81 13.91
C ALA A 163 32.53 -11.03 14.68
N ARG A 164 32.59 -11.71 15.82
CA ARG A 164 31.45 -11.92 16.69
C ARG A 164 31.53 -11.16 18.00
N GLY A 165 32.73 -10.92 18.52
CA GLY A 165 32.91 -10.27 19.80
C GLY A 165 32.94 -8.75 19.73
N GLU A 166 33.27 -8.20 18.55
CA GLU A 166 33.28 -6.76 18.39
C GLU A 166 31.89 -6.17 18.62
N GLN A 167 30.87 -6.79 18.04
CA GLN A 167 29.50 -6.36 18.25
C GLN A 167 29.10 -6.67 19.69
N ASP A 168 29.02 -5.64 20.52
CA ASP A 168 28.54 -5.80 21.89
C ASP A 168 27.02 -5.88 21.86
N THR A 169 26.48 -7.00 22.32
CA THR A 169 25.05 -7.28 22.22
C THR A 169 24.42 -7.39 23.59
N PHE A 170 23.12 -7.11 23.66
CA PHE A 170 22.34 -7.30 24.88
C PHE A 170 22.06 -8.78 25.05
N TYR A 171 22.76 -9.41 25.98
CA TYR A 171 22.55 -10.83 26.26
C TYR A 171 21.50 -11.00 27.35
N ILE A 172 20.71 -12.07 27.24
CA ILE A 172 19.64 -12.36 28.18
C ILE A 172 20.21 -13.15 29.35
N ALA A 173 19.96 -12.67 30.57
CA ALA A 173 20.43 -13.37 31.75
C ALA A 173 19.72 -14.73 31.88
N PRO A 174 20.40 -15.75 32.44
CA PRO A 174 21.76 -15.74 33.00
C PRO A 174 22.85 -15.72 31.93
N GLU A 175 24.10 -15.62 32.34
CA GLU A 175 25.20 -15.60 31.38
C GLU A 175 25.31 -16.93 30.66
N ASP A 176 25.78 -16.88 29.41
CA ASP A 176 25.91 -18.05 28.56
C ASP A 176 24.56 -18.76 28.39
N SER A 177 23.54 -17.98 28.05
CA SER A 177 22.20 -18.51 27.82
C SER A 177 21.85 -18.62 26.34
N ARG A 178 22.72 -18.14 25.46
CA ARG A 178 22.50 -18.16 24.01
C ARG A 178 21.20 -17.46 23.61
N GLN A 179 20.65 -16.64 24.50
CA GLN A 179 19.51 -15.79 24.21
C GLN A 179 19.95 -14.34 24.29
N LEU A 180 19.44 -13.51 23.37
CA LEU A 180 19.93 -12.15 23.27
C LEU A 180 18.92 -11.30 22.50
N LEU A 181 19.01 -9.99 22.72
CA LEU A 181 18.28 -9.04 21.89
C LEU A 181 18.98 -8.90 20.55
N ARG A 182 18.21 -8.96 19.48
CA ARG A 182 18.79 -8.96 18.14
C ARG A 182 19.56 -7.66 17.89
N THR A 183 20.70 -7.80 17.20
CA THR A 183 21.54 -6.67 16.84
C THR A 183 21.32 -6.21 15.41
N HIS A 184 20.52 -6.93 14.65
CA HIS A 184 20.21 -6.62 13.25
C HIS A 184 19.01 -7.46 12.85
N THR A 185 18.30 -7.00 11.83
CA THR A 185 17.16 -7.74 11.31
C THR A 185 17.58 -8.90 10.41
N SER A 186 18.83 -9.35 10.53
CA SER A 186 19.41 -10.41 9.70
C SER A 186 18.95 -11.81 10.10
N PRO A 187 18.72 -12.11 11.38
CA PRO A 187 18.13 -13.41 11.72
C PRO A 187 16.82 -13.69 11.00
N VAL A 188 16.10 -12.66 10.54
CA VAL A 188 14.90 -12.88 9.74
C VAL A 188 15.23 -13.52 8.41
N GLN A 189 16.47 -13.38 7.93
CA GLN A 189 16.91 -14.13 6.76
C GLN A 189 16.77 -15.63 6.99
N ILE A 190 17.29 -16.10 8.12
CA ILE A 190 17.20 -17.53 8.43
C ILE A 190 15.74 -17.97 8.54
N ARG A 191 14.97 -17.25 9.37
CA ARG A 191 13.57 -17.63 9.59
C ARG A 191 12.78 -17.69 8.29
N THR A 192 13.08 -16.81 7.34
CA THR A 192 12.36 -16.81 6.07
C THR A 192 12.80 -17.96 5.17
N LEU A 193 14.09 -18.30 5.17
CA LEU A 193 14.59 -19.33 4.28
C LEU A 193 14.15 -20.73 4.70
N LEU A 194 13.91 -20.95 6.00
CA LEU A 194 13.42 -22.25 6.43
C LEU A 194 11.92 -22.40 6.19
N ALA A 195 11.16 -21.32 6.29
CA ALA A 195 9.70 -21.39 6.19
C ALA A 195 9.22 -21.29 4.76
N ARG A 196 9.65 -20.27 4.02
CA ARG A 196 9.12 -20.01 2.70
C ARG A 196 9.80 -20.87 1.64
N GLU A 197 9.11 -21.03 0.52
CA GLU A 197 9.64 -21.75 -0.63
C GLU A 197 10.32 -20.78 -1.59
N LEU A 198 11.34 -21.27 -2.27
CA LEU A 198 12.08 -20.44 -3.20
C LEU A 198 11.28 -20.21 -4.48
N PRO A 199 11.43 -19.03 -5.11
CA PRO A 199 12.31 -17.91 -4.74
C PRO A 199 11.76 -17.09 -3.58
N VAL A 200 12.63 -16.31 -2.92
CA VAL A 200 12.25 -15.49 -1.78
C VAL A 200 12.63 -14.04 -2.09
N TYR A 201 11.67 -13.13 -1.92
CA TYR A 201 11.89 -11.69 -2.11
C TYR A 201 11.13 -10.99 -0.99
N ILE A 202 11.80 -10.85 0.17
CA ILE A 202 11.16 -10.31 1.36
C ILE A 202 11.97 -9.14 1.90
N ILE A 203 11.27 -8.21 2.52
CA ILE A 203 11.88 -7.16 3.32
C ILE A 203 11.30 -7.26 4.73
N SER A 204 12.09 -6.81 5.72
CA SER A 204 11.68 -6.89 7.11
C SER A 204 12.02 -5.59 7.80
N ILE A 205 11.05 -5.04 8.52
CA ILE A 205 11.23 -3.79 9.27
C ILE A 205 10.92 -4.08 10.73
N GLY A 206 11.90 -3.88 11.60
CA GLY A 206 11.72 -4.15 13.02
C GLY A 206 12.77 -3.45 13.84
N ARG A 207 12.59 -3.54 15.16
CA ARG A 207 13.51 -2.91 16.09
C ARG A 207 14.76 -3.75 16.26
N THR A 208 15.91 -3.08 16.34
CA THR A 208 17.20 -3.72 16.56
C THR A 208 17.90 -3.04 17.73
N PHE A 209 18.76 -3.78 18.42
CA PHE A 209 19.32 -3.36 19.69
C PHE A 209 20.83 -3.43 19.65
N ARG A 210 21.49 -2.31 19.93
CA ARG A 210 22.93 -2.24 20.08
C ARG A 210 23.26 -1.50 21.37
N THR A 211 24.45 -1.77 21.91
CA THR A 211 24.87 -1.16 23.16
C THR A 211 25.65 0.13 22.91
N ASP A 212 24.98 1.07 22.24
CA ASP A 212 25.52 2.38 21.95
C ASP A 212 24.80 3.42 22.81
N GLU A 213 25.55 4.42 23.29
CA GLU A 213 24.97 5.45 24.12
C GLU A 213 24.18 6.44 23.26
N LEU A 214 23.06 6.90 23.81
CA LEU A 214 22.15 7.77 23.07
C LEU A 214 22.70 9.18 23.00
N ASP A 215 23.01 9.64 21.80
CA ASP A 215 23.45 11.02 21.59
C ASP A 215 22.72 11.56 20.37
N ALA A 216 23.29 12.57 19.72
CA ALA A 216 22.64 13.24 18.60
C ALA A 216 22.68 12.43 17.30
N THR A 217 23.54 11.41 17.22
CA THR A 217 23.66 10.62 16.00
C THR A 217 23.62 9.11 16.24
N HIS A 218 23.43 8.66 17.47
CA HIS A 218 23.33 7.25 17.77
C HIS A 218 22.17 7.02 18.74
N THR A 219 21.62 5.80 18.69
CA THR A 219 20.58 5.40 19.62
C THR A 219 20.72 3.90 19.86
N PRO A 220 20.62 3.46 21.12
CA PRO A 220 20.76 2.02 21.39
C PRO A 220 19.63 1.19 20.81
N ILE A 221 18.43 1.73 20.73
CA ILE A 221 17.27 1.02 20.19
C ILE A 221 16.83 1.77 18.94
N PHE A 222 17.02 1.15 17.78
CA PHE A 222 16.66 1.76 16.51
C PHE A 222 15.99 0.72 15.62
N HIS A 223 15.44 1.19 14.52
CA HIS A 223 14.74 0.35 13.55
C HIS A 223 15.61 0.14 12.32
N GLN A 224 15.53 -1.07 11.76
CA GLN A 224 16.29 -1.42 10.58
C GLN A 224 15.37 -2.05 9.55
N VAL A 225 15.66 -1.82 8.28
CA VAL A 225 14.95 -2.47 7.17
C VAL A 225 15.90 -3.51 6.58
N GLU A 226 15.48 -4.76 6.61
CA GLU A 226 16.26 -5.86 6.08
C GLU A 226 15.76 -6.24 4.69
N GLY A 227 16.69 -6.64 3.84
CA GLY A 227 16.36 -7.11 2.51
C GLY A 227 16.98 -8.47 2.24
N LEU A 228 16.18 -9.36 1.66
CA LEU A 228 16.64 -10.69 1.31
C LEU A 228 15.97 -11.12 0.02
N ALA A 229 16.77 -11.45 -0.99
CA ALA A 229 16.28 -11.96 -2.26
C ALA A 229 17.12 -13.17 -2.64
N VAL A 230 16.48 -14.34 -2.73
CA VAL A 230 17.16 -15.58 -3.08
C VAL A 230 16.43 -16.17 -4.28
N ASP A 231 17.16 -16.39 -5.37
CA ASP A 231 16.58 -16.88 -6.60
C ASP A 231 17.67 -17.57 -7.42
N ARG A 232 17.31 -18.04 -8.60
CA ARG A 232 18.25 -18.69 -9.51
C ARG A 232 18.89 -17.64 -10.39
N GLY A 233 20.19 -17.45 -10.25
CA GLY A 233 20.93 -16.54 -11.11
C GLY A 233 21.05 -15.12 -10.64
N LEU A 234 20.85 -14.86 -9.34
CA LEU A 234 20.98 -13.50 -8.83
C LEU A 234 22.46 -13.13 -8.75
N SER A 235 22.75 -11.86 -9.03
CA SER A 235 24.12 -11.37 -9.11
C SER A 235 24.23 -10.04 -8.38
N MET A 236 25.45 -9.48 -8.36
CA MET A 236 25.66 -8.17 -7.77
C MET A 236 24.89 -7.08 -8.51
N ALA A 237 24.68 -7.26 -9.81
CA ALA A 237 23.91 -6.28 -10.57
C ALA A 237 22.47 -6.21 -10.10
N HIS A 238 21.91 -7.34 -9.66
CA HIS A 238 20.55 -7.33 -9.14
C HIS A 238 20.49 -6.67 -7.77
N LEU A 239 21.54 -6.82 -6.96
CA LEU A 239 21.61 -6.09 -5.70
C LEU A 239 21.77 -4.60 -5.95
N ARG A 240 22.61 -4.22 -6.90
CA ARG A 240 22.80 -2.81 -7.23
C ARG A 240 21.52 -2.21 -7.80
N GLY A 241 20.79 -2.98 -8.61
CA GLY A 241 19.53 -2.48 -9.15
C GLY A 241 18.47 -2.28 -8.09
N THR A 242 18.48 -3.11 -7.05
CA THR A 242 17.53 -2.93 -5.96
C THR A 242 17.89 -1.74 -5.08
N LEU A 243 19.18 -1.58 -4.79
CA LEU A 243 19.61 -0.44 -3.97
C LEU A 243 19.38 0.89 -4.68
N ASP A 244 19.53 0.92 -6.00
CA ASP A 244 19.29 2.15 -6.75
C ASP A 244 17.81 2.51 -6.74
N ALA A 245 16.93 1.52 -6.90
CA ALA A 245 15.50 1.80 -6.88
C ALA A 245 15.04 2.21 -5.48
N PHE A 246 15.59 1.57 -4.44
CA PHE A 246 15.26 1.94 -3.08
C PHE A 246 15.69 3.38 -2.79
N ALA A 247 16.92 3.73 -3.18
CA ALA A 247 17.41 5.09 -2.93
C ALA A 247 16.65 6.12 -3.75
N ARG A 248 16.20 5.75 -4.95
CA ARG A 248 15.45 6.69 -5.78
C ARG A 248 14.06 6.99 -5.23
N ALA A 249 13.49 6.07 -4.44
CA ALA A 249 12.15 6.27 -3.88
C ALA A 249 12.18 7.08 -2.58
N GLU A 250 13.29 7.06 -1.85
CA GLU A 250 13.38 7.77 -0.57
C GLU A 250 14.23 9.03 -0.63
N PHE A 251 14.92 9.28 -1.75
CA PHE A 251 15.74 10.47 -1.88
C PHE A 251 15.47 11.25 -3.16
N GLY A 252 14.53 10.80 -4.00
CA GLY A 252 14.19 11.51 -5.20
C GLY A 252 14.81 10.88 -6.45
N PRO A 253 14.47 11.41 -7.62
CA PRO A 253 15.02 10.86 -8.86
C PRO A 253 16.49 11.15 -9.06
N SER A 254 17.05 12.11 -8.33
CA SER A 254 18.46 12.47 -8.45
C SER A 254 19.35 11.65 -7.54
N ALA A 255 18.86 10.51 -7.04
CA ALA A 255 19.61 9.69 -6.10
C ALA A 255 20.44 8.66 -6.85
N ARG A 256 21.76 8.76 -6.74
CA ARG A 256 22.68 7.78 -7.29
C ARG A 256 23.52 7.22 -6.16
N THR A 257 23.70 5.90 -6.15
CA THR A 257 24.38 5.21 -5.06
C THR A 257 25.82 4.88 -5.44
N ARG A 258 26.58 4.45 -4.43
CA ARG A 258 27.94 3.99 -4.62
C ARG A 258 28.22 2.88 -3.61
N ILE A 259 28.69 1.74 -4.10
CA ILE A 259 29.04 0.60 -3.25
C ILE A 259 30.55 0.48 -3.20
N ARG A 260 31.08 0.28 -1.99
CA ARG A 260 32.49 0.05 -1.76
C ARG A 260 32.66 -1.20 -0.91
N PRO A 261 33.75 -1.95 -1.10
CA PRO A 261 33.91 -3.22 -0.39
C PRO A 261 33.93 -3.03 1.12
N HIS A 262 33.39 -4.02 1.83
CA HIS A 262 33.38 -4.06 3.28
C HIS A 262 33.36 -5.52 3.71
N PHE A 263 33.04 -5.75 4.98
CA PHE A 263 32.95 -7.11 5.51
C PHE A 263 31.70 -7.26 6.36
N PHE A 264 31.04 -8.41 6.22
CA PHE A 264 29.99 -8.86 7.10
C PHE A 264 30.14 -10.37 7.12
N PRO A 265 29.98 -11.02 8.28
CA PRO A 265 30.20 -12.47 8.35
C PRO A 265 29.28 -13.28 7.46
N PHE A 266 28.14 -12.73 7.06
CA PHE A 266 27.12 -13.45 6.32
C PHE A 266 27.07 -13.10 4.85
N THR A 267 27.95 -12.23 4.37
CA THR A 267 27.96 -11.85 2.97
C THR A 267 29.37 -12.01 2.41
N GLU A 268 29.45 -12.45 1.16
CA GLU A 268 30.72 -12.60 0.46
C GLU A 268 30.44 -12.57 -1.04
N PRO A 269 30.76 -11.47 -1.73
CA PRO A 269 31.37 -10.22 -1.24
C PRO A 269 30.43 -9.39 -0.38
N SER A 270 31.00 -8.49 0.44
CA SER A 270 30.24 -7.56 1.25
C SER A 270 30.57 -6.14 0.82
N ALA A 271 29.65 -5.22 1.08
CA ALA A 271 29.82 -3.84 0.65
C ALA A 271 29.02 -2.91 1.55
N GLU A 272 29.31 -1.62 1.41
CA GLU A 272 28.57 -0.55 2.07
C GLU A 272 28.01 0.38 1.01
N VAL A 273 26.81 0.91 1.24
CA VAL A 273 26.10 1.72 0.27
C VAL A 273 26.16 3.17 0.71
N ASP A 274 26.49 4.05 -0.23
CA ASP A 274 26.44 5.50 -0.03
C ASP A 274 25.39 6.09 -0.96
N VAL A 275 24.93 7.30 -0.62
CA VAL A 275 23.87 7.95 -1.37
C VAL A 275 24.30 9.36 -1.75
N TRP A 276 23.56 9.94 -2.68
CA TRP A 276 23.86 11.28 -3.20
C TRP A 276 22.62 11.78 -3.95
N PHE A 277 21.90 12.72 -3.36
CA PHE A 277 20.75 13.33 -4.00
C PHE A 277 20.98 14.83 -4.16
N ALA A 278 20.09 15.48 -4.90
CA ALA A 278 20.29 16.88 -5.27
C ALA A 278 20.03 17.80 -4.08
N ASN A 279 19.01 17.51 -3.28
CA ASN A 279 18.64 18.36 -2.15
C ASN A 279 19.35 17.93 -0.87
N LYS A 280 20.68 17.81 -0.94
CA LYS A 280 21.46 17.42 0.22
C LYS A 280 21.44 18.53 1.27
N ILE A 281 21.04 18.18 2.50
CA ILE A 281 20.97 19.17 3.57
C ILE A 281 22.36 19.64 3.97
N GLY A 282 23.32 18.71 4.01
CA GLY A 282 24.68 19.05 4.40
C GLY A 282 25.67 19.02 3.25
N GLY A 283 25.27 19.52 2.09
CA GLY A 283 26.14 19.54 0.93
C GLY A 283 26.22 18.20 0.22
N ALA A 284 26.30 18.24 -1.11
CA ALA A 284 26.31 17.02 -1.91
C ALA A 284 27.61 16.25 -1.68
N ALA A 285 27.50 15.10 -1.02
CA ALA A 285 28.67 14.26 -0.75
C ALA A 285 28.18 12.84 -0.49
N TRP A 286 29.14 11.93 -0.37
CA TRP A 286 28.85 10.52 -0.12
C TRP A 286 28.70 10.29 1.38
N VAL A 287 27.52 9.85 1.81
CA VAL A 287 27.28 9.50 3.20
C VAL A 287 26.84 8.04 3.26
N GLU A 288 27.22 7.38 4.36
CA GLU A 288 26.95 5.96 4.49
C GLU A 288 25.48 5.71 4.76
N TRP A 289 24.90 4.74 4.04
CA TRP A 289 23.50 4.38 4.17
C TRP A 289 23.32 3.05 4.89
N GLY A 290 23.90 1.98 4.37
CA GLY A 290 23.78 0.68 5.00
C GLY A 290 24.69 -0.32 4.34
N GLY A 291 24.67 -1.55 4.87
CA GLY A 291 25.46 -2.63 4.34
C GLY A 291 24.68 -3.51 3.39
N CYS A 292 25.41 -4.25 2.56
CA CYS A 292 24.79 -5.10 1.55
C CYS A 292 25.79 -6.17 1.14
N GLY A 293 25.40 -6.98 0.15
CA GLY A 293 26.25 -8.05 -0.35
C GLY A 293 25.48 -9.31 -0.69
N MET A 294 26.16 -10.29 -1.29
CA MET A 294 25.53 -11.55 -1.62
C MET A 294 25.51 -12.48 -0.41
N VAL A 295 24.42 -13.23 -0.28
CA VAL A 295 24.29 -14.16 0.84
C VAL A 295 25.43 -15.17 0.80
N HIS A 296 26.10 -15.34 1.92
CA HIS A 296 27.22 -16.27 1.99
C HIS A 296 26.72 -17.69 1.74
N PRO A 297 27.44 -18.48 0.94
CA PRO A 297 26.99 -19.86 0.68
C PRO A 297 26.89 -20.71 1.93
N ASN A 298 27.64 -20.39 2.98
CA ASN A 298 27.49 -21.11 4.24
C ASN A 298 26.12 -20.85 4.86
N VAL A 299 25.58 -19.65 4.67
CA VAL A 299 24.23 -19.36 5.16
C VAL A 299 23.19 -20.18 4.40
N LEU A 300 23.38 -20.33 3.08
CA LEU A 300 22.46 -21.13 2.29
C LEU A 300 22.53 -22.60 2.69
N ARG A 301 23.73 -23.09 3.00
CA ARG A 301 23.87 -24.47 3.45
C ARG A 301 23.23 -24.68 4.82
N ALA A 302 23.25 -23.66 5.68
CA ALA A 302 22.63 -23.75 6.99
C ALA A 302 21.12 -23.66 6.93
N THR A 303 20.54 -23.42 5.76
CA THR A 303 19.10 -23.35 5.59
C THR A 303 18.56 -24.40 4.62
N GLY A 304 19.41 -25.25 4.06
CA GLY A 304 18.98 -26.28 3.15
C GLY A 304 18.89 -25.87 1.70
N ILE A 305 19.60 -24.83 1.29
CA ILE A 305 19.57 -24.32 -0.08
C ILE A 305 20.90 -24.67 -0.73
N ASP A 306 20.84 -25.20 -1.95
CA ASP A 306 22.02 -25.54 -2.73
C ASP A 306 22.64 -24.27 -3.31
N PRO A 307 23.83 -23.88 -2.86
CA PRO A 307 24.46 -22.66 -3.41
C PRO A 307 24.88 -22.79 -4.87
N ASP A 308 24.90 -24.00 -5.42
CA ASP A 308 25.23 -24.18 -6.83
C ASP A 308 24.04 -23.86 -7.75
N LEU A 309 22.82 -23.93 -7.22
CA LEU A 309 21.63 -23.60 -7.99
C LEU A 309 21.07 -22.22 -7.68
N TYR A 310 21.07 -21.83 -6.40
CA TYR A 310 20.48 -20.58 -5.96
C TYR A 310 21.53 -19.62 -5.44
N SER A 311 21.43 -18.36 -5.82
CA SER A 311 22.24 -17.28 -5.28
C SER A 311 21.31 -16.19 -4.77
N GLY A 312 21.86 -15.30 -3.96
CA GLY A 312 21.05 -14.24 -3.39
C GLY A 312 21.88 -13.12 -2.82
N PHE A 313 21.24 -11.96 -2.69
CA PHE A 313 21.84 -10.76 -2.12
C PHE A 313 21.02 -10.30 -0.93
N ALA A 314 21.50 -9.23 -0.28
CA ALA A 314 20.87 -8.73 0.93
C ALA A 314 21.32 -7.30 1.18
N PHE A 315 20.64 -6.64 2.11
CA PHE A 315 20.99 -5.30 2.53
C PHE A 315 20.34 -5.01 3.88
N GLY A 316 20.81 -3.96 4.53
CA GLY A 316 20.28 -3.55 5.81
C GLY A 316 20.58 -2.10 6.12
N MET A 317 19.52 -1.29 6.28
CA MET A 317 19.67 0.14 6.52
C MET A 317 18.85 0.54 7.74
N GLY A 318 19.39 1.49 8.50
CA GLY A 318 18.68 1.98 9.67
C GLY A 318 17.67 3.05 9.28
N LEU A 319 16.43 2.88 9.75
CA LEU A 319 15.41 3.89 9.49
C LEU A 319 15.73 5.19 10.21
N GLU A 320 16.26 5.10 11.42
CA GLU A 320 16.60 6.29 12.18
C GLU A 320 17.72 7.08 11.50
N ARG A 321 18.70 6.38 10.92
CA ARG A 321 19.76 7.07 10.20
C ARG A 321 19.26 7.66 8.89
N THR A 322 18.37 6.93 8.19
CA THR A 322 17.83 7.42 6.94
C THR A 322 17.01 8.70 7.15
N LEU A 323 16.21 8.73 8.22
CA LEU A 323 15.37 9.89 8.47
C LEU A 323 16.19 11.14 8.78
N GLN A 324 17.39 10.96 9.33
CA GLN A 324 18.19 12.13 9.74
C GLN A 324 18.66 12.93 8.53
N PHE A 325 19.50 12.32 7.68
CA PHE A 325 20.07 13.08 6.59
C PHE A 325 19.11 13.33 5.43
N ARG A 326 17.94 12.67 5.42
CA ARG A 326 16.94 12.98 4.41
C ARG A 326 16.21 14.28 4.74
N ASN A 327 15.78 14.42 6.00
CA ASN A 327 15.06 15.62 6.43
C ASN A 327 15.95 16.67 7.07
N GLY A 328 17.18 16.31 7.46
CA GLY A 328 18.04 17.24 8.15
C GLY A 328 17.74 17.38 9.63
N ILE A 329 17.36 16.29 10.29
CA ILE A 329 16.99 16.36 11.70
C ILE A 329 18.25 16.55 12.54
N PRO A 330 18.26 17.48 13.49
CA PRO A 330 19.48 17.74 14.27
C PRO A 330 19.77 16.68 15.33
N ASP A 331 18.82 16.47 16.23
CA ASP A 331 19.04 15.61 17.39
C ASP A 331 18.25 14.31 17.22
N MET A 332 18.98 13.19 17.17
CA MET A 332 18.34 11.87 17.15
C MET A 332 17.62 11.57 18.45
N ARG A 333 18.01 12.20 19.55
CA ARG A 333 17.30 12.01 20.82
C ARG A 333 15.84 12.40 20.70
N ASP A 334 15.55 13.46 19.94
CA ASP A 334 14.17 13.88 19.74
C ASP A 334 13.38 12.90 18.89
N MET A 335 14.07 12.04 18.12
CA MET A 335 13.40 11.04 17.31
C MET A 335 12.86 9.88 18.12
N VAL A 336 13.31 9.71 19.37
CA VAL A 336 13.01 8.51 20.14
C VAL A 336 12.41 8.88 21.49
N GLU A 337 12.72 10.08 21.99
CA GLU A 337 12.29 10.45 23.34
C GLU A 337 10.77 10.59 23.46
N GLY A 338 10.07 10.78 22.36
CA GLY A 338 8.62 10.79 22.38
C GLY A 338 7.97 12.11 22.68
N ASP A 339 8.69 13.22 22.53
CA ASP A 339 8.08 14.54 22.72
C ASP A 339 7.11 14.82 21.57
N VAL A 340 5.91 15.29 21.90
CA VAL A 340 4.93 15.60 20.88
C VAL A 340 5.38 16.74 19.98
N ARG A 341 6.32 17.57 20.45
CA ARG A 341 6.84 18.64 19.62
C ARG A 341 7.61 18.13 18.42
N PHE A 342 8.01 16.86 18.43
CA PHE A 342 8.72 16.28 17.29
C PHE A 342 7.77 15.61 16.30
N SER A 343 6.70 14.98 16.79
CA SER A 343 5.80 14.25 15.90
C SER A 343 4.77 15.15 15.25
N LEU A 344 4.28 16.15 15.98
CA LEU A 344 3.21 17.00 15.45
C LEU A 344 3.56 17.73 14.15
N PRO A 345 4.76 18.29 13.97
CA PRO A 345 5.04 18.98 12.70
C PRO A 345 4.94 18.09 11.47
N PHE A 346 4.97 16.76 11.64
CA PHE A 346 4.88 15.86 10.50
C PHE A 346 3.45 15.62 10.04
N GLY A 347 2.46 16.16 10.75
CA GLY A 347 1.07 16.00 10.35
C GLY A 347 0.48 14.69 10.81
N VAL A 348 -0.78 14.48 10.41
CA VAL A 348 -1.50 13.27 10.82
C VAL A 348 -0.84 12.04 10.22
N GLY A 349 -0.67 12.02 8.90
CA GLY A 349 -0.04 10.90 8.24
C GLY A 349 -1.01 9.77 7.94
N ALA A 350 -0.89 9.17 6.76
CA ALA A 350 -1.76 8.08 6.36
C ALA A 350 -1.11 7.22 5.27
N SER B 2 40.17 -1.27 18.67
CA SER B 2 40.39 -2.72 18.60
C SER B 2 40.77 -3.14 17.19
N ASN B 3 40.31 -2.38 16.20
CA ASN B 3 40.59 -2.66 14.80
C ASN B 3 41.28 -1.48 14.11
N ALA B 4 41.92 -0.61 14.87
CA ALA B 4 42.57 0.56 14.32
C ALA B 4 43.94 0.21 13.74
N MET B 5 44.39 1.03 12.80
CA MET B 5 45.71 0.85 12.21
C MET B 5 46.26 2.23 11.86
N ARG B 6 47.21 2.70 12.66
CA ARG B 6 47.87 3.99 12.44
C ARG B 6 49.20 3.77 11.73
N LEU B 7 49.47 4.59 10.71
CA LEU B 7 50.74 4.52 10.02
C LEU B 7 50.95 5.81 9.24
N PRO B 8 52.17 6.32 9.16
CA PRO B 8 52.42 7.50 8.33
C PRO B 8 52.57 7.13 6.86
N TYR B 9 52.23 8.09 6.00
CA TYR B 9 52.28 7.84 4.56
C TYR B 9 53.72 7.64 4.08
N SER B 10 54.69 8.31 4.71
CA SER B 10 56.09 8.17 4.28
C SER B 10 56.56 6.73 4.42
N TRP B 11 56.24 6.09 5.54
CA TRP B 11 56.61 4.69 5.71
C TRP B 11 55.87 3.79 4.73
N LEU B 12 54.57 4.04 4.55
CA LEU B 12 53.79 3.25 3.60
C LEU B 12 54.30 3.44 2.19
N ARG B 13 54.62 4.68 1.81
CA ARG B 13 55.15 4.95 0.48
C ARG B 13 56.51 4.29 0.28
N GLU B 14 57.32 4.23 1.35
CA GLU B 14 58.66 3.67 1.22
C GLU B 14 58.62 2.18 0.88
N VAL B 15 57.75 1.43 1.56
CA VAL B 15 57.66 0.00 1.31
C VAL B 15 57.12 -0.27 -0.09
N VAL B 16 56.15 0.54 -0.53
CA VAL B 16 55.64 0.38 -1.89
C VAL B 16 56.70 0.75 -2.92
N ALA B 17 57.50 1.78 -2.62
CA ALA B 17 58.46 2.29 -3.59
C ALA B 17 59.60 1.32 -3.88
N VAL B 18 59.79 0.31 -3.04
CA VAL B 18 60.85 -0.67 -3.28
C VAL B 18 60.61 -1.42 -4.58
N GLY B 19 59.36 -1.85 -4.79
CA GLY B 19 59.02 -2.56 -6.01
C GLY B 19 58.57 -1.64 -7.14
N ALA B 20 58.16 -0.43 -6.79
CA ALA B 20 57.69 0.57 -7.76
C ALA B 20 58.40 1.88 -7.44
N SER B 21 59.60 2.05 -7.98
CA SER B 21 60.39 3.24 -7.69
C SER B 21 59.69 4.49 -8.20
N GLY B 22 59.66 5.52 -7.36
CA GLY B 22 59.04 6.78 -7.71
C GLY B 22 57.56 6.85 -7.49
N TRP B 23 56.95 5.83 -6.88
CA TRP B 23 55.51 5.85 -6.63
C TRP B 23 55.18 6.89 -5.58
N ASP B 24 54.21 7.76 -5.89
CA ASP B 24 53.81 8.82 -4.98
C ASP B 24 52.43 9.30 -5.39
N VAL B 25 51.53 9.42 -4.40
CA VAL B 25 50.18 9.90 -4.63
C VAL B 25 49.81 10.90 -3.53
N THR B 26 48.84 11.75 -3.85
CA THR B 26 48.34 12.69 -2.86
C THR B 26 47.56 11.96 -1.77
N PRO B 27 47.49 12.52 -0.57
CA PRO B 27 46.70 11.87 0.49
C PRO B 27 45.23 11.74 0.14
N GLY B 28 44.69 12.66 -0.67
CA GLY B 28 43.30 12.54 -1.08
C GLY B 28 43.05 11.37 -2.01
N GLU B 29 43.96 11.17 -2.98
CA GLU B 29 43.81 10.04 -3.89
C GLU B 29 44.03 8.72 -3.17
N LEU B 30 44.99 8.68 -2.24
CA LEU B 30 45.24 7.45 -1.49
C LEU B 30 44.03 7.04 -0.66
N GLU B 31 43.34 8.02 -0.07
CA GLU B 31 42.14 7.70 0.70
C GLU B 31 41.06 7.11 -0.18
N GLN B 32 40.91 7.62 -1.40
CA GLN B 32 39.91 7.07 -2.32
C GLN B 32 40.26 5.66 -2.74
N THR B 33 41.55 5.37 -2.94
CA THR B 33 41.96 4.04 -3.34
C THR B 33 41.77 3.03 -2.21
N LEU B 34 42.16 3.40 -0.98
CA LEU B 34 41.93 2.52 0.16
C LEU B 34 40.45 2.24 0.35
N LEU B 35 39.60 3.26 0.16
CA LEU B 35 38.16 3.06 0.28
C LEU B 35 37.64 2.19 -0.85
N ARG B 36 38.20 2.32 -2.05
CA ARG B 36 37.71 1.58 -3.21
C ARG B 36 38.01 0.10 -3.11
N ILE B 37 39.00 -0.32 -2.32
CA ILE B 37 39.32 -1.73 -2.16
C ILE B 37 38.85 -2.29 -0.83
N GLY B 38 38.26 -1.46 0.04
CA GLY B 38 37.61 -1.96 1.24
C GLY B 38 38.34 -1.68 2.54
N HIS B 39 39.09 -0.59 2.61
CA HIS B 39 39.79 -0.20 3.83
C HIS B 39 39.24 1.13 4.31
N GLU B 40 38.43 1.07 5.37
CA GLU B 40 37.81 2.28 5.90
C GLU B 40 38.85 3.22 6.47
N VAL B 41 38.92 4.44 5.93
CA VAL B 41 39.85 5.46 6.40
C VAL B 41 39.11 6.36 7.37
N GLU B 42 39.40 6.19 8.66
CA GLU B 42 38.68 6.96 9.68
C GLU B 42 39.17 8.41 9.76
N GLU B 43 40.45 8.64 9.51
CA GLU B 43 40.98 9.99 9.63
C GLU B 43 42.24 10.12 8.78
N VAL B 44 42.49 11.35 8.31
CA VAL B 44 43.69 11.69 7.56
C VAL B 44 44.21 12.98 8.17
N ILE B 45 45.27 12.88 8.97
CA ILE B 45 45.80 14.01 9.73
C ILE B 45 47.20 14.34 9.23
N PRO B 46 47.42 15.51 8.64
CA PRO B 46 48.79 15.91 8.30
C PRO B 46 49.50 16.51 9.50
N LEU B 47 50.82 16.38 9.49
CA LEU B 47 51.63 16.93 10.57
C LEU B 47 51.84 18.42 10.38
N GLY B 48 52.02 19.12 11.50
CA GLY B 48 52.21 20.55 11.48
C GLY B 48 50.95 21.28 11.10
N PRO B 49 51.07 22.26 10.19
CA PRO B 49 52.29 22.72 9.54
C PRO B 49 52.97 23.84 10.30
N VAL B 50 54.28 24.03 10.12
CA VAL B 50 55.01 25.12 10.73
C VAL B 50 55.61 25.98 9.64
N ASP B 51 55.90 27.23 9.99
CA ASP B 51 56.53 28.17 9.07
C ASP B 51 57.51 29.03 9.85
N GLY B 52 58.46 29.60 9.12
CA GLY B 52 59.46 30.46 9.71
C GLY B 52 60.57 29.67 10.39
N PRO B 53 61.26 30.30 11.33
CA PRO B 53 62.42 29.65 11.96
C PRO B 53 62.03 28.68 13.06
N VAL B 54 61.84 27.41 12.70
CA VAL B 54 61.65 26.33 13.65
C VAL B 54 62.83 25.38 13.46
N THR B 55 63.80 25.43 14.37
CA THR B 55 65.08 24.76 14.19
C THR B 55 65.39 23.85 15.36
N VAL B 56 66.31 22.93 15.12
CA VAL B 56 66.79 22.03 16.17
C VAL B 56 67.82 22.76 17.01
N GLY B 57 67.68 22.66 18.34
CA GLY B 57 68.60 23.30 19.25
C GLY B 57 69.07 22.34 20.33
N ARG B 58 70.12 22.76 21.03
CA ARG B 58 70.68 22.00 22.13
C ARG B 58 70.71 22.87 23.38
N VAL B 59 70.12 22.37 24.46
CA VAL B 59 70.10 23.11 25.72
C VAL B 59 71.51 23.09 26.30
N ALA B 60 72.20 24.23 26.25
CA ALA B 60 73.56 24.32 26.74
C ALA B 60 73.65 24.76 28.20
N ASP B 61 72.60 25.38 28.73
CA ASP B 61 72.59 25.83 30.12
C ASP B 61 71.16 25.92 30.60
N ILE B 62 70.99 25.82 31.91
CA ILE B 62 69.67 25.89 32.55
C ILE B 62 69.82 26.68 33.84
N GLU B 63 69.04 27.76 33.97
CA GLU B 63 69.00 28.55 35.19
C GLU B 63 67.59 28.45 35.79
N GLU B 64 67.53 28.04 37.05
CA GLU B 64 66.25 27.87 37.74
C GLU B 64 65.76 29.23 38.23
N LEU B 65 64.67 29.71 37.66
CA LEU B 65 64.08 31.00 38.05
C LEU B 65 63.20 30.76 39.28
N THR B 66 63.72 31.12 40.45
CA THR B 66 63.01 30.88 41.70
C THR B 66 62.02 32.01 41.99
N GLY B 67 61.02 31.68 42.80
CA GLY B 67 60.04 32.67 43.22
C GLY B 67 58.77 32.66 42.40
N TYR B 68 58.31 31.48 42.01
CA TYR B 68 57.08 31.33 41.23
C TYR B 68 56.37 30.06 41.68
N LYS B 69 55.27 29.75 40.99
CA LYS B 69 54.46 28.59 41.36
C LYS B 69 55.14 27.28 40.94
N LYS B 70 55.50 27.17 39.67
CA LYS B 70 56.14 25.98 39.13
C LYS B 70 57.60 26.25 38.80
N PRO B 71 58.42 25.21 38.71
CA PRO B 71 59.83 25.40 38.30
C PRO B 71 59.95 26.02 36.92
N ILE B 72 60.40 27.28 36.86
CA ILE B 72 60.60 27.99 35.60
C ILE B 72 62.09 27.99 35.29
N ARG B 73 62.42 27.66 34.04
CA ARG B 73 63.81 27.51 33.63
C ARG B 73 64.16 28.55 32.57
N ALA B 74 65.28 29.24 32.78
CA ALA B 74 65.86 30.13 31.77
C ALA B 74 67.01 29.38 31.12
N CYS B 75 66.84 29.00 29.86
CA CYS B 75 67.76 28.12 29.17
C CYS B 75 68.53 28.87 28.08
N ALA B 76 69.82 28.56 27.96
CA ALA B 76 70.64 29.03 26.87
C ALA B 76 70.69 27.93 25.81
N VAL B 77 70.08 28.18 24.66
CA VAL B 77 69.89 27.18 23.62
C VAL B 77 70.83 27.48 22.46
N ASP B 78 71.58 26.46 22.03
CA ASP B 78 72.46 26.57 20.88
C ASP B 78 71.67 26.21 19.63
N ILE B 79 71.46 27.18 18.76
CA ILE B 79 70.67 26.99 17.54
C ILE B 79 71.56 26.91 16.30
N GLY B 80 72.86 26.68 16.49
CA GLY B 80 73.76 26.42 15.38
C GLY B 80 74.68 27.56 15.01
N ASP B 81 74.46 28.77 15.51
CA ASP B 81 75.33 29.89 15.22
C ASP B 81 76.19 30.23 16.43
N ARG B 82 76.78 31.42 16.43
CA ARG B 82 77.70 31.84 17.48
C ARG B 82 77.03 32.60 18.61
N GLN B 83 75.72 32.85 18.53
CA GLN B 83 75.00 33.57 19.56
C GLN B 83 73.91 32.65 20.12
N TYR B 84 74.10 32.22 21.36
CA TYR B 84 73.12 31.34 22.00
C TYR B 84 71.87 32.12 22.38
N ARG B 85 70.71 31.49 22.16
CA ARG B 85 69.44 32.13 22.45
C ARG B 85 69.03 31.85 23.89
N GLU B 86 68.45 32.87 24.54
CA GLU B 86 67.97 32.76 25.90
C GLU B 86 66.47 32.49 25.85
N ILE B 87 66.09 31.27 26.23
CA ILE B 87 64.71 30.79 26.10
C ILE B 87 64.16 30.52 27.49
N ILE B 88 62.93 30.96 27.73
CA ILE B 88 62.21 30.67 28.98
C ILE B 88 61.27 29.50 28.73
N CYS B 89 61.29 28.51 29.64
CA CYS B 89 60.47 27.32 29.47
C CYS B 89 59.97 26.85 30.84
N GLY B 90 58.76 26.32 30.87
CA GLY B 90 58.19 25.80 32.09
C GLY B 90 58.25 24.30 32.25
N ALA B 91 58.75 23.58 31.25
CA ALA B 91 58.86 22.13 31.33
C ALA B 91 60.09 21.73 32.13
N THR B 92 60.04 20.51 32.67
CA THR B 92 61.15 19.97 33.46
C THR B 92 61.63 18.62 32.94
N ASN B 93 61.21 18.21 31.74
CA ASN B 93 61.55 16.91 31.19
C ASN B 93 62.79 16.95 30.30
N PHE B 94 63.73 17.85 30.57
CA PHE B 94 64.95 17.93 29.77
C PHE B 94 66.10 18.35 30.67
N ALA B 95 67.31 18.04 30.21
CA ALA B 95 68.54 18.36 30.93
C ALA B 95 69.51 19.05 29.98
N VAL B 96 70.65 19.47 30.53
CA VAL B 96 71.67 20.14 29.73
C VAL B 96 72.26 19.14 28.74
N GLY B 97 72.42 19.57 27.49
CA GLY B 97 72.92 18.72 26.44
C GLY B 97 71.87 18.03 25.61
N ASP B 98 70.59 18.23 25.93
CA ASP B 98 69.52 17.58 25.20
C ASP B 98 69.19 18.35 23.92
N LEU B 99 68.80 17.60 22.89
CA LEU B 99 68.35 18.19 21.63
C LEU B 99 66.86 18.48 21.72
N VAL B 100 66.49 19.72 21.39
CA VAL B 100 65.09 20.16 21.42
C VAL B 100 64.78 20.86 20.11
N VAL B 101 63.51 21.21 19.94
CA VAL B 101 63.02 21.94 18.78
C VAL B 101 62.58 23.32 19.25
N VAL B 102 63.16 24.36 18.65
CA VAL B 102 62.95 25.74 19.08
C VAL B 102 62.17 26.48 18.00
N ALA B 103 61.13 27.20 18.42
CA ALA B 103 60.37 28.09 17.54
C ALA B 103 60.83 29.51 17.83
N LEU B 104 61.57 30.10 16.89
CA LEU B 104 62.14 31.42 17.08
C LEU B 104 61.13 32.51 16.73
N PRO B 105 61.37 33.74 17.17
CA PRO B 105 60.47 34.85 16.78
C PRO B 105 60.34 34.96 15.28
N GLY B 106 59.10 35.00 14.81
CA GLY B 106 58.79 34.96 13.39
C GLY B 106 58.19 33.64 12.94
N ALA B 107 58.28 32.59 13.75
CA ALA B 107 57.72 31.30 13.39
C ALA B 107 56.22 31.29 13.60
N THR B 108 55.55 30.34 12.94
CA THR B 108 54.11 30.16 13.05
C THR B 108 53.83 28.69 13.28
N LEU B 109 53.40 28.35 14.49
CA LEU B 109 53.06 26.98 14.83
C LEU B 109 51.65 26.64 14.37
N PRO B 110 51.32 25.36 14.26
CA PRO B 110 49.96 24.98 13.84
C PRO B 110 48.91 25.58 14.78
N GLY B 111 47.84 26.08 14.19
CA GLY B 111 46.84 26.82 14.92
C GLY B 111 46.91 28.32 14.77
N GLY B 112 47.70 28.82 13.83
CA GLY B 112 47.81 30.26 13.62
C GLY B 112 48.50 31.02 14.73
N PHE B 113 49.34 30.35 15.50
CA PHE B 113 50.03 30.98 16.63
C PHE B 113 51.38 31.52 16.15
N THR B 114 51.47 32.85 16.05
CA THR B 114 52.71 33.49 15.65
C THR B 114 53.60 33.70 16.86
N ILE B 115 54.87 33.33 16.72
CA ILE B 115 55.82 33.38 17.83
C ILE B 115 56.56 34.71 17.79
N SER B 116 56.77 35.30 18.97
CA SER B 116 57.51 36.54 19.09
C SER B 116 58.13 36.59 20.48
N ALA B 117 59.09 37.50 20.64
CA ALA B 117 59.76 37.66 21.92
C ALA B 117 58.82 38.31 22.94
N ARG B 118 58.91 37.87 24.19
CA ARG B 118 58.06 38.36 25.26
C ARG B 118 58.92 38.70 26.47
N LYS B 119 58.31 39.38 27.43
CA LYS B 119 58.95 39.72 28.70
C LYS B 119 58.32 38.88 29.81
N ALA B 120 58.70 37.60 29.83
CA ALA B 120 58.13 36.63 30.74
C ALA B 120 59.06 36.38 31.91
N TYR B 121 58.51 36.43 33.12
CA TYR B 121 59.24 36.11 34.36
C TYR B 121 60.47 37.00 34.53
N GLY B 122 60.30 38.30 34.24
CA GLY B 122 61.37 39.26 34.40
C GLY B 122 62.48 39.18 33.37
N ARG B 123 62.49 38.16 32.51
CA ARG B 123 63.50 37.99 31.48
C ARG B 123 62.83 38.02 30.11
N ASN B 124 63.66 37.93 29.06
CA ASN B 124 63.18 37.89 27.69
C ASN B 124 63.25 36.47 27.16
N SER B 125 62.26 36.12 26.34
CA SER B 125 62.17 34.80 25.73
C SER B 125 62.31 34.96 24.22
N ASP B 126 63.51 34.66 23.70
CA ASP B 126 63.78 34.76 22.27
C ASP B 126 63.26 33.55 21.53
N GLY B 127 62.02 33.15 21.81
CA GLY B 127 61.39 32.01 21.21
C GLY B 127 60.85 31.09 22.29
N MET B 128 60.70 29.81 21.93
CA MET B 128 60.14 28.83 22.85
C MET B 128 60.63 27.44 22.47
N ILE B 129 60.76 26.59 23.48
CA ILE B 129 61.03 25.17 23.29
C ILE B 129 59.70 24.46 23.11
N CYS B 130 59.54 23.76 21.99
CA CYS B 130 58.25 23.25 21.58
C CYS B 130 58.01 21.83 22.09
N SER B 131 56.74 21.52 22.32
CA SER B 131 56.30 20.17 22.65
C SER B 131 55.74 19.49 21.41
N ALA B 132 55.49 18.19 21.53
CA ALA B 132 54.97 17.42 20.40
C ALA B 132 53.58 17.89 20.01
N ALA B 133 52.77 18.29 21.01
CA ALA B 133 51.41 18.75 20.70
C ALA B 133 51.42 20.10 20.02
N GLU B 134 52.32 21.00 20.44
CA GLU B 134 52.38 22.33 19.84
C GLU B 134 52.86 22.29 18.39
N LEU B 135 53.60 21.26 18.01
CA LEU B 135 54.09 21.11 16.64
C LEU B 135 53.19 20.24 15.78
N ASN B 136 52.05 19.78 16.33
CA ASN B 136 51.17 18.84 15.64
C ASN B 136 51.92 17.59 15.21
N LEU B 137 52.80 17.10 16.08
CA LEU B 137 53.54 15.86 15.86
C LEU B 137 53.01 14.71 16.69
N GLY B 138 52.67 14.95 17.95
CA GLY B 138 52.11 13.93 18.80
C GLY B 138 51.14 14.52 19.81
N ALA B 139 50.74 13.73 20.81
CA ALA B 139 49.79 14.17 21.82
C ALA B 139 50.45 14.64 23.10
N ASP B 140 51.77 14.50 23.24
CA ASP B 140 52.44 14.85 24.47
C ASP B 140 52.41 16.37 24.67
N HIS B 141 51.86 16.81 25.80
CA HIS B 141 51.86 18.22 26.16
C HIS B 141 52.39 18.48 27.57
N SER B 142 52.70 17.43 28.34
CA SER B 142 53.24 17.63 29.69
C SER B 142 54.60 18.31 29.63
N GLY B 143 55.55 17.72 28.91
CA GLY B 143 56.86 18.29 28.71
C GLY B 143 57.12 18.61 27.26
N ILE B 144 58.32 19.13 27.01
CA ILE B 144 58.73 19.49 25.65
C ILE B 144 59.29 18.26 24.95
N LEU B 145 59.51 18.37 23.64
CA LEU B 145 60.01 17.24 22.87
C LEU B 145 61.53 17.19 22.95
N VAL B 146 62.06 16.01 23.28
CA VAL B 146 63.50 15.78 23.39
C VAL B 146 63.88 14.76 22.32
N LEU B 147 64.60 15.21 21.30
CA LEU B 147 65.08 14.29 20.28
C LEU B 147 66.23 13.45 20.85
N PRO B 148 66.35 12.20 20.41
CA PRO B 148 67.44 11.37 20.91
C PRO B 148 68.78 11.89 20.45
N PRO B 149 69.85 11.64 21.21
CA PRO B 149 71.18 12.13 20.79
C PRO B 149 71.57 11.57 19.43
N GLY B 150 72.16 12.44 18.61
CA GLY B 150 72.51 12.08 17.26
C GLY B 150 71.39 12.21 16.25
N ALA B 151 70.23 12.74 16.65
CA ALA B 151 69.14 12.91 15.70
C ALA B 151 69.47 13.96 14.65
N ALA B 152 70.13 15.04 15.06
CA ALA B 152 70.52 16.11 14.15
C ALA B 152 71.51 17.01 14.88
N GLU B 153 72.16 17.87 14.11
CA GLU B 153 73.04 18.88 14.68
C GLU B 153 72.26 20.15 14.96
N PRO B 154 72.68 20.95 15.94
CA PRO B 154 71.99 22.23 16.20
C PRO B 154 72.01 23.12 14.97
N GLY B 155 70.83 23.61 14.60
CA GLY B 155 70.67 24.45 13.42
C GLY B 155 69.92 23.77 12.29
N ALA B 156 69.67 22.46 12.38
CA ALA B 156 68.95 21.76 11.33
C ALA B 156 67.49 22.21 11.28
N ASP B 157 66.91 22.11 10.10
CA ASP B 157 65.52 22.51 9.91
C ASP B 157 64.60 21.60 10.71
N GLY B 158 63.81 22.20 11.62
CA GLY B 158 62.95 21.41 12.47
C GLY B 158 61.90 20.62 11.70
N ALA B 159 61.30 21.26 10.70
CA ALA B 159 60.28 20.57 9.90
C ALA B 159 60.85 19.36 9.16
N GLY B 160 62.12 19.44 8.74
CA GLY B 160 62.71 18.30 8.04
C GLY B 160 63.10 17.18 8.98
N VAL B 161 63.70 17.53 10.12
CA VAL B 161 64.11 16.52 11.09
C VAL B 161 62.91 15.77 11.63
N LEU B 162 61.84 16.51 11.96
CA LEU B 162 60.62 15.87 12.43
C LEU B 162 59.80 15.27 11.30
N GLY B 163 60.06 15.66 10.05
CA GLY B 163 59.29 15.18 8.92
C GLY B 163 57.84 15.62 8.99
N LEU B 164 57.63 16.93 9.12
CA LEU B 164 56.30 17.48 9.32
C LEU B 164 55.45 17.54 8.05
N ASP B 165 56.02 17.20 6.89
CA ASP B 165 55.23 17.08 5.68
C ASP B 165 54.51 15.74 5.56
N ASP B 166 54.71 14.85 6.53
CA ASP B 166 54.10 13.53 6.51
C ASP B 166 52.60 13.64 6.79
N VAL B 167 51.91 12.53 6.55
CA VAL B 167 50.47 12.43 6.81
C VAL B 167 50.20 11.06 7.42
N VAL B 168 49.61 11.02 8.60
CA VAL B 168 49.26 9.77 9.26
C VAL B 168 47.86 9.36 8.84
N PHE B 169 47.66 8.06 8.66
CA PHE B 169 46.40 7.51 8.20
C PHE B 169 45.80 6.64 9.31
N HIS B 170 44.57 6.96 9.72
CA HIS B 170 43.86 6.20 10.74
C HIS B 170 42.89 5.25 10.04
N LEU B 171 43.23 3.96 10.05
CA LEU B 171 42.47 2.94 9.33
C LEU B 171 41.67 2.10 10.32
N ALA B 172 40.53 1.59 9.84
CA ALA B 172 39.68 0.67 10.60
C ALA B 172 39.64 -0.64 9.83
N ILE B 173 40.47 -1.59 10.26
CA ILE B 173 40.64 -2.84 9.52
C ILE B 173 39.53 -3.81 9.90
N THR B 174 38.87 -4.37 8.89
CA THR B 174 37.85 -5.37 9.13
C THR B 174 38.48 -6.64 9.70
N PRO B 175 37.75 -7.41 10.51
CA PRO B 175 38.35 -8.59 11.15
C PRO B 175 38.73 -9.71 10.20
N ASP B 176 38.38 -9.62 8.92
CA ASP B 176 38.74 -10.64 7.95
C ASP B 176 40.05 -10.32 7.23
N ARG B 177 40.66 -9.17 7.49
CA ARG B 177 41.91 -8.79 6.85
C ARG B 177 42.99 -8.49 7.87
N GLY B 178 43.27 -9.46 8.75
CA GLY B 178 44.30 -9.26 9.75
C GLY B 178 45.67 -9.02 9.17
N TYR B 179 45.90 -9.50 7.94
CA TYR B 179 47.17 -9.25 7.26
C TYR B 179 47.39 -7.78 6.95
N CYS B 180 46.34 -6.97 7.01
CA CYS B 180 46.44 -5.55 6.72
C CYS B 180 46.77 -4.72 7.95
N MET B 181 47.00 -5.35 9.10
CA MET B 181 47.45 -4.64 10.29
C MET B 181 48.97 -4.51 10.34
N SER B 182 49.57 -4.19 9.18
CA SER B 182 51.00 -3.97 9.07
C SER B 182 51.24 -3.12 7.83
N VAL B 183 52.45 -2.57 7.74
CA VAL B 183 52.84 -1.89 6.51
C VAL B 183 52.97 -2.88 5.37
N ARG B 184 53.34 -4.13 5.70
CA ARG B 184 53.51 -5.15 4.66
C ARG B 184 52.20 -5.43 3.94
N GLY B 185 51.12 -5.64 4.70
CA GLY B 185 49.84 -5.94 4.07
C GLY B 185 49.25 -4.76 3.33
N LEU B 186 49.29 -3.57 3.95
CA LEU B 186 48.71 -2.39 3.31
C LEU B 186 49.48 -2.01 2.05
N ALA B 187 50.81 -2.17 2.07
CA ALA B 187 51.60 -1.92 0.87
C ALA B 187 51.27 -2.94 -0.22
N ARG B 188 51.10 -4.21 0.17
CA ARG B 188 50.72 -5.24 -0.79
C ARG B 188 49.35 -4.93 -1.40
N GLU B 189 48.43 -4.39 -0.60
CA GLU B 189 47.12 -4.02 -1.12
C GLU B 189 47.24 -2.87 -2.10
N LEU B 190 48.08 -1.88 -1.81
CA LEU B 190 48.28 -0.77 -2.74
C LEU B 190 48.96 -1.22 -4.01
N ALA B 191 49.89 -2.18 -3.91
CA ALA B 191 50.51 -2.73 -5.11
C ALA B 191 49.50 -3.46 -5.98
N CYS B 192 48.50 -4.10 -5.36
CA CYS B 192 47.45 -4.75 -6.14
C CYS B 192 46.54 -3.72 -6.81
N ALA B 193 46.16 -2.67 -6.09
CA ALA B 193 45.23 -1.69 -6.63
C ALA B 193 45.87 -0.89 -7.77
N TYR B 194 47.15 -0.58 -7.66
CA TYR B 194 47.85 0.21 -8.67
C TYR B 194 48.61 -0.65 -9.67
N ASP B 195 48.41 -1.98 -9.64
CA ASP B 195 49.05 -2.91 -10.57
C ASP B 195 50.57 -2.74 -10.56
N LEU B 196 51.14 -2.73 -9.37
CA LEU B 196 52.57 -2.52 -9.18
C LEU B 196 53.27 -3.83 -8.87
N ASP B 197 54.59 -3.83 -9.09
CA ASP B 197 55.43 -4.92 -8.62
C ASP B 197 55.70 -4.73 -7.14
N PHE B 198 55.49 -5.78 -6.36
CA PHE B 198 55.59 -5.73 -4.91
C PHE B 198 56.81 -6.52 -4.45
N VAL B 199 57.61 -5.93 -3.58
CA VAL B 199 58.73 -6.60 -2.93
C VAL B 199 58.36 -6.79 -1.47
N ASP B 200 58.19 -8.05 -1.08
CA ASP B 200 57.73 -8.37 0.27
C ASP B 200 58.77 -7.97 1.30
N PRO B 201 58.46 -7.06 2.22
CA PRO B 201 59.45 -6.69 3.25
C PRO B 201 59.80 -7.83 4.20
N ALA B 202 59.00 -8.89 4.25
CA ALA B 202 59.32 -10.07 5.03
C ALA B 202 60.01 -11.15 4.21
N SER B 203 60.30 -10.88 2.93
CA SER B 203 60.92 -11.87 2.08
C SER B 203 62.40 -12.03 2.43
N ASN B 204 62.97 -13.17 2.02
CA ASN B 204 64.36 -13.46 2.34
C ASN B 204 65.34 -12.51 1.66
N SER B 205 64.92 -11.84 0.59
CA SER B 205 65.80 -10.84 -0.03
C SER B 205 65.89 -9.59 0.82
N ARG B 206 64.78 -9.17 1.43
CA ARG B 206 64.80 -7.99 2.29
C ARG B 206 65.33 -8.33 3.68
N VAL B 207 65.01 -9.52 4.18
CA VAL B 207 65.51 -9.98 5.47
C VAL B 207 66.32 -11.25 5.26
N PRO B 208 67.59 -11.16 4.89
CA PRO B 208 68.41 -12.35 4.67
C PRO B 208 68.53 -13.18 5.93
N PRO B 209 68.43 -14.50 5.82
CA PRO B 209 68.42 -15.34 7.02
C PRO B 209 69.75 -15.31 7.76
N LEU B 210 69.67 -15.34 9.08
CA LEU B 210 70.85 -15.38 9.93
C LEU B 210 71.33 -16.82 10.11
N PRO B 211 72.59 -17.00 10.51
CA PRO B 211 73.11 -18.37 10.67
C PRO B 211 72.30 -19.18 11.67
N ILE B 212 72.23 -20.48 11.41
CA ILE B 212 71.53 -21.43 12.28
C ILE B 212 72.54 -22.53 12.61
N GLU B 213 73.23 -22.39 13.74
CA GLU B 213 74.28 -23.32 14.12
C GLU B 213 73.93 -24.22 15.30
N GLY B 214 72.77 -24.01 15.93
CA GLY B 214 72.37 -24.83 17.04
C GLY B 214 71.16 -24.26 17.77
N PRO B 215 70.65 -25.00 18.75
CA PRO B 215 69.49 -24.51 19.51
C PRO B 215 69.84 -23.27 20.32
N ALA B 216 68.84 -22.39 20.46
CA ALA B 216 69.02 -21.15 21.20
C ALA B 216 68.65 -21.28 22.67
N TRP B 217 67.66 -22.12 22.99
CA TRP B 217 67.23 -22.32 24.37
C TRP B 217 66.38 -23.58 24.42
N PRO B 218 66.52 -24.41 25.45
CA PRO B 218 65.69 -25.62 25.54
C PRO B 218 64.22 -25.25 25.69
N LEU B 219 63.38 -25.89 24.88
CA LEU B 219 61.97 -25.53 24.79
C LEU B 219 61.11 -26.78 24.67
N THR B 220 60.03 -26.82 25.45
CA THR B 220 59.03 -27.88 25.35
C THR B 220 57.67 -27.23 25.13
N VAL B 221 56.94 -27.69 24.12
CA VAL B 221 55.67 -27.10 23.72
C VAL B 221 54.58 -28.16 23.84
N GLN B 222 53.53 -27.84 24.60
CA GLN B 222 52.35 -28.69 24.66
C GLN B 222 51.51 -28.43 23.40
N PRO B 223 51.40 -29.41 22.49
CA PRO B 223 50.80 -29.10 21.18
C PRO B 223 49.31 -28.81 21.21
N GLU B 224 48.58 -29.33 22.20
CA GLU B 224 47.15 -29.07 22.26
C GLU B 224 46.81 -27.67 22.76
N THR B 225 47.82 -26.81 22.95
CA THR B 225 47.58 -25.41 23.26
C THR B 225 47.31 -24.57 22.02
N GLY B 226 47.40 -25.16 20.83
CA GLY B 226 47.09 -24.46 19.60
C GLY B 226 48.24 -23.70 18.99
N VAL B 227 49.42 -23.71 19.61
CA VAL B 227 50.56 -22.97 19.09
C VAL B 227 51.02 -23.61 17.79
N ARG B 228 51.20 -22.80 16.75
CA ARG B 228 51.64 -23.28 15.45
C ARG B 228 53.13 -23.10 15.21
N ARG B 229 53.76 -22.11 15.85
CA ARG B 229 55.18 -21.87 15.69
C ARG B 229 55.70 -21.16 16.93
N PHE B 230 56.95 -21.43 17.27
CA PHE B 230 57.59 -20.80 18.43
C PHE B 230 59.09 -20.74 18.14
N ALA B 231 59.59 -19.54 17.82
CA ALA B 231 60.98 -19.36 17.45
C ALA B 231 61.69 -18.47 18.48
N LEU B 232 62.99 -18.71 18.64
CA LEU B 232 63.80 -17.98 19.60
C LEU B 232 65.20 -17.77 19.04
N ARG B 233 65.73 -16.56 19.22
CA ARG B 233 67.08 -16.23 18.82
C ARG B 233 67.63 -15.18 19.78
N PRO B 234 68.84 -15.36 20.31
CA PRO B 234 69.38 -14.41 21.28
C PRO B 234 70.23 -13.31 20.65
N VAL B 235 70.33 -12.20 21.37
CA VAL B 235 71.21 -11.09 21.02
C VAL B 235 71.95 -10.71 22.30
N ILE B 236 73.26 -10.90 22.31
CA ILE B 236 74.06 -10.74 23.52
C ILE B 236 74.84 -9.44 23.46
N GLY B 237 75.12 -8.88 24.64
CA GLY B 237 75.98 -7.73 24.76
C GLY B 237 75.41 -6.43 24.20
N ILE B 238 74.15 -6.14 24.51
CA ILE B 238 73.56 -4.88 24.09
C ILE B 238 73.96 -3.78 25.06
N ASP B 239 74.10 -2.57 24.54
CA ASP B 239 74.53 -1.44 25.35
C ASP B 239 73.37 -0.91 26.17
N PRO B 240 73.45 -0.94 27.51
CA PRO B 240 72.36 -0.38 28.32
C PRO B 240 72.18 1.12 28.15
N ALA B 241 73.21 1.83 27.68
CA ALA B 241 73.14 3.27 27.50
C ALA B 241 72.62 3.67 26.12
N ALA B 242 72.47 2.72 25.20
CA ALA B 242 72.04 3.04 23.84
C ALA B 242 70.54 3.34 23.81
N VAL B 243 70.15 4.21 22.88
CA VAL B 243 68.76 4.54 22.64
C VAL B 243 68.47 4.34 21.16
N SER B 244 67.18 4.26 20.84
CA SER B 244 66.78 4.07 19.45
C SER B 244 66.98 5.35 18.66
N PRO B 245 67.38 5.26 17.39
CA PRO B 245 67.53 6.47 16.57
C PRO B 245 66.20 7.18 16.37
N TRP B 246 66.29 8.42 15.89
CA TRP B 246 65.10 9.25 15.78
C TRP B 246 64.12 8.70 14.74
N TRP B 247 64.63 8.18 13.62
CA TRP B 247 63.74 7.66 12.59
C TRP B 247 62.90 6.50 13.12
N LEU B 248 63.43 5.73 14.07
CA LEU B 248 62.67 4.62 14.64
C LEU B 248 61.68 5.11 15.68
N GLN B 249 62.13 5.98 16.60
CA GLN B 249 61.23 6.52 17.61
C GLN B 249 60.11 7.34 16.99
N ARG B 250 60.39 8.00 15.87
CA ARG B 250 59.36 8.82 15.22
C ARG B 250 58.29 7.93 14.58
N ARG B 251 58.71 6.91 13.84
CA ARG B 251 57.75 6.03 13.19
C ARG B 251 56.88 5.30 14.22
N LEU B 252 57.44 5.01 15.40
CA LEU B 252 56.63 4.45 16.47
C LEU B 252 55.61 5.46 16.99
N LEU B 253 56.03 6.73 17.11
CA LEU B 253 55.13 7.76 17.62
C LEU B 253 53.96 7.98 16.68
N LEU B 254 54.22 8.11 15.38
CA LEU B 254 53.16 8.31 14.42
C LEU B 254 52.25 7.10 14.28
N CYS B 255 52.70 5.93 14.73
CA CYS B 255 51.87 4.74 14.76
C CYS B 255 51.16 4.54 16.10
N GLY B 256 51.34 5.46 17.05
CA GLY B 256 50.65 5.38 18.32
C GLY B 256 51.35 4.58 19.39
N ILE B 257 52.66 4.38 19.29
CA ILE B 257 53.43 3.61 20.26
C ILE B 257 54.56 4.49 20.78
N ARG B 258 54.73 4.50 22.10
CA ARG B 258 55.78 5.29 22.74
C ARG B 258 57.07 4.49 22.83
N ALA B 259 58.18 5.17 22.60
CA ALA B 259 59.49 4.54 22.69
C ALA B 259 59.94 4.45 24.14
N THR B 260 60.49 3.29 24.52
CA THR B 260 60.98 3.07 25.87
C THR B 260 62.46 2.70 25.88
N CYS B 261 62.83 1.58 25.30
CA CYS B 261 64.21 1.13 25.22
C CYS B 261 64.41 0.44 23.88
N PRO B 262 65.66 0.37 23.39
CA PRO B 262 65.89 -0.26 22.08
C PRO B 262 65.28 -1.65 21.92
N ALA B 263 65.51 -2.54 22.88
CA ALA B 263 65.03 -3.92 22.75
C ALA B 263 63.52 -3.96 22.51
N VAL B 264 62.76 -3.20 23.30
CA VAL B 264 61.31 -3.17 23.11
C VAL B 264 60.95 -2.37 21.85
N ASP B 265 61.72 -1.33 21.54
CA ASP B 265 61.44 -0.52 20.36
C ASP B 265 61.59 -1.35 19.08
N VAL B 266 62.57 -2.26 19.06
CA VAL B 266 62.77 -3.10 17.89
C VAL B 266 61.57 -4.01 17.67
N THR B 267 61.09 -4.65 18.75
CA THR B 267 59.99 -5.60 18.61
C THR B 267 58.70 -4.91 18.18
N ASN B 268 58.42 -3.72 18.72
CA ASN B 268 57.23 -3.00 18.32
C ASN B 268 57.33 -2.50 16.88
N TYR B 269 58.54 -2.10 16.47
CA TYR B 269 58.73 -1.61 15.10
C TYR B 269 58.55 -2.73 14.08
N VAL B 270 59.13 -3.91 14.36
CA VAL B 270 58.99 -5.04 13.45
C VAL B 270 57.55 -5.53 13.42
N MET B 271 56.83 -5.43 14.53
CA MET B 271 55.42 -5.79 14.53
C MET B 271 54.61 -4.90 13.60
N LEU B 272 54.91 -3.60 13.59
CA LEU B 272 54.20 -2.68 12.69
C LEU B 272 54.61 -2.91 11.24
N GLU B 273 55.87 -3.28 11.00
CA GLU B 273 56.35 -3.41 9.63
C GLU B 273 55.88 -4.70 8.98
N LEU B 274 55.91 -5.81 9.70
CA LEU B 274 55.60 -7.12 9.13
C LEU B 274 54.30 -7.74 9.62
N GLY B 275 53.76 -7.26 10.75
CA GLY B 275 52.53 -7.82 11.29
C GLY B 275 52.71 -8.99 12.22
N HIS B 276 53.95 -9.40 12.48
CA HIS B 276 54.22 -10.50 13.40
C HIS B 276 54.62 -9.94 14.75
N PRO B 277 53.79 -10.09 15.79
CA PRO B 277 54.18 -9.58 17.11
C PRO B 277 55.44 -10.23 17.63
N MET B 278 56.31 -9.41 18.24
CA MET B 278 57.58 -9.87 18.77
C MET B 278 57.70 -9.42 20.22
N HIS B 279 58.44 -10.20 21.00
CA HIS B 279 58.71 -9.87 22.39
C HIS B 279 60.16 -10.20 22.72
N ALA B 280 60.77 -9.37 23.57
CA ALA B 280 62.16 -9.53 23.98
C ALA B 280 62.19 -9.89 25.45
N HIS B 281 62.80 -11.03 25.77
CA HIS B 281 62.98 -11.47 27.14
C HIS B 281 64.42 -11.23 27.58
N ASP B 282 64.60 -10.79 28.82
CA ASP B 282 65.91 -10.75 29.43
C ASP B 282 66.35 -12.20 29.67
N ARG B 283 67.27 -12.69 28.85
CA ARG B 283 67.65 -14.10 28.93
C ARG B 283 68.34 -14.42 30.24
N ASN B 284 69.02 -13.44 30.85
CA ASN B 284 69.69 -13.69 32.12
C ASN B 284 68.72 -13.87 33.28
N ARG B 285 67.42 -13.62 33.07
CA ARG B 285 66.42 -13.89 34.07
C ARG B 285 65.64 -15.17 33.82
N ILE B 286 65.85 -15.82 32.69
CA ILE B 286 65.21 -17.10 32.41
C ILE B 286 65.94 -18.19 33.17
N SER B 287 65.19 -19.05 33.85
CA SER B 287 65.74 -20.11 34.69
C SER B 287 65.28 -21.46 34.15
N GLY B 288 66.14 -22.12 33.38
CA GLY B 288 65.86 -23.46 32.93
C GLY B 288 65.11 -23.56 31.61
N THR B 289 64.38 -24.66 31.43
CA THR B 289 63.69 -24.91 30.18
C THR B 289 62.46 -24.01 30.05
N LEU B 290 62.27 -23.46 28.86
CA LEU B 290 61.08 -22.68 28.56
C LEU B 290 59.94 -23.61 28.15
N GLY B 291 58.80 -23.48 28.82
CA GLY B 291 57.68 -24.35 28.56
C GLY B 291 56.40 -23.63 28.17
N VAL B 292 55.79 -24.07 27.07
CA VAL B 292 54.51 -23.53 26.61
C VAL B 292 53.43 -24.53 26.99
N ARG B 293 52.57 -24.15 27.93
CA ARG B 293 51.57 -25.06 28.46
C ARG B 293 50.32 -24.27 28.85
N PHE B 294 49.24 -25.00 29.07
CA PHE B 294 48.02 -24.40 29.59
C PHE B 294 48.22 -23.96 31.04
N ALA B 295 47.55 -22.89 31.42
CA ALA B 295 47.57 -22.46 32.81
C ALA B 295 46.75 -23.43 33.66
N ARG B 296 47.19 -23.62 34.90
CA ARG B 296 46.49 -24.50 35.82
C ARG B 296 45.42 -23.73 36.59
N SER B 297 44.54 -24.48 37.25
CA SER B 297 43.45 -23.88 37.99
C SER B 297 43.99 -23.03 39.14
N GLY B 298 43.51 -21.80 39.25
CA GLY B 298 43.95 -20.88 40.27
C GLY B 298 45.32 -20.27 40.04
N GLU B 299 46.00 -20.63 38.96
CA GLU B 299 47.31 -20.05 38.68
C GLU B 299 47.17 -18.57 38.33
N THR B 300 48.16 -17.78 38.74
CA THR B 300 48.19 -16.36 38.47
C THR B 300 49.52 -15.99 37.84
N ALA B 301 49.60 -14.74 37.37
CA ALA B 301 50.82 -14.24 36.73
C ALA B 301 50.81 -12.71 36.79
N VAL B 302 52.00 -12.15 36.87
CA VAL B 302 52.20 -10.70 36.88
C VAL B 302 52.77 -10.29 35.53
N THR B 303 52.10 -9.37 34.86
CA THR B 303 52.46 -8.98 33.50
C THR B 303 53.48 -7.83 33.53
N LEU B 304 53.77 -7.27 32.36
CA LEU B 304 54.72 -6.16 32.27
C LEU B 304 54.30 -4.98 33.12
N ASP B 305 53.00 -4.71 33.19
CA ASP B 305 52.47 -3.58 33.93
C ASP B 305 52.46 -3.79 35.44
N GLY B 306 52.98 -4.91 35.92
CA GLY B 306 53.01 -5.17 37.35
C GLY B 306 51.68 -5.52 37.95
N ILE B 307 50.72 -5.98 37.15
CA ILE B 307 49.38 -6.33 37.62
C ILE B 307 49.26 -7.84 37.63
N GLU B 308 48.78 -8.39 38.74
CA GLU B 308 48.57 -9.83 38.85
C GLU B 308 47.31 -10.22 38.08
N ARG B 309 47.42 -11.26 37.27
CA ARG B 309 46.33 -11.70 36.40
C ARG B 309 45.86 -13.07 36.84
N LYS B 310 44.58 -13.18 37.19
CA LYS B 310 43.97 -14.48 37.50
C LYS B 310 43.77 -15.24 36.21
N LEU B 311 44.48 -16.36 36.06
CA LEU B 311 44.49 -17.10 34.81
C LEU B 311 43.41 -18.19 34.81
N ASP B 312 43.05 -18.62 33.60
CA ASP B 312 42.09 -19.68 33.38
C ASP B 312 42.79 -20.89 32.77
N THR B 313 42.17 -22.07 32.93
CA THR B 313 42.74 -23.29 32.40
C THR B 313 42.81 -23.31 30.88
N ALA B 314 42.14 -22.38 30.20
CA ALA B 314 42.20 -22.27 28.75
C ALA B 314 43.25 -21.28 28.28
N ASP B 315 43.95 -20.61 29.19
CA ASP B 315 44.98 -19.66 28.81
C ASP B 315 46.30 -20.37 28.56
N VAL B 316 47.00 -19.95 27.51
CA VAL B 316 48.30 -20.49 27.16
C VAL B 316 49.39 -19.64 27.79
N LEU B 317 50.39 -20.29 28.37
CA LEU B 317 51.44 -19.61 29.11
C LEU B 317 52.82 -19.96 28.56
N ILE B 318 53.77 -19.07 28.82
CA ILE B 318 55.19 -19.35 28.66
C ILE B 318 55.80 -19.35 30.05
N VAL B 319 56.35 -20.49 30.47
CA VAL B 319 56.89 -20.64 31.82
C VAL B 319 58.30 -21.20 31.75
N ASP B 320 59.04 -20.98 32.83
CA ASP B 320 60.31 -21.66 33.03
C ASP B 320 60.25 -22.44 34.34
N ASP B 321 61.41 -22.72 34.95
CA ASP B 321 61.43 -23.48 36.19
C ASP B 321 61.03 -22.63 37.40
N ALA B 322 61.10 -21.30 37.29
CA ALA B 322 60.85 -20.41 38.42
C ALA B 322 59.47 -19.77 38.40
N ALA B 323 59.10 -19.14 37.28
CA ALA B 323 57.84 -18.41 37.22
C ALA B 323 57.30 -18.44 35.80
N THR B 324 56.20 -17.73 35.58
CA THR B 324 55.64 -17.57 34.25
C THR B 324 56.35 -16.44 33.53
N ALA B 325 56.62 -16.65 32.24
CA ALA B 325 57.35 -15.67 31.43
C ALA B 325 56.44 -14.81 30.58
N ALA B 326 55.28 -15.31 30.18
CA ALA B 326 54.39 -14.56 29.31
C ALA B 326 53.02 -15.20 29.29
N ILE B 327 51.99 -14.37 29.18
CA ILE B 327 50.65 -14.83 28.84
C ILE B 327 50.58 -14.93 27.32
N GLY B 328 50.62 -16.16 26.81
CA GLY B 328 50.78 -16.43 25.38
C GLY B 328 49.93 -15.60 24.44
N GLY B 329 50.60 -14.80 23.60
CA GLY B 329 49.92 -13.98 22.62
C GLY B 329 49.27 -12.71 23.16
N VAL B 330 49.33 -12.48 24.47
CA VAL B 330 48.70 -11.32 25.09
C VAL B 330 49.74 -10.35 25.62
N MET B 331 50.53 -10.77 26.61
CA MET B 331 51.52 -9.90 27.22
C MET B 331 52.53 -10.76 27.98
N GLY B 332 53.79 -10.33 27.94
CA GLY B 332 54.82 -10.99 28.70
C GLY B 332 54.67 -10.74 30.19
N ALA B 333 55.55 -11.37 30.96
CA ALA B 333 55.56 -11.22 32.40
C ALA B 333 56.67 -10.28 32.85
N ALA B 334 56.52 -9.74 34.06
CA ALA B 334 57.52 -8.86 34.63
C ALA B 334 58.78 -9.61 35.05
N SER B 335 58.77 -10.94 35.03
CA SER B 335 59.95 -11.69 35.45
C SER B 335 61.05 -11.62 34.40
N THR B 336 60.69 -11.72 33.12
CA THR B 336 61.67 -11.72 32.04
C THR B 336 61.61 -10.46 31.20
N GLU B 337 61.07 -9.37 31.74
CA GLU B 337 61.00 -8.12 30.99
C GLU B 337 62.37 -7.48 30.90
N VAL B 338 62.55 -6.65 29.89
CA VAL B 338 63.79 -5.92 29.67
C VAL B 338 63.71 -4.58 30.38
N ARG B 339 64.76 -4.24 31.12
CA ARG B 339 64.84 -2.96 31.81
C ARG B 339 66.20 -2.34 31.50
N ALA B 340 66.63 -1.41 32.35
CA ALA B 340 67.79 -0.58 32.02
C ALA B 340 69.08 -1.39 31.98
N ASP B 341 69.23 -2.36 32.89
CA ASP B 341 70.46 -3.11 33.00
C ASP B 341 70.47 -4.41 32.19
N SER B 342 69.53 -4.57 31.26
CA SER B 342 69.50 -5.77 30.43
C SER B 342 70.65 -5.74 29.42
N THR B 343 71.37 -6.85 29.32
CA THR B 343 72.51 -6.97 28.42
C THR B 343 72.38 -8.10 27.41
N ASP B 344 71.66 -9.17 27.73
CA ASP B 344 71.47 -10.30 26.83
C ASP B 344 69.98 -10.57 26.72
N VAL B 345 69.45 -10.53 25.50
CA VAL B 345 68.02 -10.66 25.27
C VAL B 345 67.76 -11.92 24.45
N LEU B 346 66.59 -12.51 24.66
CA LEU B 346 66.10 -13.65 23.89
C LEU B 346 64.79 -13.24 23.25
N LEU B 347 64.79 -13.10 21.93
CA LEU B 347 63.61 -12.65 21.21
C LEU B 347 62.67 -13.82 20.93
N GLU B 348 61.37 -13.59 21.11
CA GLU B 348 60.36 -14.62 20.99
C GLU B 348 59.46 -14.30 19.79
N ALA B 349 59.41 -15.22 18.82
CA ALA B 349 58.55 -15.11 17.66
C ALA B 349 57.63 -16.33 17.66
N ALA B 350 56.37 -16.13 18.05
CA ALA B 350 55.42 -17.22 18.20
C ALA B 350 54.15 -16.95 17.41
N ILE B 351 53.45 -18.03 17.08
CA ILE B 351 52.17 -17.98 16.40
C ILE B 351 51.18 -18.74 17.27
N TRP B 352 50.23 -18.02 17.87
CA TRP B 352 49.30 -18.61 18.82
C TRP B 352 47.95 -18.88 18.16
N ASP B 353 47.15 -19.70 18.82
CA ASP B 353 45.80 -19.97 18.35
C ASP B 353 44.95 -18.71 18.46
N PRO B 354 44.32 -18.27 17.37
CA PRO B 354 43.54 -17.02 17.44
C PRO B 354 42.37 -17.09 18.42
N ALA B 355 41.70 -18.23 18.51
CA ALA B 355 40.56 -18.35 19.43
C ALA B 355 41.02 -18.32 20.88
N ALA B 356 42.15 -18.95 21.19
CA ALA B 356 42.65 -18.96 22.56
C ALA B 356 43.08 -17.57 23.00
N VAL B 357 43.72 -16.81 22.11
CA VAL B 357 44.15 -15.46 22.45
C VAL B 357 42.94 -14.54 22.61
N SER B 358 41.94 -14.68 21.73
CA SER B 358 40.76 -13.84 21.81
C SER B 358 40.00 -14.07 23.11
N ARG B 359 39.87 -15.33 23.52
CA ARG B 359 39.18 -15.63 24.78
C ARG B 359 39.95 -15.06 25.97
N THR B 360 41.26 -15.27 25.99
CA THR B 360 42.07 -14.83 27.14
C THR B 360 42.12 -13.31 27.24
N GLN B 361 42.39 -12.63 26.12
CA GLN B 361 42.50 -11.19 26.16
C GLN B 361 41.18 -10.51 26.52
N ARG B 362 40.05 -11.14 26.19
CA ARG B 362 38.75 -10.55 26.52
C ARG B 362 38.36 -10.80 27.97
N ARG B 363 38.76 -11.95 28.52
CA ARG B 363 38.48 -12.22 29.94
C ARG B 363 39.33 -11.34 30.83
N LEU B 364 40.60 -11.14 30.48
CA LEU B 364 41.51 -10.31 31.26
C LEU B 364 41.46 -8.84 30.88
N HIS B 365 40.67 -8.48 29.85
CA HIS B 365 40.53 -7.10 29.40
C HIS B 365 41.88 -6.51 28.98
N LEU B 366 42.60 -7.25 28.14
CA LEU B 366 43.95 -6.88 27.70
C LEU B 366 44.03 -6.96 26.20
N PRO B 367 43.46 -5.99 25.47
CA PRO B 367 43.59 -5.98 24.00
C PRO B 367 44.88 -5.29 23.56
N SER B 368 46.00 -5.93 23.86
CA SER B 368 47.31 -5.40 23.51
C SER B 368 47.51 -5.45 21.99
N GLU B 369 48.56 -4.75 21.54
CA GLU B 369 48.88 -4.73 20.12
C GLU B 369 49.15 -6.13 19.58
N ALA B 370 49.70 -7.01 20.41
CA ALA B 370 49.94 -8.38 19.98
C ALA B 370 48.65 -9.19 19.99
N ALA B 371 47.75 -8.92 20.94
CA ALA B 371 46.55 -9.72 21.08
C ALA B 371 45.61 -9.53 19.91
N ARG B 372 45.34 -8.27 19.52
CA ARG B 372 44.41 -8.02 18.43
C ARG B 372 44.93 -8.51 17.09
N ARG B 373 46.24 -8.72 16.96
CA ARG B 373 46.80 -9.27 15.73
C ARG B 373 46.75 -10.79 15.71
N TYR B 374 47.00 -11.44 16.85
CA TYR B 374 46.96 -12.90 16.90
C TYR B 374 45.54 -13.42 16.77
N GLU B 375 44.57 -12.74 17.38
CA GLU B 375 43.18 -13.17 17.29
C GLU B 375 42.63 -13.04 15.89
N ARG B 376 43.28 -12.26 15.02
CA ARG B 376 42.91 -12.16 13.61
C ARG B 376 43.89 -12.92 12.72
N THR B 377 44.63 -13.88 13.29
CA THR B 377 45.57 -14.75 12.59
C THR B 377 46.77 -14.00 12.03
N VAL B 378 47.97 -14.39 12.47
CA VAL B 378 49.23 -13.83 11.99
C VAL B 378 49.90 -14.85 11.10
N ASP B 379 50.50 -14.39 10.00
CA ASP B 379 51.18 -15.23 9.04
C ASP B 379 52.25 -16.08 9.72
N PRO B 380 52.08 -17.40 9.76
CA PRO B 380 53.06 -18.25 10.45
C PRO B 380 54.33 -18.53 9.65
N ALA B 381 54.37 -18.14 8.38
CA ALA B 381 55.53 -18.42 7.54
C ALA B 381 56.63 -17.38 7.67
N ILE B 382 56.38 -16.27 8.36
CA ILE B 382 57.34 -15.18 8.48
C ILE B 382 57.88 -15.07 9.90
N SER B 383 57.75 -16.12 10.71
CA SER B 383 58.18 -16.05 12.10
C SER B 383 59.68 -15.87 12.21
N VAL B 384 60.45 -16.70 11.50
CA VAL B 384 61.91 -16.59 11.57
C VAL B 384 62.38 -15.31 10.88
N ALA B 385 61.68 -14.89 9.81
CA ALA B 385 62.04 -13.64 9.15
C ALA B 385 61.90 -12.46 10.09
N ALA B 386 60.77 -12.38 10.81
CA ALA B 386 60.59 -11.33 11.81
C ALA B 386 61.58 -11.48 12.95
N LEU B 387 61.95 -12.71 13.30
CA LEU B 387 62.94 -12.93 14.34
C LEU B 387 64.31 -12.40 13.92
N ASP B 388 64.73 -12.74 12.69
CA ASP B 388 66.02 -12.27 12.21
C ASP B 388 66.02 -10.77 11.99
N ARG B 389 64.89 -10.22 11.51
CA ARG B 389 64.78 -8.77 11.35
C ARG B 389 64.94 -8.07 12.70
N CYS B 390 64.41 -8.67 13.77
CA CYS B 390 64.56 -8.09 15.09
C CYS B 390 66.00 -8.18 15.58
N ALA B 391 66.63 -9.34 15.41
CA ALA B 391 67.98 -9.54 15.94
C ALA B 391 68.99 -8.63 15.26
N ARG B 392 68.95 -8.57 13.93
CA ARG B 392 69.90 -7.73 13.19
C ARG B 392 69.70 -6.25 13.52
N LEU B 393 68.44 -5.83 13.63
CA LEU B 393 68.15 -4.42 13.87
C LEU B 393 68.47 -4.03 15.31
N LEU B 394 68.24 -4.93 16.26
CA LEU B 394 68.55 -4.64 17.65
C LEU B 394 70.06 -4.62 17.89
N ALA B 395 70.78 -5.58 17.29
CA ALA B 395 72.23 -5.59 17.40
C ALA B 395 72.85 -4.37 16.73
N ASP B 396 72.19 -3.84 15.69
CA ASP B 396 72.71 -2.66 15.00
C ASP B 396 72.56 -1.41 15.85
N ILE B 397 71.45 -1.30 16.58
CA ILE B 397 71.18 -0.09 17.35
C ILE B 397 71.88 -0.13 18.70
N ALA B 398 71.70 -1.22 19.43
CA ALA B 398 72.22 -1.34 20.78
C ALA B 398 73.68 -1.79 20.83
N GLY B 399 74.34 -1.94 19.69
CA GLY B 399 75.73 -2.35 19.66
C GLY B 399 75.99 -3.74 20.21
N GLY B 400 75.11 -4.69 19.93
CA GLY B 400 75.27 -6.06 20.38
C GLY B 400 75.72 -6.98 19.26
N GLU B 401 75.65 -8.28 19.55
CA GLU B 401 76.03 -9.31 18.59
C GLU B 401 74.90 -10.32 18.48
N VAL B 402 74.61 -10.74 17.25
CA VAL B 402 73.58 -11.74 17.01
C VAL B 402 74.17 -13.12 17.19
N SER B 403 73.59 -13.92 18.08
CA SER B 403 74.07 -15.27 18.27
C SER B 403 73.60 -16.17 17.13
N PRO B 404 74.47 -17.05 16.62
CA PRO B 404 74.09 -17.87 15.46
C PRO B 404 73.24 -19.07 15.83
N THR B 405 72.61 -19.04 17.01
CA THR B 405 71.72 -20.09 17.45
C THR B 405 70.28 -19.75 17.14
N LEU B 406 69.44 -20.78 17.03
CA LEU B 406 68.03 -20.57 16.70
C LEU B 406 67.24 -21.81 17.08
N THR B 407 66.22 -21.61 17.92
CA THR B 407 65.22 -22.63 18.19
C THR B 407 63.98 -22.30 17.37
N ASP B 408 63.45 -23.28 16.63
CA ASP B 408 62.31 -23.05 15.75
C ASP B 408 61.40 -24.28 15.82
N TRP B 409 60.43 -24.23 16.71
CA TRP B 409 59.45 -25.30 16.85
C TRP B 409 58.31 -25.07 15.86
N ARG B 410 58.04 -26.05 15.01
CA ARG B 410 57.04 -25.92 13.96
C ARG B 410 56.00 -27.02 14.01
N GLY B 411 55.81 -27.66 15.16
CA GLY B 411 54.83 -28.72 15.31
C GLY B 411 55.45 -30.10 15.22
N ASP B 412 54.62 -31.10 15.48
CA ASP B 412 55.04 -32.50 15.42
C ASP B 412 54.12 -33.27 14.47
N PRO B 413 54.59 -33.66 13.28
CA PRO B 413 55.93 -33.43 12.70
C PRO B 413 56.14 -31.96 12.33
N PRO B 414 57.39 -31.53 12.18
CA PRO B 414 57.64 -30.13 11.81
C PRO B 414 57.02 -29.80 10.46
N CYS B 415 56.32 -28.66 10.42
CA CYS B 415 55.62 -28.21 9.22
C CYS B 415 56.50 -27.24 8.46
N ASP B 416 56.76 -27.54 7.18
CA ASP B 416 57.56 -26.69 6.31
C ASP B 416 56.74 -26.06 5.19
N ASP B 417 55.41 -26.18 5.24
CA ASP B 417 54.54 -25.61 4.22
C ASP B 417 53.26 -25.15 4.89
N TRP B 418 53.07 -23.83 4.98
CA TRP B 418 51.93 -23.24 5.68
C TRP B 418 50.82 -22.83 4.72
N SER B 419 50.75 -23.45 3.55
CA SER B 419 49.77 -23.04 2.56
C SER B 419 48.39 -23.63 2.89
N PRO B 420 47.35 -22.79 2.96
CA PRO B 420 45.99 -23.32 3.09
C PRO B 420 45.66 -24.30 1.97
N PRO B 421 44.61 -25.10 2.13
CA PRO B 421 44.28 -26.08 1.09
C PRO B 421 43.89 -25.38 -0.19
N PRO B 422 44.16 -25.99 -1.34
CA PRO B 422 43.79 -25.37 -2.62
C PRO B 422 42.28 -25.34 -2.81
N ILE B 423 41.84 -24.39 -3.63
CA ILE B 423 40.43 -24.18 -3.92
C ILE B 423 40.22 -24.27 -5.42
N ARG B 424 39.23 -25.06 -5.83
CA ARG B 424 38.84 -25.16 -7.23
C ARG B 424 37.65 -24.26 -7.48
N MET B 425 37.72 -23.50 -8.58
CA MET B 425 36.65 -22.56 -8.92
C MET B 425 36.65 -22.34 -10.43
N GLY B 426 35.46 -22.29 -11.01
CA GLY B 426 35.35 -22.00 -12.43
C GLY B 426 35.89 -20.62 -12.76
N VAL B 427 36.50 -20.53 -13.95
CA VAL B 427 37.17 -19.30 -14.34
C VAL B 427 36.19 -18.16 -14.59
N ASP B 428 34.89 -18.46 -14.75
CA ASP B 428 33.88 -17.44 -15.01
C ASP B 428 33.00 -17.17 -13.79
N VAL B 429 33.32 -17.77 -12.63
CA VAL B 429 32.48 -17.58 -11.45
C VAL B 429 32.44 -16.13 -11.00
N PRO B 430 33.56 -15.40 -10.92
CA PRO B 430 33.46 -13.97 -10.58
C PRO B 430 32.67 -13.17 -11.60
N ASP B 431 32.66 -13.59 -12.86
CA ASP B 431 31.88 -12.89 -13.87
C ASP B 431 30.39 -13.09 -13.67
N ARG B 432 29.99 -14.29 -13.22
CA ARG B 432 28.57 -14.55 -13.01
C ARG B 432 28.05 -13.84 -11.77
N ILE B 433 28.84 -13.84 -10.69
CA ILE B 433 28.39 -13.22 -9.45
C ILE B 433 28.31 -11.70 -9.60
N ALA B 434 29.25 -11.11 -10.35
CA ALA B 434 29.26 -9.68 -10.54
C ALA B 434 28.35 -9.21 -11.66
N GLY B 435 27.88 -10.11 -12.52
CA GLY B 435 27.13 -9.70 -13.68
C GLY B 435 27.93 -8.88 -14.66
N VAL B 436 29.25 -9.06 -14.67
CA VAL B 436 30.16 -8.28 -15.51
C VAL B 436 31.04 -9.24 -16.28
N ALA B 437 31.18 -9.00 -17.58
CA ALA B 437 32.09 -9.78 -18.42
C ALA B 437 33.48 -9.18 -18.29
N TYR B 438 34.26 -9.71 -17.35
CA TYR B 438 35.61 -9.24 -17.15
C TYR B 438 36.50 -9.69 -18.33
N PRO B 439 37.53 -8.92 -18.65
CA PRO B 439 38.43 -9.31 -19.75
C PRO B 439 39.09 -10.65 -19.47
N GLN B 440 39.63 -11.24 -20.53
CA GLN B 440 40.23 -12.57 -20.44
C GLN B 440 41.41 -12.57 -19.49
N GLY B 441 41.38 -13.48 -18.52
CA GLY B 441 42.45 -13.61 -17.56
C GLY B 441 42.38 -12.71 -16.34
N THR B 442 41.28 -11.97 -16.17
CA THR B 442 41.17 -11.05 -15.05
C THR B 442 41.15 -11.79 -13.72
N THR B 443 40.40 -12.88 -13.63
CA THR B 443 40.28 -13.62 -12.38
C THR B 443 41.63 -14.21 -11.96
N ALA B 444 42.31 -14.88 -12.90
CA ALA B 444 43.61 -15.47 -12.57
C ALA B 444 44.65 -14.40 -12.28
N ARG B 445 44.56 -13.23 -12.94
CA ARG B 445 45.53 -12.17 -12.70
C ARG B 445 45.36 -11.58 -11.30
N ARG B 446 44.12 -11.29 -10.90
CA ARG B 446 43.89 -10.69 -9.59
C ARG B 446 44.21 -11.67 -8.46
N LEU B 447 43.96 -12.96 -8.66
CA LEU B 447 44.22 -13.92 -7.60
C LEU B 447 45.71 -14.18 -7.43
N ALA B 448 46.49 -14.06 -8.50
CA ALA B 448 47.95 -14.14 -8.35
C ALA B 448 48.51 -12.88 -7.71
N GLN B 449 47.82 -11.75 -7.87
CA GLN B 449 48.30 -10.50 -7.29
C GLN B 449 48.31 -10.56 -5.77
N ILE B 450 47.28 -11.17 -5.17
CA ILE B 450 47.12 -11.18 -3.72
C ILE B 450 48.02 -12.26 -3.13
N GLY B 451 48.72 -12.98 -3.99
CA GLY B 451 49.74 -13.93 -3.59
C GLY B 451 49.36 -15.39 -3.67
N ALA B 452 48.31 -15.74 -4.41
CA ALA B 452 47.89 -17.13 -4.52
C ALA B 452 48.53 -17.79 -5.74
N VAL B 453 48.62 -19.11 -5.70
CA VAL B 453 49.12 -19.91 -6.82
C VAL B 453 47.93 -20.36 -7.65
N VAL B 454 47.96 -20.09 -8.95
CA VAL B 454 46.86 -20.37 -9.86
C VAL B 454 47.33 -21.31 -10.94
N THR B 455 46.65 -22.45 -11.08
CA THR B 455 46.88 -23.39 -12.16
C THR B 455 45.59 -23.59 -12.94
N HIS B 456 45.73 -23.90 -14.22
CA HIS B 456 44.60 -24.01 -15.14
C HIS B 456 44.37 -25.47 -15.49
N ASP B 457 43.17 -25.96 -15.23
CA ASP B 457 42.75 -27.32 -15.58
C ASP B 457 41.51 -27.20 -16.46
N GLY B 458 41.74 -26.91 -17.74
CA GLY B 458 40.63 -26.69 -18.66
C GLY B 458 39.95 -25.35 -18.42
N ASP B 459 38.71 -25.40 -17.96
CA ASP B 459 37.95 -24.20 -17.62
C ASP B 459 37.88 -23.94 -16.12
N THR B 460 38.52 -24.79 -15.31
CA THR B 460 38.45 -24.69 -13.86
C THR B 460 39.83 -24.29 -13.32
N LEU B 461 39.85 -23.29 -12.45
CA LEU B 461 41.07 -22.87 -11.79
C LEU B 461 41.27 -23.61 -10.48
N THR B 462 42.53 -23.80 -10.11
CA THR B 462 42.91 -24.37 -8.82
C THR B 462 43.77 -23.33 -8.11
N VAL B 463 43.24 -22.77 -7.03
CA VAL B 463 43.83 -21.62 -6.37
C VAL B 463 44.24 -22.02 -4.96
N THR B 464 45.53 -21.81 -4.64
CA THR B 464 46.05 -22.04 -3.31
C THR B 464 46.36 -20.69 -2.66
N PRO B 465 45.61 -20.26 -1.65
CA PRO B 465 45.83 -18.94 -1.06
C PRO B 465 47.16 -18.88 -0.34
N PRO B 466 47.74 -17.69 -0.20
CA PRO B 466 48.99 -17.57 0.55
C PRO B 466 48.76 -17.75 2.05
N SER B 467 49.86 -17.97 2.76
CA SER B 467 49.79 -18.28 4.19
C SER B 467 49.25 -17.12 5.02
N TRP B 468 49.35 -15.89 4.52
CA TRP B 468 48.86 -14.72 5.23
C TRP B 468 47.40 -14.41 4.89
N ARG B 469 46.73 -15.27 4.15
CA ARG B 469 45.32 -15.09 3.77
C ARG B 469 44.52 -16.31 4.17
N PRO B 470 44.35 -16.56 5.47
CA PRO B 470 43.50 -17.69 5.91
C PRO B 470 42.02 -17.43 5.72
N ASP B 471 41.63 -16.20 5.38
CA ASP B 471 40.23 -15.88 5.10
C ASP B 471 39.77 -16.41 3.75
N LEU B 472 40.68 -16.88 2.90
CA LEU B 472 40.34 -17.41 1.58
C LEU B 472 40.18 -18.92 1.71
N ARG B 473 38.94 -19.37 1.90
CA ARG B 473 38.64 -20.78 2.07
C ARG B 473 37.61 -21.33 1.08
N GLN B 474 36.84 -20.47 0.44
CA GLN B 474 35.77 -20.87 -0.46
C GLN B 474 35.84 -20.02 -1.73
N PRO B 475 35.24 -20.49 -2.83
CA PRO B 475 35.25 -19.66 -4.06
C PRO B 475 34.61 -18.30 -3.88
N ALA B 476 33.66 -18.17 -2.96
CA ALA B 476 33.05 -16.86 -2.71
C ALA B 476 34.08 -15.86 -2.21
N ASP B 477 35.01 -16.32 -1.36
CA ASP B 477 36.08 -15.44 -0.89
C ASP B 477 36.98 -15.01 -2.05
N LEU B 478 37.25 -15.91 -2.99
CA LEU B 478 38.03 -15.55 -4.16
C LEU B 478 37.29 -14.57 -5.06
N VAL B 479 35.95 -14.65 -5.07
CA VAL B 479 35.16 -13.72 -5.88
C VAL B 479 35.30 -12.31 -5.34
N GLU B 480 35.29 -12.15 -4.01
CA GLU B 480 35.44 -10.82 -3.41
C GLU B 480 36.78 -10.21 -3.78
N GLU B 481 37.83 -11.02 -3.85
CA GLU B 481 39.15 -10.50 -4.19
C GLU B 481 39.17 -9.93 -5.61
N VAL B 482 38.58 -10.65 -6.56
CA VAL B 482 38.57 -10.19 -7.95
C VAL B 482 37.67 -8.97 -8.09
N LEU B 483 36.50 -9.00 -7.44
CA LEU B 483 35.53 -7.91 -7.63
C LEU B 483 36.01 -6.61 -6.99
N ARG B 484 36.61 -6.69 -5.81
CA ARG B 484 37.03 -5.47 -5.13
C ARG B 484 38.26 -4.85 -5.78
N LEU B 485 39.11 -5.66 -6.42
CA LEU B 485 40.28 -5.11 -7.09
C LEU B 485 39.92 -4.52 -8.45
N GLU B 486 38.92 -5.08 -9.13
CA GLU B 486 38.42 -4.47 -10.36
C GLU B 486 37.57 -3.24 -10.09
N GLY B 487 37.03 -3.10 -8.89
CA GLY B 487 36.19 -1.97 -8.55
C GLY B 487 34.71 -2.28 -8.68
N LEU B 488 33.97 -2.12 -7.58
CA LEU B 488 32.54 -2.41 -7.62
C LEU B 488 31.77 -1.43 -8.49
N GLU B 489 32.39 -0.30 -8.85
CA GLU B 489 31.71 0.69 -9.68
C GLU B 489 31.41 0.18 -11.08
N VAL B 490 32.15 -0.84 -11.55
CA VAL B 490 31.90 -1.39 -12.89
C VAL B 490 30.71 -2.32 -12.94
N ILE B 491 30.11 -2.64 -11.80
CA ILE B 491 28.94 -3.51 -11.75
C ILE B 491 27.71 -2.70 -12.15
N PRO B 492 26.97 -3.11 -13.17
CA PRO B 492 25.83 -2.32 -13.62
C PRO B 492 24.64 -2.48 -12.68
N SER B 493 23.62 -1.66 -12.92
CA SER B 493 22.40 -1.64 -12.13
C SER B 493 21.30 -2.33 -12.91
N VAL B 494 20.90 -3.52 -12.45
CA VAL B 494 19.86 -4.32 -13.10
C VAL B 494 18.81 -4.68 -12.07
N LEU B 495 17.54 -4.44 -12.40
CA LEU B 495 16.48 -4.78 -11.47
C LEU B 495 16.24 -6.29 -11.47
N PRO B 496 16.00 -6.90 -10.31
CA PRO B 496 15.87 -8.36 -10.24
C PRO B 496 14.54 -8.81 -10.79
N PRO B 497 14.42 -10.09 -11.18
CA PRO B 497 13.14 -10.62 -11.68
C PRO B 497 12.24 -11.11 -10.55
N ALA B 498 11.75 -10.16 -9.76
CA ALA B 498 10.88 -10.50 -8.65
C ALA B 498 9.55 -11.04 -9.17
N PRO B 499 8.98 -12.05 -8.51
CA PRO B 499 7.69 -12.58 -8.94
C PRO B 499 6.54 -11.84 -8.27
N ALA B 500 5.33 -12.14 -8.75
CA ALA B 500 4.13 -11.48 -8.24
C ALA B 500 3.92 -11.83 -6.78
N GLY B 501 3.94 -10.81 -5.92
CA GLY B 501 3.76 -11.00 -4.50
C GLY B 501 2.31 -10.81 -4.06
N ARG B 502 2.09 -11.06 -2.77
CA ARG B 502 0.76 -10.96 -2.18
C ARG B 502 0.56 -9.67 -1.39
N GLY B 503 1.59 -8.85 -1.26
CA GLY B 503 1.43 -7.58 -0.58
C GLY B 503 1.34 -7.71 0.93
N LEU B 504 0.70 -6.73 1.55
CA LEU B 504 0.57 -6.70 3.01
C LEU B 504 -0.32 -7.82 3.50
N THR B 505 0.00 -8.33 4.69
CA THR B 505 -0.85 -9.31 5.35
C THR B 505 -2.00 -8.60 6.06
N ALA B 506 -2.96 -9.40 6.55
CA ALA B 506 -4.10 -8.82 7.26
C ALA B 506 -3.66 -8.14 8.55
N GLY B 507 -2.73 -8.75 9.28
CA GLY B 507 -2.23 -8.14 10.50
C GLY B 507 -1.40 -6.90 10.22
N GLN B 508 -0.65 -6.90 9.12
CA GLN B 508 0.14 -5.71 8.77
C GLN B 508 -0.77 -4.56 8.34
N GLN B 509 -1.86 -4.87 7.64
CA GLN B 509 -2.79 -3.83 7.23
C GLN B 509 -3.63 -3.31 8.38
N ARG B 510 -3.97 -4.17 9.34
CA ARG B 510 -4.75 -3.73 10.49
C ARG B 510 -3.98 -2.70 11.32
N ARG B 511 -2.67 -2.90 11.45
CA ARG B 511 -1.86 -1.94 12.22
C ARG B 511 -1.87 -0.57 11.58
N ARG B 512 -1.77 -0.51 10.26
CA ARG B 512 -1.83 0.76 9.56
C ARG B 512 -3.15 1.48 9.86
N THR B 513 -4.27 0.74 9.80
CA THR B 513 -5.56 1.34 10.06
C THR B 513 -5.70 1.80 11.50
N ILE B 514 -5.13 1.04 12.44
CA ILE B 514 -5.22 1.42 13.85
C ILE B 514 -4.45 2.70 14.12
N GLY B 515 -3.22 2.78 13.63
CA GLY B 515 -2.43 3.98 13.83
C GLY B 515 -3.01 5.19 13.12
N ARG B 516 -3.62 4.97 11.95
CA ARG B 516 -4.26 6.08 11.23
C ARG B 516 -5.46 6.61 12.00
N SER B 517 -6.27 5.71 12.56
CA SER B 517 -7.48 6.15 13.26
C SER B 517 -7.14 6.87 14.56
N LEU B 518 -6.18 6.35 15.33
CA LEU B 518 -5.82 6.99 16.58
C LEU B 518 -5.21 8.37 16.34
N ALA B 519 -4.32 8.49 15.34
CA ALA B 519 -3.74 9.78 15.02
C ALA B 519 -4.81 10.76 14.54
N LEU B 520 -5.74 10.28 13.71
CA LEU B 520 -6.84 11.14 13.26
C LEU B 520 -7.81 11.47 14.39
N SER B 521 -7.75 10.74 15.50
CA SER B 521 -8.62 10.99 16.65
C SER B 521 -7.95 11.83 17.72
N GLY B 522 -6.79 12.40 17.43
CA GLY B 522 -6.11 13.28 18.37
C GLY B 522 -5.01 12.64 19.19
N TYR B 523 -4.49 11.49 18.78
CA TYR B 523 -3.42 10.83 19.51
C TYR B 523 -2.10 10.99 18.77
N VAL B 524 -1.01 10.98 19.53
CA VAL B 524 0.34 11.16 19.01
C VAL B 524 1.11 9.86 19.23
N GLU B 525 1.74 9.36 18.17
CA GLU B 525 2.45 8.09 18.25
C GLU B 525 3.86 8.29 18.79
N ILE B 526 4.31 7.34 19.61
CA ILE B 526 5.66 7.32 20.15
C ILE B 526 6.24 5.92 19.96
N LEU B 527 7.56 5.82 20.11
CA LEU B 527 8.25 4.55 20.05
C LEU B 527 8.54 4.06 21.45
N PRO B 528 7.88 3.02 21.95
CA PRO B 528 8.09 2.60 23.34
C PRO B 528 9.40 1.85 23.51
N THR B 529 10.13 2.21 24.57
CA THR B 529 11.39 1.54 24.87
C THR B 529 11.12 0.16 25.47
N PRO B 530 11.87 -0.85 25.07
CA PRO B 530 11.64 -2.20 25.62
C PRO B 530 12.13 -2.37 27.05
N PHE B 531 13.01 -1.49 27.54
CA PHE B 531 13.53 -1.61 28.89
C PHE B 531 12.57 -0.95 29.86
N LEU B 532 12.13 -1.71 30.87
CA LEU B 532 11.18 -1.19 31.84
C LEU B 532 11.87 -0.20 32.78
N PRO B 533 11.13 0.78 33.28
CA PRO B 533 11.69 1.67 34.30
C PRO B 533 11.99 0.92 35.59
N ALA B 534 12.80 1.57 36.44
CA ALA B 534 13.26 0.92 37.67
C ALA B 534 12.12 0.85 38.68
N GLY B 535 11.74 -0.36 39.05
CA GLY B 535 10.72 -0.56 40.08
C GLY B 535 9.37 0.02 39.74
N VAL B 536 8.94 -0.09 38.48
CA VAL B 536 7.67 0.49 38.07
C VAL B 536 6.51 -0.35 38.62
N PHE B 537 6.65 -1.67 38.62
CA PHE B 537 5.59 -2.52 39.15
C PHE B 537 5.41 -2.37 40.64
N ASP B 538 6.45 -1.94 41.36
CA ASP B 538 6.29 -1.62 42.78
C ASP B 538 5.48 -0.34 42.96
N LEU B 539 5.70 0.65 42.07
CA LEU B 539 4.89 1.85 42.10
C LEU B 539 3.44 1.53 41.74
N TRP B 540 3.23 0.59 40.81
CA TRP B 540 1.87 0.18 40.46
C TRP B 540 1.20 -0.59 41.58
N GLY B 541 1.97 -1.13 42.53
CA GLY B 541 1.40 -1.92 43.60
C GLY B 541 0.99 -3.31 43.19
N LEU B 542 1.68 -3.90 42.21
CA LEU B 542 1.31 -5.23 41.73
C LEU B 542 1.67 -6.30 42.75
N GLU B 543 0.88 -7.37 42.75
CA GLU B 543 1.17 -8.51 43.60
C GLU B 543 2.49 -9.16 43.19
N ALA B 544 3.12 -9.84 44.15
CA ALA B 544 4.42 -10.46 43.88
C ALA B 544 4.34 -11.55 42.82
N ASP B 545 3.16 -12.13 42.59
CA ASP B 545 2.98 -13.18 41.60
C ASP B 545 2.23 -12.69 40.37
N ASP B 546 2.20 -11.37 40.14
CA ASP B 546 1.54 -10.84 38.96
C ASP B 546 2.26 -11.32 37.70
N SER B 547 1.47 -11.64 36.66
CA SER B 547 2.03 -12.17 35.43
C SER B 547 2.95 -11.16 34.76
N ARG B 548 2.73 -9.86 34.99
CA ARG B 548 3.56 -8.85 34.36
C ARG B 548 4.96 -8.80 34.97
N ARG B 549 5.14 -9.32 36.18
CA ARG B 549 6.45 -9.30 36.82
C ARG B 549 7.38 -10.38 36.29
N MET B 550 6.85 -11.45 35.72
CA MET B 550 7.68 -12.47 35.09
C MET B 550 8.33 -11.92 33.84
N THR B 551 9.48 -11.25 34.00
CA THR B 551 10.15 -10.56 32.91
C THR B 551 11.40 -11.30 32.49
N THR B 552 11.90 -10.93 31.30
CA THR B 552 13.20 -11.37 30.82
C THR B 552 14.22 -10.27 31.08
N ARG B 553 15.36 -10.65 31.66
CA ARG B 553 16.38 -9.70 32.04
C ARG B 553 17.51 -9.66 31.02
N VAL B 554 18.17 -8.52 30.95
CA VAL B 554 19.30 -8.30 30.05
C VAL B 554 20.58 -8.30 30.89
N LEU B 555 21.57 -9.07 30.45
CA LEU B 555 22.82 -9.18 31.19
C LEU B 555 23.53 -7.83 31.27
N ASN B 556 23.71 -7.17 30.13
CA ASN B 556 24.49 -5.93 30.03
C ASN B 556 23.60 -4.82 29.50
N PRO B 557 22.79 -4.21 30.36
CA PRO B 557 21.97 -3.08 29.92
C PRO B 557 22.74 -1.77 29.95
N LEU B 558 22.19 -0.77 29.27
CA LEU B 558 22.80 0.56 29.30
C LEU B 558 22.70 1.17 30.69
N GLU B 559 21.57 0.97 31.37
CA GLU B 559 21.38 1.39 32.75
C GLU B 559 21.22 0.14 33.60
N ALA B 560 22.09 -0.01 34.61
CA ALA B 560 22.09 -1.22 35.42
C ALA B 560 20.80 -1.38 36.22
N ASP B 561 20.08 -0.30 36.47
CA ASP B 561 18.84 -0.35 37.23
C ASP B 561 17.62 -0.65 36.36
N ARG B 562 17.80 -0.81 35.04
CA ARG B 562 16.72 -1.11 34.11
C ARG B 562 17.14 -2.26 33.21
N PRO B 563 17.13 -3.49 33.72
CA PRO B 563 17.53 -4.63 32.89
C PRO B 563 16.38 -5.42 32.31
N GLN B 564 15.20 -5.30 32.90
CA GLN B 564 14.05 -6.13 32.52
C GLN B 564 13.37 -5.58 31.27
N LEU B 565 12.85 -6.51 30.47
CA LEU B 565 12.11 -6.16 29.27
C LEU B 565 10.64 -5.90 29.59
N ALA B 566 9.95 -5.25 28.67
CA ALA B 566 8.59 -4.78 28.92
C ALA B 566 7.59 -5.90 28.69
N THR B 567 6.83 -6.23 29.74
CA THR B 567 5.67 -7.10 29.62
C THR B 567 4.41 -6.32 29.29
N THR B 568 4.49 -5.00 29.22
CA THR B 568 3.36 -4.15 28.88
C THR B 568 3.90 -2.82 28.35
N LEU B 569 3.16 -2.25 27.39
CA LEU B 569 3.57 -1.00 26.76
C LEU B 569 3.23 0.24 27.59
N LEU B 570 2.55 0.07 28.73
CA LEU B 570 2.12 1.24 29.50
C LEU B 570 3.29 1.97 30.16
N PRO B 571 4.25 1.30 30.82
CA PRO B 571 5.33 2.07 31.47
C PRO B 571 6.11 2.97 30.52
N ALA B 572 6.36 2.52 29.29
CA ALA B 572 7.05 3.37 28.33
C ALA B 572 6.19 4.56 27.92
N LEU B 573 4.88 4.33 27.74
CA LEU B 573 3.99 5.43 27.39
C LEU B 573 3.84 6.41 28.55
N LEU B 574 3.75 5.90 29.78
CA LEU B 574 3.65 6.79 30.93
C LEU B 574 4.93 7.58 31.15
N GLU B 575 6.08 7.02 30.77
CA GLU B 575 7.33 7.77 30.88
C GLU B 575 7.37 8.89 29.85
N ALA B 576 6.94 8.62 28.63
CA ALA B 576 6.87 9.67 27.61
C ALA B 576 5.83 10.71 27.96
N LEU B 577 4.75 10.30 28.63
CA LEU B 577 3.74 11.27 29.07
C LEU B 577 4.29 12.21 30.12
N VAL B 578 5.11 11.70 31.04
CA VAL B 578 5.72 12.56 32.05
C VAL B 578 6.67 13.56 31.40
N ARG B 579 7.39 13.13 30.37
CA ARG B 579 8.31 14.03 29.68
C ARG B 579 7.56 15.20 29.04
N ASN B 580 6.44 14.92 28.38
CA ASN B 580 5.68 15.98 27.74
C ASN B 580 5.06 16.92 28.77
N VAL B 581 4.45 16.37 29.81
CA VAL B 581 3.77 17.19 30.81
C VAL B 581 4.79 18.05 31.57
N SER B 582 5.95 17.48 31.90
CA SER B 582 6.96 18.20 32.66
C SER B 582 7.68 19.25 31.83
N ARG B 583 7.31 19.46 30.56
CA ARG B 583 8.00 20.42 29.71
C ARG B 583 7.02 21.42 29.07
N GLY B 584 5.80 21.51 29.59
CA GLY B 584 4.84 22.51 29.14
C GLY B 584 3.66 21.95 28.38
N LEU B 585 3.74 20.71 27.89
CA LEU B 585 2.65 20.09 27.15
C LEU B 585 1.84 19.22 28.10
N VAL B 586 0.90 19.87 28.79
CA VAL B 586 0.14 19.21 29.86
C VAL B 586 -1.11 18.49 29.36
N ASP B 587 -1.56 18.78 28.14
CA ASP B 587 -2.72 18.10 27.55
C ASP B 587 -2.21 17.22 26.41
N VAL B 588 -1.98 15.94 26.73
CA VAL B 588 -1.35 15.02 25.80
C VAL B 588 -2.20 13.77 25.67
N ALA B 589 -2.08 13.10 24.52
CA ALA B 589 -2.72 11.82 24.27
C ALA B 589 -1.75 11.01 23.39
N LEU B 590 -1.04 10.07 24.00
CA LEU B 590 -0.04 9.28 23.31
C LEU B 590 -0.54 7.86 23.09
N PHE B 591 -0.07 7.24 22.01
CA PHE B 591 -0.37 5.85 21.73
C PHE B 591 0.86 5.18 21.12
N ALA B 592 0.89 3.85 21.20
CA ALA B 592 2.02 3.08 20.69
C ALA B 592 1.52 1.71 20.23
N ILE B 593 2.19 1.18 19.21
CA ILE B 593 1.92 -0.15 18.69
C ILE B 593 3.25 -0.87 18.59
N ALA B 594 3.47 -1.84 19.48
CA ALA B 594 4.73 -2.56 19.51
C ALA B 594 4.51 -3.91 20.20
N GLN B 595 5.57 -4.72 20.22
CA GLN B 595 5.52 -6.03 20.85
C GLN B 595 5.99 -5.96 22.29
N VAL B 596 5.50 -6.88 23.10
CA VAL B 596 5.95 -7.05 24.48
C VAL B 596 6.67 -8.38 24.58
N VAL B 597 7.37 -8.57 25.69
CA VAL B 597 8.14 -9.78 25.94
C VAL B 597 7.61 -10.41 27.23
N GLN B 598 6.89 -11.53 27.09
CA GLN B 598 6.28 -12.24 28.22
C GLN B 598 6.84 -13.65 28.29
N PRO B 599 7.90 -13.86 29.06
CA PRO B 599 8.41 -15.22 29.25
C PRO B 599 7.36 -16.16 29.81
N THR B 600 7.47 -17.44 29.42
CA THR B 600 6.62 -18.49 29.93
C THR B 600 7.34 -19.43 30.88
N GLU B 601 8.65 -19.26 31.06
CA GLU B 601 9.46 -20.09 31.96
C GLU B 601 10.74 -19.33 32.26
N GLN B 602 11.61 -19.95 33.05
CA GLN B 602 12.92 -19.38 33.30
C GLN B 602 13.76 -19.45 32.04
N THR B 603 14.70 -18.50 31.91
CA THR B 603 15.49 -18.40 30.68
C THR B 603 16.29 -19.67 30.45
N ARG B 604 16.04 -20.32 29.32
CA ARG B 604 16.71 -21.55 28.94
C ARG B 604 17.27 -21.39 27.54
N GLY B 605 18.50 -21.87 27.32
CA GLY B 605 19.13 -21.80 26.04
C GLY B 605 19.14 -23.15 25.33
N VAL B 606 19.37 -23.09 24.02
CA VAL B 606 19.46 -24.28 23.17
C VAL B 606 20.89 -24.38 22.65
N GLY B 607 21.48 -25.56 22.78
CA GLY B 607 22.86 -25.76 22.36
C GLY B 607 23.07 -25.51 20.88
N LEU B 608 24.34 -25.43 20.51
CA LEU B 608 24.71 -25.15 19.13
C LEU B 608 24.33 -26.32 18.23
N ILE B 609 23.49 -26.04 17.25
CA ILE B 609 23.10 -27.04 16.24
C ILE B 609 24.09 -26.97 15.09
N PRO B 610 24.56 -28.11 14.55
CA PRO B 610 25.50 -28.08 13.43
C PRO B 610 25.02 -27.22 12.27
N VAL B 611 25.84 -26.23 11.90
CA VAL B 611 25.48 -25.28 10.84
C VAL B 611 25.67 -25.87 9.45
N ASP B 612 26.46 -26.95 9.32
CA ASP B 612 26.76 -27.53 8.02
C ASP B 612 25.54 -28.05 7.28
N ARG B 613 24.36 -28.08 7.91
CA ARG B 613 23.15 -28.55 7.26
C ARG B 613 21.96 -27.72 7.75
N ARG B 614 20.81 -27.99 7.15
CA ARG B 614 19.58 -27.32 7.54
C ARG B 614 19.05 -27.94 8.83
N PRO B 615 18.61 -27.13 9.80
CA PRO B 615 18.00 -27.71 11.00
C PRO B 615 16.61 -28.24 10.68
N THR B 616 16.33 -29.47 11.13
CA THR B 616 15.04 -30.08 10.86
C THR B 616 13.93 -29.31 11.56
N ASP B 617 12.69 -29.55 11.12
CA ASP B 617 11.54 -28.84 11.66
C ASP B 617 11.33 -29.12 13.14
N ASP B 618 11.83 -30.25 13.65
CA ASP B 618 11.72 -30.53 15.08
C ASP B 618 12.60 -29.59 15.89
N GLU B 619 13.83 -29.35 15.43
CA GLU B 619 14.72 -28.43 16.14
C GLU B 619 14.26 -26.98 15.98
N ILE B 620 13.62 -26.66 14.85
CA ILE B 620 13.08 -25.31 14.68
C ILE B 620 11.97 -25.04 15.69
N ALA B 621 11.08 -26.03 15.89
CA ALA B 621 10.06 -25.90 16.92
C ALA B 621 10.65 -25.88 18.32
N MET B 622 11.85 -26.45 18.50
CA MET B 622 12.51 -26.40 19.80
C MET B 622 13.10 -25.02 20.07
N LEU B 623 13.72 -24.40 19.06
CA LEU B 623 14.26 -23.07 19.23
C LEU B 623 13.16 -22.04 19.44
N ASP B 624 12.00 -22.23 18.79
CA ASP B 624 10.89 -21.30 18.97
C ASP B 624 10.26 -21.45 20.35
N ALA B 625 10.21 -22.68 20.87
CA ALA B 625 9.65 -22.90 22.20
C ALA B 625 10.55 -22.37 23.31
N SER B 626 11.84 -22.21 23.04
CA SER B 626 12.77 -21.66 24.02
C SER B 626 12.71 -20.14 24.11
N LEU B 627 11.92 -19.49 23.25
CA LEU B 627 11.80 -18.04 23.23
C LEU B 627 10.54 -17.60 23.95
N PRO B 628 10.59 -16.47 24.66
CA PRO B 628 9.37 -15.93 25.28
C PRO B 628 8.38 -15.48 24.22
N ARG B 629 7.10 -15.50 24.60
CA ARG B 629 6.04 -15.06 23.70
C ARG B 629 6.15 -13.55 23.48
N GLN B 630 6.07 -13.12 22.22
CA GLN B 630 6.20 -11.72 21.85
C GLN B 630 4.93 -11.28 21.12
N PRO B 631 3.83 -11.07 21.83
CA PRO B 631 2.59 -10.66 21.19
C PRO B 631 2.57 -9.18 20.85
N GLN B 632 1.75 -8.85 19.86
CA GLN B 632 1.60 -7.45 19.43
C GLN B 632 0.59 -6.74 20.32
N HIS B 633 0.97 -5.59 20.83
CA HIS B 633 0.14 -4.82 21.74
C HIS B 633 -0.10 -3.41 21.20
N VAL B 634 -1.26 -2.86 21.54
CA VAL B 634 -1.58 -1.46 21.28
C VAL B 634 -2.02 -0.84 22.60
N ALA B 635 -1.50 0.36 22.89
CA ALA B 635 -1.78 0.99 24.16
C ALA B 635 -1.78 2.51 23.97
N ALA B 636 -2.41 3.20 24.93
CA ALA B 636 -2.52 4.66 24.87
C ALA B 636 -2.70 5.21 26.26
N VAL B 637 -2.26 6.46 26.45
CA VAL B 637 -2.41 7.17 27.72
C VAL B 637 -2.86 8.59 27.42
N LEU B 638 -3.65 9.14 28.33
CA LEU B 638 -4.21 10.48 28.17
C LEU B 638 -4.14 11.24 29.49
N ALA B 639 -3.96 12.55 29.39
CA ALA B 639 -3.91 13.41 30.56
C ALA B 639 -4.23 14.84 30.15
N GLY B 640 -4.66 15.63 31.12
CA GLY B 640 -4.98 17.02 30.85
C GLY B 640 -6.28 17.17 30.08
N LEU B 641 -6.33 18.22 29.26
CA LEU B 641 -7.51 18.48 28.45
C LEU B 641 -7.61 17.48 27.31
N ARG B 642 -8.76 16.82 27.21
CA ARG B 642 -9.02 15.96 26.06
C ARG B 642 -9.51 16.76 24.87
N GLU B 643 -10.43 17.70 25.11
CA GLU B 643 -10.87 18.64 24.09
C GLU B 643 -10.28 20.01 24.40
N PRO B 644 -9.53 20.62 23.50
CA PRO B 644 -8.89 21.91 23.80
C PRO B 644 -9.92 23.02 23.92
N ARG B 645 -9.53 24.06 24.65
CA ARG B 645 -10.39 25.22 24.81
C ARG B 645 -10.33 26.10 23.56
N GLY B 646 -11.38 26.89 23.38
CA GLY B 646 -11.48 27.78 22.26
C GLY B 646 -12.65 28.73 22.39
N PRO B 647 -13.10 29.31 21.28
CA PRO B 647 -14.29 30.17 21.33
C PRO B 647 -15.56 29.41 21.67
N TRP B 648 -15.56 28.09 21.55
CA TRP B 648 -16.74 27.29 21.91
C TRP B 648 -16.91 27.22 23.42
N GLY B 649 -15.83 26.96 24.14
CA GLY B 649 -15.88 26.84 25.58
C GLY B 649 -14.52 26.61 26.20
N PRO B 650 -14.50 26.20 27.47
CA PRO B 650 -13.23 26.04 28.19
C PRO B 650 -12.57 24.68 28.00
N GLY B 651 -13.18 23.77 27.24
CA GLY B 651 -12.61 22.46 27.02
C GLY B 651 -13.05 21.44 28.06
N ARG B 652 -12.75 20.18 27.75
CA ARG B 652 -13.16 19.06 28.59
C ARG B 652 -11.94 18.29 29.07
N PRO B 653 -11.76 18.11 30.38
CA PRO B 653 -10.63 17.31 30.87
C PRO B 653 -10.79 15.84 30.51
N VAL B 654 -9.67 15.12 30.61
CA VAL B 654 -9.65 13.70 30.28
C VAL B 654 -10.41 12.92 31.35
N GLU B 655 -11.31 12.05 30.92
CA GLU B 655 -12.04 11.16 31.82
C GLU B 655 -11.94 9.73 31.30
N ALA B 656 -12.44 8.79 32.11
CA ALA B 656 -12.32 7.38 31.78
C ALA B 656 -13.05 7.02 30.50
N ALA B 657 -14.15 7.72 30.19
CA ALA B 657 -14.89 7.44 28.97
C ALA B 657 -14.05 7.69 27.72
N ASP B 658 -13.06 8.59 27.82
CA ASP B 658 -12.18 8.83 26.68
C ASP B 658 -11.30 7.62 26.40
N ALA B 659 -10.86 6.93 27.46
CA ALA B 659 -10.11 5.69 27.26
C ALA B 659 -11.00 4.60 26.66
N PHE B 660 -12.25 4.52 27.09
CA PHE B 660 -13.18 3.58 26.50
C PHE B 660 -13.42 3.89 25.04
N GLU B 661 -13.46 5.19 24.69
CA GLU B 661 -13.62 5.58 23.29
C GLU B 661 -12.41 5.18 22.46
N ALA B 662 -11.21 5.22 23.04
CA ALA B 662 -10.03 4.73 22.34
C ALA B 662 -10.15 3.26 22.02
N VAL B 663 -10.79 2.48 22.91
CA VAL B 663 -11.02 1.06 22.65
C VAL B 663 -11.95 0.90 21.45
N ARG B 664 -13.04 1.68 21.43
CA ARG B 664 -14.00 1.57 20.34
C ARG B 664 -13.39 2.00 19.01
N ILE B 665 -12.41 2.90 19.04
CA ILE B 665 -11.73 3.31 17.81
C ILE B 665 -10.86 2.18 17.29
N ILE B 666 -10.10 1.54 18.18
CA ILE B 666 -9.28 0.40 17.77
C ILE B 666 -10.16 -0.75 17.30
N ALA B 667 -11.31 -0.94 17.96
CA ALA B 667 -12.23 -1.99 17.53
C ALA B 667 -12.80 -1.71 16.15
N ARG B 668 -13.20 -0.46 15.88
CA ARG B 668 -13.73 -0.12 14.57
C ARG B 668 -12.67 -0.24 13.50
N ALA B 669 -11.42 0.11 13.82
CA ALA B 669 -10.33 -0.03 12.86
C ALA B 669 -9.97 -1.49 12.61
N SER B 670 -10.31 -2.38 13.53
CA SER B 670 -10.04 -3.80 13.38
C SER B 670 -11.24 -4.59 12.88
N ARG B 671 -12.37 -3.92 12.62
CA ARG B 671 -13.57 -4.56 12.06
C ARG B 671 -14.10 -5.67 12.97
N VAL B 672 -14.04 -5.44 14.28
CA VAL B 672 -14.56 -6.40 15.25
C VAL B 672 -15.48 -5.66 16.22
N ASP B 673 -16.27 -6.44 16.95
CA ASP B 673 -17.15 -5.91 17.99
C ASP B 673 -16.59 -6.29 19.35
N VAL B 674 -16.56 -5.33 20.26
CA VAL B 674 -16.04 -5.54 21.61
C VAL B 674 -17.13 -5.25 22.62
N THR B 675 -17.02 -5.90 23.78
CA THR B 675 -17.88 -5.65 24.92
C THR B 675 -17.03 -5.17 26.07
N LEU B 676 -17.57 -4.23 26.86
CA LEU B 676 -16.88 -3.65 28.00
C LEU B 676 -17.57 -4.08 29.28
N ARG B 677 -16.83 -4.72 30.17
CA ARG B 677 -17.36 -5.17 31.45
C ARG B 677 -16.48 -4.63 32.58
N PRO B 678 -17.08 -4.20 33.68
CA PRO B 678 -16.28 -3.67 34.79
C PRO B 678 -15.33 -4.73 35.34
N ALA B 679 -14.16 -4.27 35.79
CA ALA B 679 -13.14 -5.18 36.28
C ALA B 679 -12.23 -4.45 37.25
N GLN B 680 -11.53 -5.23 38.07
CA GLN B 680 -10.50 -4.73 38.98
C GLN B 680 -9.16 -5.20 38.47
N TYR B 681 -8.29 -4.25 38.11
CA TYR B 681 -7.02 -4.60 37.48
C TYR B 681 -6.08 -3.40 37.60
N LEU B 682 -5.09 -3.52 38.48
CA LEU B 682 -4.08 -2.47 38.61
C LEU B 682 -3.30 -2.32 37.31
N PRO B 683 -2.82 -1.12 36.99
CA PRO B 683 -2.86 0.12 37.78
C PRO B 683 -4.09 0.98 37.52
N TRP B 684 -5.22 0.39 37.16
CA TRP B 684 -6.42 1.16 36.87
C TRP B 684 -7.23 1.42 38.14
N HIS B 685 -8.10 2.41 38.05
CA HIS B 685 -9.05 2.69 39.13
C HIS B 685 -10.09 1.58 39.17
N PRO B 686 -10.24 0.85 40.28
CA PRO B 686 -11.17 -0.30 40.29
C PRO B 686 -12.62 0.06 40.01
N GLY B 687 -13.00 1.33 40.16
CA GLY B 687 -14.35 1.75 39.86
C GLY B 687 -14.47 2.43 38.52
N ARG B 688 -13.34 2.66 37.86
CA ARG B 688 -13.29 3.30 36.54
C ARG B 688 -12.46 2.47 35.57
N CYS B 689 -12.54 1.15 35.69
CA CYS B 689 -11.78 0.24 34.86
C CYS B 689 -12.73 -0.72 34.15
N ALA B 690 -12.42 -1.01 32.88
CA ALA B 690 -13.22 -1.92 32.07
C ALA B 690 -12.30 -2.94 31.41
N GLN B 691 -12.71 -4.21 31.45
CA GLN B 691 -12.03 -5.26 30.73
C GLN B 691 -12.65 -5.41 29.35
N VAL B 692 -11.81 -5.40 28.33
CA VAL B 692 -12.28 -5.45 26.94
C VAL B 692 -12.34 -6.91 26.49
N PHE B 693 -13.45 -7.28 25.86
CA PHE B 693 -13.68 -8.64 25.40
C PHE B 693 -14.04 -8.61 23.93
N VAL B 694 -13.42 -9.48 23.14
CA VAL B 694 -13.82 -9.75 21.77
C VAL B 694 -14.49 -11.12 21.78
N GLY B 695 -15.83 -11.13 21.80
CA GLY B 695 -16.55 -12.37 21.99
C GLY B 695 -16.46 -12.84 23.42
N GLU B 696 -15.82 -13.99 23.63
CA GLU B 696 -15.60 -14.52 24.97
C GLU B 696 -14.15 -14.43 25.41
N SER B 697 -13.27 -13.85 24.59
CA SER B 697 -11.86 -13.76 24.89
C SER B 697 -11.51 -12.36 25.38
N SER B 698 -10.78 -12.28 26.49
CA SER B 698 -10.34 -11.00 27.02
C SER B 698 -9.14 -10.50 26.22
N VAL B 699 -9.18 -9.23 25.84
CA VAL B 699 -8.13 -8.65 25.00
C VAL B 699 -7.40 -7.49 25.67
N GLY B 700 -7.88 -6.98 26.79
CA GLY B 700 -7.18 -5.91 27.48
C GLY B 700 -8.10 -5.17 28.42
N HIS B 701 -7.58 -4.05 28.93
CA HIS B 701 -8.27 -3.20 29.87
C HIS B 701 -8.17 -1.74 29.45
N ALA B 702 -9.00 -0.89 30.06
CA ALA B 702 -9.00 0.53 29.77
C ALA B 702 -9.73 1.25 30.89
N GLY B 703 -9.44 2.55 31.02
CA GLY B 703 -10.11 3.40 31.98
C GLY B 703 -9.12 4.34 32.63
N GLN B 704 -9.51 4.86 33.79
CA GLN B 704 -8.70 5.79 34.55
C GLN B 704 -7.77 5.03 35.48
N LEU B 705 -6.54 5.53 35.61
CA LEU B 705 -5.55 4.88 36.47
C LEU B 705 -5.89 5.08 37.94
N HIS B 706 -5.31 4.20 38.77
CA HIS B 706 -5.54 4.28 40.20
C HIS B 706 -4.94 5.57 40.76
N PRO B 707 -5.67 6.27 41.65
CA PRO B 707 -5.13 7.53 42.20
C PRO B 707 -3.87 7.33 43.02
N ALA B 708 -3.73 6.19 43.70
CA ALA B 708 -2.50 5.93 44.44
C ALA B 708 -1.33 5.64 43.50
N VAL B 709 -1.60 4.96 42.39
CA VAL B 709 -0.56 4.73 41.39
C VAL B 709 -0.11 6.06 40.78
N ILE B 710 -1.06 6.96 40.52
CA ILE B 710 -0.72 8.27 39.98
C ILE B 710 0.17 9.04 40.95
N GLU B 711 -0.16 8.97 42.25
CA GLU B 711 0.64 9.66 43.25
C GLU B 711 2.05 9.09 43.32
N ARG B 712 2.17 7.76 43.41
CA ARG B 712 3.48 7.13 43.55
C ARG B 712 4.33 7.25 42.28
N SER B 713 3.71 7.45 41.12
CA SER B 713 4.44 7.53 39.86
C SER B 713 4.65 8.95 39.38
N GLY B 714 4.16 9.95 40.11
CA GLY B 714 4.32 11.34 39.69
C GLY B 714 3.58 11.69 38.42
N LEU B 715 2.46 11.04 38.17
CA LEU B 715 1.67 11.27 36.96
C LEU B 715 0.67 12.39 37.20
N PRO B 716 0.15 13.00 36.12
CA PRO B 716 -0.91 13.99 36.29
C PRO B 716 -2.18 13.36 36.85
N LYS B 717 -2.94 14.17 37.58
CA LYS B 717 -4.18 13.68 38.18
C LYS B 717 -5.19 13.31 37.10
N GLY B 718 -5.90 12.21 37.32
CA GLY B 718 -6.89 11.76 36.37
C GLY B 718 -6.34 11.18 35.09
N THR B 719 -5.10 10.68 35.11
CA THR B 719 -4.50 10.09 33.93
C THR B 719 -5.21 8.78 33.58
N CYS B 720 -5.59 8.64 32.32
CA CYS B 720 -6.28 7.44 31.84
C CYS B 720 -5.36 6.64 30.93
N ALA B 721 -5.61 5.33 30.86
CA ALA B 721 -4.78 4.43 30.08
C ALA B 721 -5.65 3.35 29.45
N VAL B 722 -5.08 2.69 28.45
CA VAL B 722 -5.76 1.61 27.74
C VAL B 722 -4.68 0.73 27.11
N GLU B 723 -4.87 -0.59 27.19
CA GLU B 723 -3.95 -1.53 26.59
C GLU B 723 -4.73 -2.73 26.06
N LEU B 724 -4.44 -3.12 24.82
CA LEU B 724 -5.10 -4.25 24.18
C LEU B 724 -4.05 -5.18 23.57
N ASN B 725 -4.35 -6.47 23.59
CA ASN B 725 -3.51 -7.48 22.94
C ASN B 725 -4.02 -7.68 21.52
N LEU B 726 -3.29 -7.14 20.55
CA LEU B 726 -3.72 -7.23 19.16
C LEU B 726 -3.73 -8.67 18.65
N ASP B 727 -2.81 -9.50 19.11
CA ASP B 727 -2.78 -10.89 18.69
C ASP B 727 -3.90 -11.71 19.30
N ALA B 728 -4.55 -11.20 20.35
CA ALA B 728 -5.73 -11.85 20.91
C ALA B 728 -7.00 -11.52 20.14
N ILE B 729 -6.95 -10.55 19.23
CA ILE B 729 -8.11 -10.15 18.43
C ILE B 729 -8.01 -10.90 17.10
N PRO B 730 -9.01 -11.71 16.74
CA PRO B 730 -8.95 -12.43 15.47
C PRO B 730 -9.13 -11.49 14.28
N CYS B 731 -8.34 -11.72 13.24
CA CYS B 731 -8.47 -10.94 12.01
C CYS B 731 -9.80 -11.29 11.34
N SER B 732 -10.60 -10.26 11.06
CA SER B 732 -11.93 -10.44 10.51
C SER B 732 -12.05 -9.77 9.16
N ALA B 733 -12.77 -10.41 8.24
CA ALA B 733 -13.06 -9.86 6.93
C ALA B 733 -14.54 -10.09 6.63
N PRO B 734 -15.41 -9.25 7.17
CA PRO B 734 -16.85 -9.47 6.98
C PRO B 734 -17.29 -9.07 5.58
N LEU B 735 -18.32 -9.79 5.09
CA LEU B 735 -18.92 -9.52 3.78
C LEU B 735 -20.40 -9.23 4.00
N PRO B 736 -20.74 -7.99 4.37
CA PRO B 736 -22.15 -7.67 4.65
C PRO B 736 -22.96 -7.62 3.37
N ALA B 737 -24.23 -8.02 3.49
CA ALA B 737 -25.20 -7.98 2.39
C ALA B 737 -26.44 -7.23 2.84
N PRO B 738 -26.35 -5.91 2.94
CA PRO B 738 -27.51 -5.14 3.43
C PRO B 738 -28.59 -5.03 2.37
N ARG B 739 -29.84 -5.09 2.82
CA ARG B 739 -31.00 -4.91 1.97
C ARG B 739 -31.83 -3.76 2.54
N VAL B 740 -31.80 -2.62 1.87
CA VAL B 740 -32.46 -1.42 2.37
C VAL B 740 -33.97 -1.55 2.17
N SER B 741 -34.72 -1.23 3.23
CA SER B 741 -36.17 -1.33 3.19
C SER B 741 -36.78 -0.01 2.73
N PRO B 742 -37.63 -0.01 1.71
CA PRO B 742 -38.23 1.24 1.22
C PRO B 742 -39.43 1.71 2.03
N TYR B 743 -39.79 1.03 3.10
CA TYR B 743 -40.97 1.37 3.88
C TYR B 743 -40.59 2.27 5.05
N PRO B 744 -41.52 3.11 5.51
CA PRO B 744 -41.20 4.05 6.59
C PRO B 744 -40.93 3.32 7.90
N ALA B 745 -40.41 4.09 8.85
CA ALA B 745 -40.06 3.58 10.17
C ALA B 745 -41.03 4.11 11.21
N VAL B 746 -40.93 3.54 12.41
CA VAL B 746 -41.73 3.97 13.56
C VAL B 746 -40.78 4.35 14.67
N PHE B 747 -40.96 5.55 15.23
CA PHE B 747 -40.09 6.08 16.27
C PHE B 747 -40.79 6.00 17.61
N GLN B 748 -40.12 5.37 18.58
CA GLN B 748 -40.64 5.25 19.94
C GLN B 748 -39.49 5.33 20.93
N ASP B 749 -39.78 5.88 22.10
CA ASP B 749 -38.82 5.98 23.19
C ASP B 749 -39.30 5.15 24.37
N VAL B 750 -38.39 4.39 24.98
CA VAL B 750 -38.70 3.54 26.11
C VAL B 750 -37.85 4.00 27.30
N SER B 751 -38.49 4.18 28.45
CA SER B 751 -37.83 4.63 29.66
C SER B 751 -37.90 3.51 30.70
N LEU B 752 -36.74 3.01 31.11
CA LEU B 752 -36.65 1.89 32.04
C LEU B 752 -35.83 2.29 33.26
N VAL B 753 -36.25 1.82 34.42
CA VAL B 753 -35.58 2.09 35.70
C VAL B 753 -34.90 0.80 36.15
N VAL B 754 -33.59 0.87 36.37
CA VAL B 754 -32.80 -0.27 36.81
C VAL B 754 -31.91 0.15 37.97
N ALA B 755 -31.27 -0.84 38.59
CA ALA B 755 -30.32 -0.57 39.64
C ALA B 755 -29.11 0.18 39.07
N ALA B 756 -28.43 0.94 39.94
CA ALA B 756 -27.31 1.76 39.49
C ALA B 756 -26.15 0.91 38.98
N ASP B 757 -26.02 -0.32 39.47
CA ASP B 757 -24.94 -1.20 39.06
C ASP B 757 -25.17 -1.84 37.70
N ILE B 758 -26.39 -1.81 37.17
CA ILE B 758 -26.71 -2.43 35.89
C ILE B 758 -26.05 -1.63 34.77
N PRO B 759 -25.22 -2.26 33.94
CA PRO B 759 -24.64 -1.54 32.81
C PRO B 759 -25.70 -1.16 31.78
N ALA B 760 -25.52 0.00 31.17
CA ALA B 760 -26.49 0.47 30.18
C ALA B 760 -26.49 -0.41 28.94
N GLN B 761 -25.34 -0.98 28.58
CA GLN B 761 -25.29 -1.88 27.44
C GLN B 761 -26.07 -3.16 27.69
N ALA B 762 -26.12 -3.61 28.95
CA ALA B 762 -26.90 -4.80 29.27
C ALA B 762 -28.40 -4.54 29.13
N VAL B 763 -28.84 -3.31 29.39
CA VAL B 763 -30.25 -2.97 29.17
C VAL B 763 -30.56 -2.92 27.69
N ALA B 764 -29.65 -2.34 26.89
CA ALA B 764 -29.87 -2.27 25.46
C ALA B 764 -29.80 -3.65 24.82
N ASP B 765 -28.94 -4.53 25.34
CA ASP B 765 -28.86 -5.89 24.82
C ASP B 765 -30.16 -6.65 25.08
N ALA B 766 -30.80 -6.38 26.22
CA ALA B 766 -32.05 -7.06 26.54
C ALA B 766 -33.20 -6.50 25.72
N VAL B 767 -33.21 -5.17 25.52
CA VAL B 767 -34.25 -4.57 24.68
C VAL B 767 -34.13 -5.05 23.24
N ARG B 768 -32.90 -5.15 22.73
CA ARG B 768 -32.70 -5.65 21.38
C ARG B 768 -33.08 -7.11 21.26
N ALA B 769 -32.83 -7.90 22.31
CA ALA B 769 -33.13 -9.33 22.25
C ALA B 769 -34.62 -9.59 22.27
N GLY B 770 -35.41 -8.70 22.88
CA GLY B 770 -36.83 -8.90 22.97
C GLY B 770 -37.63 -8.24 21.87
N ALA B 771 -37.07 -7.16 21.28
CA ALA B 771 -37.78 -6.45 20.23
C ALA B 771 -37.91 -7.29 18.97
N GLY B 772 -36.86 -8.00 18.60
CA GLY B 772 -36.89 -8.86 17.43
C GLY B 772 -36.24 -8.22 16.21
N ASP B 773 -36.63 -8.74 15.05
CA ASP B 773 -36.06 -8.26 13.79
C ASP B 773 -36.59 -6.89 13.39
N LEU B 774 -37.71 -6.45 13.97
CA LEU B 774 -38.27 -5.16 13.60
C LEU B 774 -37.44 -3.99 14.10
N LEU B 775 -36.56 -4.23 15.08
CA LEU B 775 -35.74 -3.15 15.63
C LEU B 775 -34.60 -2.84 14.66
N GLU B 776 -34.58 -1.60 14.16
CA GLU B 776 -33.56 -1.17 13.22
C GLU B 776 -32.40 -0.46 13.91
N ASP B 777 -32.68 0.33 14.94
CA ASP B 777 -31.65 1.10 15.62
C ASP B 777 -32.10 1.39 17.05
N ILE B 778 -31.14 1.40 17.97
CA ILE B 778 -31.38 1.71 19.37
C ILE B 778 -30.25 2.62 19.85
N ALA B 779 -30.62 3.70 20.54
CA ALA B 779 -29.65 4.67 21.02
C ALA B 779 -30.09 5.21 22.38
N LEU B 780 -29.17 5.18 23.34
CA LEU B 780 -29.43 5.75 24.65
C LEU B 780 -29.20 7.26 24.61
N PHE B 781 -30.13 8.01 25.18
CA PHE B 781 -29.99 9.46 25.18
C PHE B 781 -30.34 10.11 26.52
N ASP B 782 -30.58 9.34 27.57
CA ASP B 782 -30.90 9.91 28.87
C ASP B 782 -30.57 8.93 29.98
N VAL B 783 -29.82 9.40 30.97
CA VAL B 783 -29.57 8.66 32.21
C VAL B 783 -29.98 9.58 33.35
N PHE B 784 -31.12 9.29 33.97
CA PHE B 784 -31.71 10.17 34.97
C PHE B 784 -31.63 9.54 36.35
N THR B 785 -31.15 10.32 37.32
CA THR B 785 -31.03 9.88 38.70
C THR B 785 -31.61 10.92 39.66
N GLY B 786 -32.78 11.45 39.33
CA GLY B 786 -33.43 12.44 40.15
C GLY B 786 -34.03 11.85 41.41
N PRO B 787 -34.83 12.65 42.12
CA PRO B 787 -35.45 12.15 43.36
C PRO B 787 -36.65 11.24 43.12
N GLN B 788 -37.31 11.35 41.96
CA GLN B 788 -38.39 10.42 41.64
C GLN B 788 -37.87 9.00 41.48
N ILE B 789 -36.61 8.85 41.09
CA ILE B 789 -35.97 7.54 40.99
C ILE B 789 -35.30 7.23 42.32
N GLY B 790 -35.53 6.03 42.82
CA GLY B 790 -35.03 5.64 44.12
C GLY B 790 -33.51 5.65 44.20
N GLU B 791 -33.02 5.56 45.42
CA GLU B 791 -31.58 5.54 45.66
C GLU B 791 -30.96 4.27 45.08
N HIS B 792 -29.71 4.41 44.63
CA HIS B 792 -28.98 3.32 43.97
C HIS B 792 -29.73 2.80 42.75
N ARG B 793 -30.52 3.66 42.12
CA ARG B 793 -31.27 3.31 40.91
C ARG B 793 -31.14 4.44 39.90
N LYS B 794 -31.40 4.12 38.64
CA LYS B 794 -31.27 5.10 37.57
C LYS B 794 -32.32 4.81 36.50
N SER B 795 -32.71 5.86 35.80
CA SER B 795 -33.66 5.76 34.69
C SER B 795 -32.92 5.97 33.38
N LEU B 796 -33.13 5.05 32.44
CA LEU B 796 -32.52 5.10 31.12
C LEU B 796 -33.61 5.18 30.07
N THR B 797 -33.46 6.10 29.12
CA THR B 797 -34.40 6.27 28.01
C THR B 797 -33.67 6.02 26.71
N PHE B 798 -34.17 5.05 25.94
CA PHE B 798 -33.58 4.67 24.66
C PHE B 798 -34.47 5.14 23.52
N ALA B 799 -33.85 5.55 22.42
CA ALA B 799 -34.58 5.94 21.22
C ALA B 799 -34.66 4.72 20.30
N LEU B 800 -35.86 4.18 20.13
CA LEU B 800 -36.08 3.00 19.31
C LEU B 800 -36.61 3.40 17.93
N ARG B 801 -36.17 2.67 16.91
CA ARG B 801 -36.62 2.89 15.53
C ARG B 801 -36.98 1.53 14.94
N PHE B 802 -38.26 1.31 14.70
CA PHE B 802 -38.76 0.06 14.14
C PHE B 802 -39.05 0.24 12.66
N ARG B 803 -38.71 -0.78 11.86
CA ARG B 803 -38.98 -0.76 10.43
C ARG B 803 -39.13 -2.18 9.92
N ALA B 804 -40.17 -2.42 9.11
CA ALA B 804 -40.43 -3.71 8.51
C ALA B 804 -39.84 -3.78 7.11
N PRO B 805 -39.36 -4.96 6.68
CA PRO B 805 -38.76 -5.06 5.35
C PRO B 805 -39.75 -5.26 4.22
N ASP B 806 -41.04 -5.48 4.52
CA ASP B 806 -42.01 -5.78 3.46
C ASP B 806 -43.36 -5.12 3.66
N ARG B 807 -43.51 -4.24 4.65
CA ARG B 807 -44.82 -3.67 4.94
C ARG B 807 -44.63 -2.40 5.76
N THR B 808 -45.73 -1.63 5.86
CA THR B 808 -45.78 -0.49 6.76
C THR B 808 -46.42 -0.92 8.07
N LEU B 809 -45.79 -0.56 9.18
CA LEU B 809 -46.24 -0.98 10.49
C LEU B 809 -47.26 0.01 11.05
N THR B 810 -48.02 -0.46 12.04
CA THR B 810 -48.88 0.38 12.85
C THR B 810 -48.19 0.69 14.17
N GLU B 811 -48.77 1.64 14.90
CA GLU B 811 -48.23 1.94 16.23
C GLU B 811 -48.39 0.74 17.17
N ASP B 812 -49.46 -0.05 16.98
CA ASP B 812 -49.61 -1.27 17.76
C ASP B 812 -48.58 -2.32 17.35
N ASP B 813 -48.16 -2.31 16.08
CA ASP B 813 -47.13 -3.24 15.65
C ASP B 813 -45.80 -2.95 16.34
N ALA B 814 -45.43 -1.67 16.45
CA ALA B 814 -44.18 -1.32 17.11
C ALA B 814 -44.30 -1.46 18.62
N SER B 815 -45.47 -1.11 19.18
CA SER B 815 -45.67 -1.25 20.62
C SER B 815 -45.62 -2.70 21.06
N ALA B 816 -46.02 -3.62 20.18
CA ALA B 816 -45.91 -5.05 20.51
C ALA B 816 -44.47 -5.46 20.67
N ALA B 817 -43.60 -5.05 19.74
CA ALA B 817 -42.18 -5.33 19.87
C ALA B 817 -41.56 -4.56 21.03
N ARG B 818 -42.06 -3.36 21.30
CA ARG B 818 -41.57 -2.59 22.45
C ARG B 818 -41.94 -3.26 23.76
N ASP B 819 -43.17 -3.77 23.86
CA ASP B 819 -43.59 -4.46 25.07
C ASP B 819 -42.79 -5.73 25.28
N ALA B 820 -42.55 -6.49 24.21
CA ALA B 820 -41.71 -7.68 24.32
C ALA B 820 -40.28 -7.31 24.70
N ALA B 821 -39.82 -6.14 24.28
CA ALA B 821 -38.50 -5.68 24.70
C ALA B 821 -38.51 -5.26 26.17
N VAL B 822 -39.59 -4.63 26.61
CA VAL B 822 -39.70 -4.25 28.02
C VAL B 822 -39.74 -5.48 28.91
N GLN B 823 -40.46 -6.52 28.48
CA GLN B 823 -40.52 -7.76 29.25
C GLN B 823 -39.15 -8.43 29.30
N SER B 824 -38.40 -8.37 28.19
CA SER B 824 -37.07 -8.96 28.18
C SER B 824 -36.13 -8.22 29.12
N ALA B 825 -36.19 -6.89 29.14
CA ALA B 825 -35.37 -6.12 30.08
C ALA B 825 -35.76 -6.39 31.52
N ALA B 826 -37.04 -6.64 31.78
CA ALA B 826 -37.47 -6.97 33.13
C ALA B 826 -36.93 -8.32 33.58
N GLU B 827 -36.75 -9.26 32.65
CA GLU B 827 -36.28 -10.59 33.00
C GLU B 827 -34.76 -10.66 33.11
N ARG B 828 -34.04 -9.86 32.34
CA ARG B 828 -32.59 -9.97 32.25
C ARG B 828 -31.85 -8.98 33.15
N VAL B 829 -32.32 -7.74 33.24
CA VAL B 829 -31.67 -6.73 34.07
C VAL B 829 -32.61 -6.17 35.14
N GLY B 830 -33.75 -6.81 35.37
CA GLY B 830 -34.68 -6.35 36.38
C GLY B 830 -35.25 -4.99 36.11
N ALA B 831 -35.44 -4.63 34.84
CA ALA B 831 -35.93 -3.31 34.49
C ALA B 831 -37.40 -3.15 34.85
N VAL B 832 -37.77 -1.92 35.21
CA VAL B 832 -39.14 -1.55 35.51
C VAL B 832 -39.54 -0.40 34.60
N LEU B 833 -40.67 -0.54 33.93
CA LEU B 833 -41.17 0.53 33.07
C LEU B 833 -41.37 1.80 33.89
N ARG B 834 -40.83 2.91 33.39
CA ARG B 834 -40.88 4.16 34.14
C ARG B 834 -42.31 4.63 34.33
N GLY B 835 -42.67 4.91 35.57
CA GLY B 835 -44.01 5.38 35.90
C GLY B 835 -44.00 6.61 36.79
N SER D 7 21.47 28.67 77.99
CA SER D 7 20.11 28.17 77.86
C SER D 7 19.24 29.16 77.09
N ASN D 8 18.24 28.62 76.39
CA ASN D 8 17.28 29.44 75.64
C ASN D 8 15.90 28.82 75.75
N ALA D 9 14.88 29.67 75.88
CA ALA D 9 13.54 29.20 76.20
C ALA D 9 12.94 28.39 75.05
N MET D 10 13.19 28.79 73.80
CA MET D 10 12.61 28.11 72.67
C MET D 10 13.11 26.69 72.50
N LEU D 11 14.18 26.30 73.20
CA LEU D 11 14.74 24.96 73.11
C LEU D 11 14.57 24.16 74.40
N SER D 12 13.84 24.71 75.37
CA SER D 12 13.59 24.03 76.62
C SER D 12 12.73 22.79 76.39
N PRO D 13 12.75 21.81 77.32
CA PRO D 13 11.93 20.61 77.13
C PRO D 13 10.44 20.88 77.17
N GLU D 14 10.01 22.00 77.75
CA GLU D 14 8.60 22.35 77.73
C GLU D 14 8.22 23.03 76.42
N ALA D 15 9.15 23.72 75.77
CA ALA D 15 8.86 24.36 74.49
C ALA D 15 8.91 23.36 73.34
N LEU D 16 9.67 22.27 73.50
CA LEU D 16 9.70 21.24 72.47
C LEU D 16 8.50 20.31 72.56
N THR D 17 8.01 20.04 73.76
CA THR D 17 6.82 19.20 73.91
C THR D 17 5.55 19.96 73.58
N THR D 18 5.56 21.29 73.72
CA THR D 18 4.40 22.09 73.34
C THR D 18 4.26 22.24 71.83
N ALA D 19 5.36 22.08 71.09
CA ALA D 19 5.29 21.99 69.64
C ALA D 19 5.01 20.58 69.16
N VAL D 20 5.43 19.57 69.92
CA VAL D 20 5.08 18.19 69.60
C VAL D 20 3.59 17.96 69.81
N ASP D 21 3.05 18.47 70.93
CA ASP D 21 1.62 18.31 71.19
C ASP D 21 0.77 19.04 70.15
N ALA D 22 1.22 20.23 69.74
CA ALA D 22 0.49 20.96 68.70
C ALA D 22 0.60 20.26 67.35
N ALA D 23 1.69 19.53 67.11
CA ALA D 23 1.85 18.81 65.85
C ALA D 23 1.10 17.48 65.87
N GLN D 24 1.23 16.73 66.96
CA GLN D 24 0.58 15.43 67.04
C GLN D 24 -0.94 15.56 67.12
N GLN D 25 -1.44 16.66 67.68
CA GLN D 25 -2.88 16.85 67.77
C GLN D 25 -3.48 17.07 66.38
N ALA D 26 -2.86 17.94 65.57
CA ALA D 26 -3.33 18.13 64.21
C ALA D 26 -3.12 16.88 63.36
N ILE D 27 -2.14 16.05 63.73
CA ILE D 27 -1.93 14.79 63.02
C ILE D 27 -3.02 13.80 63.37
N ALA D 28 -3.35 13.67 64.66
CA ALA D 28 -4.35 12.71 65.09
C ALA D 28 -5.75 13.07 64.58
N LEU D 29 -6.00 14.35 64.33
CA LEU D 29 -7.30 14.80 63.85
C LEU D 29 -7.31 15.08 62.36
N ALA D 30 -6.30 14.62 61.62
CA ALA D 30 -6.28 14.76 60.17
C ALA D 30 -7.24 13.77 59.55
N ASP D 31 -8.29 14.26 58.90
CA ASP D 31 -9.33 13.41 58.34
C ASP D 31 -9.06 13.01 56.90
N THR D 32 -8.52 13.93 56.10
CA THR D 32 -8.25 13.67 54.69
C THR D 32 -6.75 13.82 54.41
N LEU D 33 -6.35 13.33 53.24
CA LEU D 33 -4.95 13.43 52.84
C LEU D 33 -4.56 14.87 52.54
N ASP D 34 -5.48 15.66 51.98
CA ASP D 34 -5.18 17.05 51.67
C ASP D 34 -5.06 17.89 52.93
N VAL D 35 -5.78 17.52 53.99
CA VAL D 35 -5.67 18.25 55.25
C VAL D 35 -4.32 17.96 55.91
N LEU D 36 -3.88 16.70 55.87
CA LEU D 36 -2.58 16.35 56.45
C LEU D 36 -1.44 17.06 55.72
N ALA D 37 -1.62 17.39 54.45
CA ALA D 37 -0.58 18.11 53.72
C ALA D 37 -0.37 19.49 54.31
N ARG D 38 -1.46 20.21 54.61
CA ARG D 38 -1.33 21.50 55.27
C ARG D 38 -0.80 21.35 56.69
N VAL D 39 -1.15 20.26 57.37
CA VAL D 39 -0.61 20.00 58.69
C VAL D 39 0.89 19.77 58.62
N LYS D 40 1.35 18.99 57.64
CA LYS D 40 2.77 18.76 57.47
C LYS D 40 3.52 20.04 57.12
N THR D 41 2.87 20.94 56.37
CA THR D 41 3.53 22.19 56.01
C THR D 41 3.65 23.12 57.22
N GLU D 42 2.62 23.17 58.06
CA GLU D 42 2.59 24.10 59.18
C GLU D 42 3.31 23.57 60.42
N HIS D 43 3.30 22.25 60.65
CA HIS D 43 3.89 21.67 61.85
C HIS D 43 5.16 20.88 61.59
N LEU D 44 5.55 20.72 60.32
CA LEU D 44 6.80 20.04 60.00
C LEU D 44 7.59 20.70 58.88
N GLY D 45 7.06 21.72 58.21
CA GLY D 45 7.75 22.38 57.14
C GLY D 45 8.88 23.26 57.61
N ASP D 46 9.44 24.03 56.67
CA ASP D 46 10.58 24.88 56.98
C ASP D 46 10.21 26.01 57.94
N ARG D 47 8.95 26.44 57.93
CA ARG D 47 8.49 27.51 58.81
C ARG D 47 7.86 26.97 60.10
N SER D 48 7.90 25.66 60.32
CA SER D 48 7.28 25.08 61.50
C SER D 48 8.08 25.43 62.75
N PRO D 49 7.45 25.36 63.93
CA PRO D 49 8.19 25.62 65.17
C PRO D 49 9.33 24.63 65.41
N LEU D 50 9.09 23.34 65.16
CA LEU D 50 10.14 22.35 65.39
C LEU D 50 11.33 22.57 64.46
N ALA D 51 11.07 22.91 63.20
CA ALA D 51 12.16 23.22 62.29
C ALA D 51 12.87 24.51 62.67
N LEU D 52 12.12 25.47 63.23
CA LEU D 52 12.76 26.69 63.72
C LEU D 52 13.64 26.41 64.93
N ALA D 53 13.30 25.39 65.71
CA ALA D 53 14.17 24.96 66.80
C ALA D 53 15.43 24.27 66.31
N ARG D 54 15.41 23.73 65.07
CA ARG D 54 16.58 23.07 64.52
C ARG D 54 17.60 24.08 64.02
N GLN D 55 17.14 25.19 63.43
CA GLN D 55 18.06 26.24 62.99
C GLN D 55 18.54 27.11 64.13
N ALA D 56 17.80 27.16 65.24
CA ALA D 56 18.25 27.91 66.40
C ALA D 56 19.43 27.25 67.11
N LEU D 57 19.77 26.01 66.76
CA LEU D 57 20.92 25.35 67.35
C LEU D 57 22.23 25.90 66.82
N ALA D 58 22.22 26.53 65.64
CA ALA D 58 23.46 27.06 65.08
C ALA D 58 23.94 28.28 65.85
N VAL D 59 23.02 29.05 66.45
CA VAL D 59 23.42 30.21 67.24
C VAL D 59 23.78 29.86 68.67
N LEU D 60 23.47 28.65 69.12
CA LEU D 60 23.82 28.23 70.46
C LEU D 60 25.33 28.05 70.59
N PRO D 61 25.86 28.14 71.81
CA PRO D 61 27.29 27.85 72.00
C PRO D 61 27.59 26.39 71.67
N LYS D 62 28.82 26.16 71.21
CA LYS D 62 29.20 24.82 70.75
C LYS D 62 29.03 23.78 71.85
N GLU D 63 29.36 24.15 73.09
CA GLU D 63 29.25 23.23 74.22
C GLU D 63 27.81 22.93 74.61
N GLN D 64 26.84 23.67 74.04
CA GLN D 64 25.44 23.46 74.35
C GLN D 64 24.66 22.76 73.24
N ARG D 65 25.13 22.82 72.00
CA ARG D 65 24.40 22.25 70.88
C ARG D 65 24.25 20.74 70.98
N ALA D 66 25.14 20.07 71.73
CA ALA D 66 25.09 18.61 71.82
C ALA D 66 23.84 18.15 72.56
N GLU D 67 23.65 18.63 73.78
CA GLU D 67 22.50 18.19 74.58
C GLU D 67 21.21 18.86 74.12
N ALA D 68 21.28 20.15 73.75
CA ALA D 68 20.09 20.82 73.22
C ALA D 68 19.64 20.22 71.90
N GLY D 69 20.58 19.75 71.09
CA GLY D 69 20.21 19.06 69.86
C GLY D 69 19.58 17.72 70.14
N LYS D 70 20.11 16.97 71.11
CA LYS D 70 19.54 15.68 71.48
C LYS D 70 18.07 15.81 71.85
N ARG D 71 17.71 16.93 72.48
CA ARG D 71 16.29 17.18 72.79
C ARG D 71 15.50 17.50 71.53
N VAL D 72 16.13 18.15 70.55
CA VAL D 72 15.40 18.59 69.36
C VAL D 72 15.04 17.42 68.47
N ASN D 73 16.01 16.51 68.24
CA ASN D 73 15.73 15.35 67.40
C ASN D 73 14.64 14.48 68.02
N ALA D 74 14.72 14.25 69.33
CA ALA D 74 13.70 13.43 70.00
C ALA D 74 12.31 14.01 69.78
N ALA D 75 12.18 15.34 69.79
CA ALA D 75 10.91 15.97 69.45
C ALA D 75 10.65 15.87 67.94
N ARG D 76 11.70 15.99 67.14
CA ARG D 76 11.55 15.89 65.70
C ARG D 76 11.12 14.49 65.28
N ASN D 77 11.74 13.46 65.86
CA ASN D 77 11.34 12.08 65.55
C ASN D 77 9.96 11.76 66.11
N ALA D 78 9.56 12.42 67.20
CA ALA D 78 8.25 12.16 67.78
C ALA D 78 7.14 12.62 66.85
N ALA D 79 7.25 13.84 66.31
CA ALA D 79 6.23 14.33 65.38
C ALA D 79 6.32 13.64 64.04
N GLN D 80 7.53 13.24 63.62
CA GLN D 80 7.69 12.57 62.33
C GLN D 80 7.11 11.16 62.37
N ARG D 81 7.33 10.43 63.45
CA ARG D 81 6.80 9.08 63.56
C ARG D 81 5.27 9.08 63.62
N SER D 82 4.68 10.08 64.27
CA SER D 82 3.23 10.19 64.30
C SER D 82 2.67 10.55 62.93
N TYR D 83 3.39 11.35 62.15
CA TYR D 83 2.93 11.72 60.83
C TYR D 83 3.04 10.55 59.86
N ASP D 84 4.08 9.72 60.01
CA ASP D 84 4.28 8.61 59.08
C ASP D 84 3.15 7.59 59.18
N GLU D 85 2.72 7.26 60.41
CA GLU D 85 1.63 6.31 60.57
C GLU D 85 0.31 6.90 60.11
N ARG D 86 0.06 8.18 60.44
CA ARG D 86 -1.18 8.82 59.99
C ARG D 86 -1.25 8.92 58.47
N LEU D 87 -0.10 9.08 57.81
CA LEU D 87 -0.08 9.09 56.35
C LEU D 87 -0.48 7.73 55.79
N ALA D 88 -0.02 6.65 56.42
CA ALA D 88 -0.35 5.31 55.94
C ALA D 88 -1.81 4.99 56.20
N THR D 89 -2.34 5.37 57.37
CA THR D 89 -3.74 5.09 57.68
C THR D 89 -4.67 5.85 56.74
N LEU D 90 -4.37 7.12 56.47
CA LEU D 90 -5.19 7.88 55.54
C LEU D 90 -5.03 7.39 54.10
N ARG D 91 -3.85 6.89 53.75
CA ARG D 91 -3.66 6.30 52.43
C ARG D 91 -4.42 4.99 52.31
N ALA D 92 -4.39 4.17 53.37
CA ALA D 92 -5.15 2.91 53.34
C ALA D 92 -6.65 3.16 53.28
N GLU D 93 -7.12 4.22 53.95
CA GLU D 93 -8.53 4.57 53.88
C GLU D 93 -8.91 5.02 52.48
N ARG D 94 -8.02 5.78 51.82
CA ARG D 94 -8.29 6.23 50.46
C ARG D 94 -8.32 5.05 49.50
N ASP D 95 -7.37 4.12 49.64
CA ASP D 95 -7.34 2.95 48.76
C ASP D 95 -8.57 2.07 48.98
N ALA D 96 -9.03 1.96 50.23
CA ALA D 96 -10.22 1.18 50.52
C ALA D 96 -11.50 1.88 50.11
N ALA D 97 -11.46 3.20 49.89
CA ALA D 97 -12.66 3.92 49.51
C ALA D 97 -12.96 3.77 48.02
N VAL D 98 -11.92 3.75 47.18
CA VAL D 98 -12.13 3.61 45.74
C VAL D 98 -12.53 2.18 45.38
N LEU D 99 -12.33 1.22 46.28
CA LEU D 99 -12.70 -0.16 45.98
C LEU D 99 -14.18 -0.41 46.16
N VAL D 100 -14.86 0.36 47.00
CA VAL D 100 -16.26 0.15 47.32
C VAL D 100 -17.16 1.26 46.79
N ALA D 101 -16.60 2.27 46.14
CA ALA D 101 -17.39 3.38 45.64
C ALA D 101 -16.76 3.88 44.35
N GLU D 102 -17.17 5.08 43.91
CA GLU D 102 -16.62 5.72 42.71
C GLU D 102 -16.83 4.86 41.47
N GLY D 103 -17.84 3.98 41.50
CA GLY D 103 -18.10 3.09 40.39
C GLY D 103 -18.89 3.72 39.26
N ILE D 104 -18.33 3.69 38.05
CA ILE D 104 -18.97 4.27 36.89
C ILE D 104 -19.47 3.15 35.98
N ASP D 105 -20.40 3.50 35.09
CA ASP D 105 -20.89 2.57 34.08
C ASP D 105 -19.92 2.61 32.90
N VAL D 106 -19.04 1.61 32.83
CA VAL D 106 -18.03 1.57 31.77
C VAL D 106 -18.62 1.25 30.40
N THR D 107 -19.92 0.96 30.31
CA THR D 107 -20.58 0.62 29.05
C THR D 107 -21.36 1.78 28.45
N LEU D 108 -21.27 2.97 29.04
CA LEU D 108 -22.00 4.12 28.53
C LEU D 108 -21.45 4.51 27.15
N PRO D 109 -22.31 4.93 26.23
CA PRO D 109 -21.82 5.40 24.92
C PRO D 109 -20.81 6.51 25.07
N SER D 110 -19.69 6.38 24.35
CA SER D 110 -18.61 7.36 24.40
C SER D 110 -18.31 7.99 23.04
N THR D 111 -18.93 7.50 21.96
CA THR D 111 -18.66 8.02 20.62
C THR D 111 -19.62 9.16 20.33
N ARG D 112 -19.13 10.39 20.46
CA ARG D 112 -19.90 11.58 20.11
C ARG D 112 -19.84 11.92 18.63
N VAL D 113 -19.01 11.21 17.86
CA VAL D 113 -18.88 11.43 16.43
C VAL D 113 -19.84 10.48 15.71
N PRO D 114 -20.63 10.97 14.76
CA PRO D 114 -21.58 10.08 14.07
C PRO D 114 -20.87 9.02 13.26
N ALA D 115 -21.65 8.01 12.86
CA ALA D 115 -21.09 6.89 12.11
C ALA D 115 -20.77 7.31 10.68
N GLY D 116 -19.56 6.99 10.24
CA GLY D 116 -19.15 7.26 8.87
C GLY D 116 -18.76 5.99 8.15
N ALA D 117 -18.71 6.03 6.82
CA ALA D 117 -18.40 4.84 6.05
C ALA D 117 -18.02 5.22 4.63
N ARG D 118 -16.97 4.58 4.12
CA ARG D 118 -16.67 4.68 2.69
C ARG D 118 -17.54 3.69 1.92
N HIS D 119 -17.74 3.98 0.64
CA HIS D 119 -18.60 3.15 -0.17
C HIS D 119 -17.95 1.79 -0.42
N PRO D 120 -18.73 0.71 -0.40
CA PRO D 120 -18.13 -0.62 -0.65
C PRO D 120 -17.53 -0.76 -2.04
N ILE D 121 -18.10 -0.10 -3.04
CA ILE D 121 -17.53 -0.16 -4.38
C ILE D 121 -16.15 0.50 -4.39
N ILE D 122 -16.01 1.62 -3.70
CA ILE D 122 -14.70 2.26 -3.58
C ILE D 122 -13.76 1.37 -2.77
N MET D 123 -14.29 0.69 -1.75
CA MET D 123 -13.47 -0.23 -0.96
C MET D 123 -13.02 -1.42 -1.80
N LEU D 124 -13.90 -1.94 -2.65
CA LEU D 124 -13.52 -3.05 -3.53
C LEU D 124 -12.48 -2.60 -4.55
N ALA D 125 -12.69 -1.41 -5.15
CA ALA D 125 -11.69 -0.88 -6.07
C ALA D 125 -10.36 -0.65 -5.37
N GLU D 126 -10.40 -0.23 -4.11
CA GLU D 126 -9.17 -0.06 -3.34
C GLU D 126 -8.48 -1.40 -3.13
N HIS D 127 -9.24 -2.44 -2.82
CA HIS D 127 -8.65 -3.76 -2.60
C HIS D 127 -8.16 -4.37 -3.91
N VAL D 128 -8.86 -4.13 -5.01
CA VAL D 128 -8.40 -4.62 -6.30
C VAL D 128 -7.12 -3.91 -6.71
N ALA D 129 -7.04 -2.59 -6.46
CA ALA D 129 -5.84 -1.85 -6.79
C ALA D 129 -4.63 -2.33 -5.99
N ASP D 130 -4.82 -2.56 -4.69
CA ASP D 130 -3.72 -3.04 -3.86
C ASP D 130 -3.22 -4.40 -4.32
N THR D 131 -4.11 -5.23 -4.86
CA THR D 131 -3.70 -6.55 -5.33
C THR D 131 -2.77 -6.44 -6.53
N PHE D 132 -3.07 -5.54 -7.46
CA PHE D 132 -2.26 -5.42 -8.67
C PHE D 132 -1.00 -4.61 -8.43
N ILE D 133 -1.04 -3.65 -7.51
CA ILE D 133 0.19 -2.92 -7.14
C ILE D 133 1.19 -3.88 -6.50
N ALA D 134 0.70 -4.79 -5.65
CA ALA D 134 1.57 -5.77 -5.02
C ALA D 134 2.18 -6.74 -6.02
N MET D 135 1.62 -6.83 -7.22
CA MET D 135 2.17 -7.67 -8.28
C MET D 135 3.02 -6.87 -9.26
N GLY D 136 3.26 -5.59 -8.98
CA GLY D 136 4.11 -4.75 -9.80
C GLY D 136 3.38 -3.84 -10.76
N TRP D 137 2.07 -4.02 -10.93
CA TRP D 137 1.31 -3.19 -11.85
C TRP D 137 1.08 -1.81 -11.26
N GLU D 138 0.56 -0.91 -12.09
CA GLU D 138 0.29 0.46 -11.70
C GLU D 138 -1.15 0.83 -12.06
N LEU D 139 -1.56 2.03 -11.67
CA LEU D 139 -2.92 2.51 -11.87
C LEU D 139 -2.92 3.60 -12.93
N ALA D 140 -3.63 3.37 -14.02
CA ALA D 140 -3.83 4.35 -15.06
C ALA D 140 -5.21 4.98 -14.95
N GLU D 141 -5.36 6.15 -15.57
CA GLU D 141 -6.60 6.91 -15.48
C GLU D 141 -7.04 7.35 -16.87
N GLY D 142 -8.33 7.68 -16.97
CA GLY D 142 -8.92 8.13 -18.21
C GLY D 142 -10.18 8.93 -17.98
N PRO D 143 -10.47 9.85 -18.89
CA PRO D 143 -11.67 10.69 -18.73
C PRO D 143 -12.94 9.91 -19.02
N GLU D 144 -14.03 10.34 -18.37
CA GLU D 144 -15.32 9.70 -18.58
C GLU D 144 -15.93 10.09 -19.92
N VAL D 145 -15.89 11.38 -20.26
CA VAL D 145 -16.29 11.84 -21.58
C VAL D 145 -15.14 11.54 -22.54
N GLU D 146 -15.34 10.56 -23.41
CA GLU D 146 -14.28 10.07 -24.29
C GLU D 146 -14.61 10.38 -25.74
N THR D 147 -13.56 10.49 -26.55
CA THR D 147 -13.72 10.64 -27.99
C THR D 147 -14.05 9.29 -28.63
N GLU D 148 -14.77 9.35 -29.74
CA GLU D 148 -15.06 8.13 -30.49
C GLU D 148 -13.81 7.52 -31.10
N GLN D 149 -12.75 8.30 -31.28
CA GLN D 149 -11.49 7.76 -31.78
C GLN D 149 -10.90 6.76 -30.80
N PHE D 150 -11.08 6.96 -29.51
CA PHE D 150 -10.52 6.09 -28.49
C PHE D 150 -11.50 5.05 -27.98
N ASN D 151 -12.80 5.36 -27.94
CA ASN D 151 -13.76 4.42 -27.40
C ASN D 151 -14.11 3.31 -28.38
N PHE D 152 -13.98 3.56 -29.68
CA PHE D 152 -14.40 2.58 -30.67
C PHE D 152 -13.35 2.37 -31.76
N ASP D 153 -12.98 3.45 -32.45
CA ASP D 153 -12.18 3.33 -33.67
C ASP D 153 -10.83 2.68 -33.39
N ALA D 154 -10.09 3.17 -32.39
CA ALA D 154 -8.78 2.63 -32.11
C ALA D 154 -8.84 1.20 -31.56
N LEU D 155 -10.00 0.76 -31.08
CA LEU D 155 -10.17 -0.61 -30.58
C LEU D 155 -10.70 -1.55 -31.65
N ASN D 156 -10.45 -1.26 -32.92
CA ASN D 156 -10.83 -2.12 -34.04
C ASN D 156 -12.34 -2.36 -34.09
N PHE D 157 -13.11 -1.32 -33.77
CA PHE D 157 -14.55 -1.41 -33.94
C PHE D 157 -14.91 -1.08 -35.39
N PRO D 158 -15.73 -1.89 -36.04
CA PRO D 158 -16.15 -1.58 -37.41
C PRO D 158 -16.89 -0.26 -37.48
N ALA D 159 -17.05 0.23 -38.72
CA ALA D 159 -17.66 1.54 -38.92
C ALA D 159 -19.11 1.56 -38.43
N ASP D 160 -19.88 0.52 -38.76
CA ASP D 160 -21.27 0.46 -38.35
C ASP D 160 -21.52 -0.65 -37.35
N HIS D 161 -20.73 -0.68 -36.28
CA HIS D 161 -20.93 -1.66 -35.23
C HIS D 161 -22.25 -1.38 -34.51
N PRO D 162 -23.01 -2.41 -34.15
CA PRO D 162 -24.29 -2.19 -33.46
C PRO D 162 -24.14 -1.47 -32.12
N ALA D 163 -22.97 -1.53 -31.50
CA ALA D 163 -22.73 -0.81 -30.25
C ALA D 163 -22.47 0.67 -30.47
N ARG D 164 -22.34 1.12 -31.71
CA ARG D 164 -22.11 2.53 -32.02
C ARG D 164 -23.39 3.32 -32.22
N GLY D 165 -24.55 2.68 -32.06
CA GLY D 165 -25.81 3.36 -32.29
C GLY D 165 -26.27 4.18 -31.11
N GLU D 166 -27.44 4.79 -31.27
CA GLU D 166 -28.04 5.62 -30.23
C GLU D 166 -28.71 4.81 -29.13
N GLN D 167 -28.94 3.52 -29.35
CA GLN D 167 -29.65 2.69 -28.38
C GLN D 167 -28.74 2.06 -27.33
N ASP D 168 -27.42 2.03 -27.56
CA ASP D 168 -26.49 1.38 -26.66
C ASP D 168 -25.41 2.29 -26.11
N THR D 169 -25.32 3.54 -26.56
CA THR D 169 -24.24 4.42 -26.18
C THR D 169 -24.77 5.82 -25.91
N PHE D 170 -24.42 6.37 -24.75
CA PHE D 170 -24.77 7.75 -24.43
C PHE D 170 -23.92 8.69 -25.29
N TYR D 171 -24.55 9.34 -26.26
CA TYR D 171 -23.86 10.24 -27.16
C TYR D 171 -24.04 11.69 -26.74
N ILE D 172 -23.15 12.54 -27.23
CA ILE D 172 -23.12 13.96 -26.87
C ILE D 172 -23.72 14.76 -28.00
N ALA D 173 -24.47 15.82 -27.65
CA ALA D 173 -25.10 16.67 -28.64
C ALA D 173 -24.06 17.49 -29.39
N PRO D 174 -24.27 17.77 -30.68
CA PRO D 174 -25.41 17.35 -31.51
C PRO D 174 -25.16 16.00 -32.16
N GLU D 175 -25.89 15.68 -33.23
CA GLU D 175 -25.73 14.37 -33.87
C GLU D 175 -24.35 14.26 -34.52
N ASP D 176 -23.75 13.08 -34.36
CA ASP D 176 -22.45 12.76 -34.97
C ASP D 176 -21.34 13.66 -34.42
N SER D 177 -21.38 13.93 -33.12
CA SER D 177 -20.36 14.75 -32.49
C SER D 177 -19.10 13.98 -32.14
N ARG D 178 -19.07 12.66 -32.40
CA ARG D 178 -17.92 11.79 -32.10
C ARG D 178 -17.45 11.92 -30.65
N GLN D 179 -18.27 12.51 -29.80
CA GLN D 179 -18.08 12.56 -28.37
C GLN D 179 -19.15 11.72 -27.69
N LEU D 180 -18.78 11.07 -26.59
CA LEU D 180 -19.71 10.16 -25.94
C LEU D 180 -19.23 9.89 -24.53
N LEU D 181 -20.20 9.52 -23.67
CA LEU D 181 -19.88 8.90 -22.40
C LEU D 181 -19.38 7.49 -22.66
N ARG D 182 -18.18 7.17 -22.17
CA ARG D 182 -17.54 5.92 -22.52
C ARG D 182 -18.38 4.73 -22.08
N THR D 183 -18.44 3.71 -22.94
CA THR D 183 -19.19 2.50 -22.67
C THR D 183 -18.33 1.41 -22.07
N HIS D 184 -17.07 1.71 -21.74
CA HIS D 184 -16.13 0.78 -21.13
C HIS D 184 -14.85 1.55 -20.84
N THR D 185 -13.93 0.89 -20.14
CA THR D 185 -12.67 1.50 -19.74
C THR D 185 -11.50 1.12 -20.65
N SER D 186 -11.77 0.47 -21.78
CA SER D 186 -10.69 0.11 -22.69
C SER D 186 -10.14 1.31 -23.45
N PRO D 187 -10.86 2.43 -23.58
CA PRO D 187 -10.20 3.66 -24.06
C PRO D 187 -8.95 4.01 -23.27
N VAL D 188 -8.85 3.58 -22.01
CA VAL D 188 -7.64 3.82 -21.23
C VAL D 188 -6.48 2.95 -21.72
N GLN D 189 -6.77 1.84 -22.42
CA GLN D 189 -5.70 1.05 -23.01
C GLN D 189 -4.92 1.87 -24.02
N ILE D 190 -5.63 2.56 -24.92
CA ILE D 190 -4.96 3.37 -25.95
C ILE D 190 -4.23 4.53 -25.31
N ARG D 191 -4.91 5.25 -24.41
CA ARG D 191 -4.27 6.39 -23.74
C ARG D 191 -3.00 5.97 -23.01
N THR D 192 -2.96 4.75 -22.47
CA THR D 192 -1.76 4.26 -21.82
C THR D 192 -0.69 3.90 -22.84
N LEU D 193 -1.09 3.21 -23.91
CA LEU D 193 -0.11 2.77 -24.91
C LEU D 193 0.47 3.94 -25.69
N LEU D 194 -0.30 5.04 -25.83
CA LEU D 194 0.22 6.19 -26.55
C LEU D 194 1.17 7.01 -25.69
N ALA D 195 0.90 7.09 -24.39
CA ALA D 195 1.65 7.99 -23.52
C ALA D 195 2.81 7.32 -22.81
N ARG D 196 2.73 6.00 -22.57
CA ARG D 196 3.74 5.29 -21.81
C ARG D 196 4.65 4.48 -22.73
N GLU D 197 5.86 4.23 -22.23
CA GLU D 197 6.82 3.39 -22.93
C GLU D 197 6.63 1.93 -22.52
N LEU D 198 7.11 1.04 -23.38
CA LEU D 198 6.97 -0.38 -23.11
C LEU D 198 8.10 -0.87 -22.21
N PRO D 199 7.83 -1.88 -21.36
CA PRO D 199 6.57 -2.62 -21.20
C PRO D 199 5.52 -1.84 -20.42
N VAL D 200 4.27 -2.29 -20.45
CA VAL D 200 3.15 -1.64 -19.78
C VAL D 200 2.41 -2.67 -18.94
N TYR D 201 2.22 -2.38 -17.66
CA TYR D 201 1.48 -3.24 -16.74
C TYR D 201 0.61 -2.33 -15.89
N ILE D 202 -0.61 -2.04 -16.37
CA ILE D 202 -1.51 -1.11 -15.73
C ILE D 202 -2.85 -1.78 -15.47
N ILE D 203 -3.58 -1.20 -14.51
CA ILE D 203 -5.01 -1.42 -14.36
C ILE D 203 -5.68 -0.06 -14.32
N SER D 204 -6.98 -0.05 -14.61
CA SER D 204 -7.75 1.19 -14.64
C SER D 204 -9.14 0.93 -14.09
N ILE D 205 -9.53 1.69 -13.08
CA ILE D 205 -10.84 1.59 -12.45
C ILE D 205 -11.55 2.93 -12.61
N GLY D 206 -12.66 2.92 -13.34
CA GLY D 206 -13.38 4.15 -13.59
C GLY D 206 -14.84 3.86 -13.90
N ARG D 207 -15.59 4.94 -14.12
CA ARG D 207 -17.02 4.83 -14.38
C ARG D 207 -17.27 4.47 -15.84
N THR D 208 -18.29 3.65 -16.06
CA THR D 208 -18.68 3.20 -17.40
C THR D 208 -20.18 3.41 -17.56
N PHE D 209 -20.57 3.93 -18.73
CA PHE D 209 -21.94 4.36 -18.98
C PHE D 209 -22.57 3.48 -20.06
N ARG D 210 -23.69 2.85 -19.74
CA ARG D 210 -24.46 2.05 -20.68
C ARG D 210 -25.93 2.43 -20.57
N THR D 211 -26.65 2.29 -21.68
CA THR D 211 -28.06 2.68 -21.73
C THR D 211 -28.96 1.51 -21.30
N ASP D 212 -28.78 1.10 -20.05
CA ASP D 212 -29.59 0.05 -19.45
C ASP D 212 -30.51 0.63 -18.39
N GLU D 213 -31.61 -0.09 -18.13
CA GLU D 213 -32.55 0.35 -17.11
C GLU D 213 -32.06 -0.07 -15.72
N LEU D 214 -32.39 0.77 -14.74
CA LEU D 214 -31.90 0.60 -13.37
C LEU D 214 -32.86 -0.30 -12.60
N ASP D 215 -32.41 -1.51 -12.28
CA ASP D 215 -33.23 -2.48 -11.56
C ASP D 215 -32.34 -3.21 -10.55
N ALA D 216 -32.81 -4.36 -10.07
CA ALA D 216 -32.15 -5.08 -8.99
C ALA D 216 -30.87 -5.78 -9.43
N THR D 217 -30.59 -5.87 -10.73
CA THR D 217 -29.39 -6.53 -11.19
C THR D 217 -28.64 -5.77 -12.28
N HIS D 218 -29.09 -4.59 -12.66
CA HIS D 218 -28.43 -3.81 -13.70
C HIS D 218 -28.38 -2.35 -13.28
N THR D 219 -27.37 -1.64 -13.77
CA THR D 219 -27.22 -0.22 -13.51
C THR D 219 -26.65 0.45 -14.75
N PRO D 220 -27.22 1.58 -15.18
CA PRO D 220 -26.67 2.28 -16.34
C PRO D 220 -25.31 2.90 -16.08
N ILE D 221 -25.03 3.29 -14.84
CA ILE D 221 -23.74 3.85 -14.46
C ILE D 221 -23.09 2.89 -13.47
N PHE D 222 -21.97 2.29 -13.87
CA PHE D 222 -21.26 1.35 -13.03
C PHE D 222 -19.76 1.52 -13.23
N HIS D 223 -19.00 0.79 -12.43
CA HIS D 223 -17.54 0.82 -12.49
C HIS D 223 -17.02 -0.55 -12.88
N GLN D 224 -15.88 -0.56 -13.56
CA GLN D 224 -15.24 -1.81 -13.95
C GLN D 224 -13.74 -1.63 -13.90
N VAL D 225 -13.04 -2.76 -13.73
CA VAL D 225 -11.58 -2.79 -13.68
C VAL D 225 -11.06 -3.24 -15.03
N GLU D 226 -10.26 -2.40 -15.66
CA GLU D 226 -9.64 -2.72 -16.94
C GLU D 226 -8.18 -3.07 -16.71
N GLY D 227 -7.75 -4.22 -17.24
CA GLY D 227 -6.38 -4.65 -17.14
C GLY D 227 -5.71 -4.62 -18.50
N LEU D 228 -4.41 -4.33 -18.51
CA LEU D 228 -3.65 -4.29 -19.76
C LEU D 228 -2.19 -4.56 -19.45
N ALA D 229 -1.62 -5.56 -20.09
CA ALA D 229 -0.20 -5.89 -19.95
C ALA D 229 0.36 -6.13 -21.34
N VAL D 230 1.40 -5.36 -21.70
CA VAL D 230 2.05 -5.47 -23.00
C VAL D 230 3.54 -5.62 -22.78
N ASP D 231 4.12 -6.68 -23.35
CA ASP D 231 5.55 -6.97 -23.18
C ASP D 231 5.98 -7.92 -24.29
N ARG D 232 7.22 -8.38 -24.22
CA ARG D 232 7.77 -9.33 -25.18
C ARG D 232 7.58 -10.74 -24.63
N GLY D 233 6.70 -11.51 -25.27
CA GLY D 233 6.49 -12.90 -24.92
C GLY D 233 5.30 -13.19 -24.03
N LEU D 234 4.43 -12.21 -23.79
CA LEU D 234 3.23 -12.46 -23.00
C LEU D 234 2.30 -13.41 -23.75
N SER D 235 1.77 -14.38 -23.01
CA SER D 235 0.94 -15.44 -23.58
C SER D 235 -0.39 -15.52 -22.86
N MET D 236 -1.27 -16.38 -23.38
CA MET D 236 -2.55 -16.62 -22.73
C MET D 236 -2.34 -17.24 -21.35
N ALA D 237 -1.24 -17.96 -21.15
CA ALA D 237 -0.93 -18.52 -19.83
C ALA D 237 -0.68 -17.41 -18.82
N HIS D 238 -0.03 -16.33 -19.24
CA HIS D 238 0.17 -15.20 -18.34
C HIS D 238 -1.15 -14.50 -18.02
N LEU D 239 -2.05 -14.44 -19.00
CA LEU D 239 -3.38 -13.90 -18.74
C LEU D 239 -4.14 -14.78 -17.76
N ARG D 240 -4.06 -16.10 -17.92
CA ARG D 240 -4.73 -17.02 -17.01
C ARG D 240 -4.15 -16.92 -15.60
N GLY D 241 -2.83 -16.73 -15.50
CA GLY D 241 -2.22 -16.57 -14.19
C GLY D 241 -2.65 -15.29 -13.50
N THR D 242 -2.70 -14.18 -14.25
CA THR D 242 -3.19 -12.94 -13.67
C THR D 242 -4.66 -13.04 -13.28
N LEU D 243 -5.46 -13.74 -14.10
CA LEU D 243 -6.87 -13.93 -13.77
C LEU D 243 -7.04 -14.75 -12.49
N ASP D 244 -6.23 -15.80 -12.33
CA ASP D 244 -6.36 -16.66 -11.16
C ASP D 244 -5.96 -15.93 -9.89
N ALA D 245 -4.90 -15.11 -9.95
CA ALA D 245 -4.51 -14.32 -8.79
C ALA D 245 -5.56 -13.27 -8.46
N PHE D 246 -6.14 -12.64 -9.48
CA PHE D 246 -7.23 -11.70 -9.27
C PHE D 246 -8.43 -12.38 -8.62
N ALA D 247 -8.76 -13.59 -9.08
CA ALA D 247 -9.91 -14.29 -8.52
C ALA D 247 -9.65 -14.74 -7.08
N ARG D 248 -8.43 -15.22 -6.80
CA ARG D 248 -8.12 -15.69 -5.46
C ARG D 248 -8.11 -14.53 -4.46
N ALA D 249 -7.75 -13.32 -4.90
CA ALA D 249 -7.68 -12.20 -3.99
C ALA D 249 -9.06 -11.69 -3.58
N GLU D 250 -10.06 -11.89 -4.43
CA GLU D 250 -11.39 -11.34 -4.17
C GLU D 250 -12.39 -12.38 -3.66
N PHE D 251 -12.21 -13.65 -4.00
CA PHE D 251 -13.19 -14.68 -3.66
C PHE D 251 -12.62 -15.77 -2.76
N GLY D 252 -11.40 -15.60 -2.26
CA GLY D 252 -10.80 -16.57 -1.36
C GLY D 252 -9.77 -17.44 -2.05
N PRO D 253 -8.95 -18.13 -1.26
CA PRO D 253 -7.88 -18.95 -1.85
C PRO D 253 -8.39 -20.15 -2.64
N SER D 254 -9.60 -20.61 -2.39
CA SER D 254 -10.17 -21.75 -3.10
C SER D 254 -10.89 -21.35 -4.38
N ALA D 255 -10.70 -20.12 -4.85
CA ALA D 255 -11.40 -19.65 -6.04
C ALA D 255 -10.78 -20.25 -7.29
N ARG D 256 -11.61 -20.86 -8.12
CA ARG D 256 -11.19 -21.44 -9.38
C ARG D 256 -11.82 -20.68 -10.55
N THR D 257 -11.09 -20.60 -11.64
CA THR D 257 -11.53 -19.86 -12.82
C THR D 257 -11.55 -20.76 -14.04
N ARG D 258 -12.41 -20.42 -14.99
CA ARG D 258 -12.46 -21.08 -16.29
C ARG D 258 -12.69 -20.02 -17.36
N ILE D 259 -12.16 -20.27 -18.55
CA ILE D 259 -12.23 -19.33 -19.66
C ILE D 259 -12.85 -20.06 -20.85
N ARG D 260 -13.93 -19.50 -21.38
CA ARG D 260 -14.57 -20.00 -22.59
C ARG D 260 -14.41 -19.00 -23.72
N PRO D 261 -14.22 -19.48 -24.96
CA PRO D 261 -14.01 -18.55 -26.07
C PRO D 261 -15.22 -17.64 -26.29
N HIS D 262 -14.93 -16.41 -26.69
CA HIS D 262 -15.96 -15.41 -26.95
C HIS D 262 -15.43 -14.51 -28.07
N PHE D 263 -16.02 -13.32 -28.20
CA PHE D 263 -15.57 -12.36 -29.21
C PHE D 263 -15.55 -10.96 -28.60
N PHE D 264 -14.50 -10.21 -28.94
CA PHE D 264 -14.38 -8.80 -28.60
C PHE D 264 -13.59 -8.16 -29.74
N PRO D 265 -13.95 -6.95 -30.16
CA PRO D 265 -13.25 -6.36 -31.31
C PRO D 265 -11.79 -6.04 -31.05
N PHE D 266 -11.41 -5.77 -29.80
CA PHE D 266 -10.06 -5.35 -29.48
C PHE D 266 -9.18 -6.49 -28.96
N THR D 267 -9.69 -7.72 -28.95
CA THR D 267 -8.90 -8.86 -28.53
C THR D 267 -9.07 -10.01 -29.52
N GLU D 268 -8.00 -10.76 -29.72
CA GLU D 268 -8.01 -11.93 -30.58
C GLU D 268 -6.83 -12.84 -30.24
N PRO D 269 -7.07 -14.03 -29.65
CA PRO D 269 -8.37 -14.61 -29.32
C PRO D 269 -9.04 -13.94 -28.12
N SER D 270 -10.36 -14.05 -28.00
CA SER D 270 -11.13 -13.49 -26.90
C SER D 270 -11.71 -14.60 -26.05
N ALA D 271 -12.06 -14.25 -24.82
CA ALA D 271 -12.59 -15.25 -23.89
C ALA D 271 -13.40 -14.55 -22.80
N GLU D 272 -14.29 -15.32 -22.19
CA GLU D 272 -15.05 -14.89 -21.03
C GLU D 272 -14.58 -15.67 -19.81
N VAL D 273 -14.57 -15.01 -18.65
CA VAL D 273 -14.04 -15.59 -17.42
C VAL D 273 -15.21 -15.91 -16.49
N ASP D 274 -15.19 -17.12 -15.93
CA ASP D 274 -16.14 -17.54 -14.90
C ASP D 274 -15.38 -17.90 -13.64
N VAL D 275 -16.07 -17.81 -12.51
CA VAL D 275 -15.45 -18.02 -11.20
C VAL D 275 -16.14 -19.17 -10.48
N TRP D 276 -15.38 -19.83 -9.61
CA TRP D 276 -15.87 -20.92 -8.75
C TRP D 276 -15.36 -20.60 -7.34
N PHE D 277 -16.16 -19.86 -6.59
CA PHE D 277 -15.79 -19.43 -5.24
C PHE D 277 -16.34 -20.41 -4.21
N ALA D 278 -16.17 -20.09 -2.94
CA ALA D 278 -16.60 -20.93 -1.82
C ALA D 278 -17.64 -20.21 -0.97
N ASN D 279 -18.53 -19.44 -1.62
CA ASN D 279 -19.61 -18.75 -0.93
C ASN D 279 -20.92 -19.54 -1.00
N LYS D 280 -21.29 -20.00 -2.19
CA LYS D 280 -22.53 -20.76 -2.39
C LYS D 280 -23.75 -19.99 -1.90
N ILE D 281 -23.77 -18.68 -2.19
CA ILE D 281 -24.90 -17.85 -1.79
C ILE D 281 -26.14 -18.23 -2.58
N GLY D 282 -26.04 -18.27 -3.90
CA GLY D 282 -27.14 -18.71 -4.73
C GLY D 282 -26.90 -20.11 -5.27
N GLY D 283 -26.09 -20.22 -6.31
CA GLY D 283 -25.75 -21.51 -6.88
C GLY D 283 -24.26 -21.68 -7.05
N ALA D 284 -23.64 -22.55 -6.25
CA ALA D 284 -22.22 -22.83 -6.36
C ALA D 284 -21.89 -23.42 -7.72
N ALA D 285 -21.62 -22.55 -8.70
CA ALA D 285 -21.33 -23.01 -10.05
C ALA D 285 -20.42 -22.01 -10.76
N TRP D 286 -20.56 -21.90 -12.08
CA TRP D 286 -19.72 -21.02 -12.89
C TRP D 286 -20.50 -19.73 -13.17
N VAL D 287 -20.19 -18.69 -12.41
CA VAL D 287 -20.80 -17.38 -12.59
C VAL D 287 -19.92 -16.57 -13.52
N GLU D 288 -20.53 -15.99 -14.57
CA GLU D 288 -19.78 -15.17 -15.50
C GLU D 288 -19.25 -13.92 -14.80
N TRP D 289 -17.97 -13.63 -15.02
CA TRP D 289 -17.29 -12.53 -14.37
C TRP D 289 -16.95 -11.38 -15.30
N GLY D 290 -16.29 -11.66 -16.42
CA GLY D 290 -15.93 -10.62 -17.35
C GLY D 290 -15.31 -11.18 -18.60
N GLY D 291 -14.80 -10.29 -19.44
CA GLY D 291 -14.15 -10.67 -20.67
C GLY D 291 -12.66 -10.47 -20.64
N CYS D 292 -11.94 -11.17 -21.50
CA CYS D 292 -10.48 -11.08 -21.55
C CYS D 292 -10.01 -11.51 -22.93
N GLY D 293 -8.70 -11.67 -23.08
CA GLY D 293 -8.13 -12.11 -24.33
C GLY D 293 -6.82 -11.41 -24.68
N MET D 294 -6.13 -11.92 -25.70
CA MET D 294 -4.89 -11.29 -26.14
C MET D 294 -5.20 -10.04 -26.95
N VAL D 295 -4.41 -8.99 -26.71
CA VAL D 295 -4.64 -7.71 -27.38
C VAL D 295 -4.57 -7.90 -28.89
N HIS D 296 -5.63 -7.46 -29.58
CA HIS D 296 -5.68 -7.59 -31.02
C HIS D 296 -4.49 -6.86 -31.65
N PRO D 297 -3.84 -7.46 -32.65
CA PRO D 297 -2.69 -6.76 -33.28
C PRO D 297 -3.05 -5.40 -33.82
N ASN D 298 -4.26 -5.22 -34.36
CA ASN D 298 -4.66 -3.92 -34.90
C ASN D 298 -4.65 -2.83 -33.84
N VAL D 299 -4.92 -3.19 -32.58
CA VAL D 299 -4.81 -2.21 -31.50
C VAL D 299 -3.36 -1.78 -31.32
N LEU D 300 -2.43 -2.71 -31.49
CA LEU D 300 -1.01 -2.37 -31.38
C LEU D 300 -0.55 -1.51 -32.55
N ARG D 301 -1.09 -1.75 -33.75
CA ARG D 301 -0.73 -0.91 -34.90
C ARG D 301 -1.26 0.51 -34.72
N ALA D 302 -2.44 0.64 -34.13
CA ALA D 302 -3.01 1.97 -33.88
C ALA D 302 -2.29 2.73 -32.78
N THR D 303 -1.36 2.09 -32.07
CA THR D 303 -0.60 2.73 -31.01
C THR D 303 0.90 2.72 -31.27
N GLY D 304 1.32 2.33 -32.47
CA GLY D 304 2.73 2.35 -32.82
C GLY D 304 3.57 1.25 -32.21
N ILE D 305 2.95 0.15 -31.82
CA ILE D 305 3.66 -0.97 -31.19
C ILE D 305 3.75 -2.11 -32.20
N ASP D 306 4.97 -2.61 -32.40
CA ASP D 306 5.18 -3.72 -33.32
C ASP D 306 4.55 -4.99 -32.76
N PRO D 307 3.63 -5.64 -33.48
CA PRO D 307 3.03 -6.89 -32.96
C PRO D 307 3.97 -8.08 -33.03
N ASP D 308 5.00 -8.04 -33.88
CA ASP D 308 5.94 -9.15 -33.98
C ASP D 308 6.99 -9.15 -32.87
N LEU D 309 7.05 -8.08 -32.07
CA LEU D 309 7.96 -8.02 -30.93
C LEU D 309 7.27 -7.89 -29.59
N TYR D 310 5.99 -7.49 -29.56
CA TYR D 310 5.28 -7.28 -28.31
C TYR D 310 3.89 -7.90 -28.42
N SER D 311 3.57 -8.78 -27.48
CA SER D 311 2.23 -9.33 -27.34
C SER D 311 1.67 -8.92 -25.98
N GLY D 312 0.36 -9.04 -25.84
CA GLY D 312 -0.25 -8.62 -24.58
C GLY D 312 -1.67 -9.13 -24.46
N PHE D 313 -2.22 -8.97 -23.25
CA PHE D 313 -3.57 -9.38 -22.93
C PHE D 313 -4.28 -8.24 -22.20
N ALA D 314 -5.61 -8.39 -22.08
CA ALA D 314 -6.43 -7.41 -21.40
C ALA D 314 -7.62 -8.11 -20.78
N PHE D 315 -8.27 -7.44 -19.83
CA PHE D 315 -9.46 -7.99 -19.19
C PHE D 315 -10.29 -6.86 -18.61
N GLY D 316 -11.55 -7.17 -18.34
CA GLY D 316 -12.47 -6.19 -17.78
C GLY D 316 -13.61 -6.80 -16.99
N MET D 317 -13.62 -6.56 -15.68
CA MET D 317 -14.66 -7.04 -14.79
C MET D 317 -15.41 -5.88 -14.17
N GLY D 318 -16.73 -5.99 -14.10
CA GLY D 318 -17.54 -4.97 -13.46
C GLY D 318 -17.43 -5.07 -11.94
N LEU D 319 -17.36 -3.90 -11.30
CA LEU D 319 -17.23 -3.87 -9.85
C LEU D 319 -18.56 -4.16 -9.16
N GLU D 320 -19.64 -3.55 -9.64
CA GLU D 320 -20.95 -3.82 -9.06
C GLU D 320 -21.37 -5.27 -9.26
N ARG D 321 -20.98 -5.87 -10.38
CA ARG D 321 -21.24 -7.29 -10.59
C ARG D 321 -20.44 -8.15 -9.63
N THR D 322 -19.19 -7.79 -9.40
CA THR D 322 -18.34 -8.57 -8.49
C THR D 322 -18.87 -8.51 -7.06
N LEU D 323 -19.23 -7.30 -6.60
CA LEU D 323 -19.74 -7.15 -5.23
C LEU D 323 -21.10 -7.78 -5.06
N GLN D 324 -21.87 -7.95 -6.13
CA GLN D 324 -23.23 -8.47 -6.00
C GLN D 324 -23.23 -9.94 -5.59
N PHE D 325 -22.63 -10.81 -6.41
CA PHE D 325 -22.69 -12.24 -6.12
C PHE D 325 -21.69 -12.68 -5.06
N ARG D 326 -20.65 -11.89 -4.80
CA ARG D 326 -19.67 -12.28 -3.79
C ARG D 326 -20.26 -12.17 -2.39
N ASN D 327 -20.95 -11.05 -2.11
CA ASN D 327 -21.58 -10.84 -0.82
C ASN D 327 -23.05 -11.22 -0.79
N GLY D 328 -23.67 -11.42 -1.96
CA GLY D 328 -25.08 -11.77 -2.00
C GLY D 328 -26.01 -10.61 -1.82
N ILE D 329 -25.64 -9.43 -2.30
CA ILE D 329 -26.51 -8.26 -2.18
C ILE D 329 -27.70 -8.42 -3.13
N PRO D 330 -28.94 -8.30 -2.65
CA PRO D 330 -30.09 -8.59 -3.51
C PRO D 330 -30.42 -7.48 -4.48
N ASP D 331 -30.52 -6.24 -3.99
CA ASP D 331 -30.94 -5.11 -4.80
C ASP D 331 -29.73 -4.29 -5.20
N MET D 332 -29.46 -4.23 -6.52
CA MET D 332 -28.43 -3.35 -7.04
C MET D 332 -28.80 -1.88 -6.85
N ARG D 333 -30.09 -1.58 -6.69
CA ARG D 333 -30.54 -0.21 -6.45
C ARG D 333 -29.81 0.42 -5.27
N ASP D 334 -29.63 -0.34 -4.19
CA ASP D 334 -28.99 0.19 -2.99
C ASP D 334 -27.51 0.45 -3.17
N MET D 335 -26.90 -0.07 -4.24
CA MET D 335 -25.48 0.15 -4.48
C MET D 335 -25.17 1.53 -5.02
N VAL D 336 -26.15 2.22 -5.62
CA VAL D 336 -25.87 3.45 -6.34
C VAL D 336 -26.79 4.58 -5.89
N GLU D 337 -27.78 4.26 -5.06
CA GLU D 337 -28.77 5.27 -4.66
C GLU D 337 -28.30 6.15 -3.52
N GLY D 338 -27.28 5.73 -2.77
CA GLY D 338 -26.73 6.57 -1.74
C GLY D 338 -27.47 6.59 -0.42
N ASP D 339 -28.11 5.48 -0.06
CA ASP D 339 -28.74 5.37 1.26
C ASP D 339 -27.70 4.92 2.27
N VAL D 340 -27.62 5.64 3.39
CA VAL D 340 -26.62 5.33 4.41
C VAL D 340 -26.86 3.96 5.04
N ARG D 341 -28.07 3.42 4.93
CA ARG D 341 -28.34 2.09 5.47
C ARG D 341 -27.60 1.01 4.70
N PHE D 342 -27.14 1.29 3.49
CA PHE D 342 -26.37 0.32 2.72
C PHE D 342 -24.88 0.43 2.96
N SER D 343 -24.37 1.65 3.21
CA SER D 343 -22.95 1.87 3.39
C SER D 343 -22.48 1.62 4.82
N LEU D 344 -23.29 2.02 5.80
CA LEU D 344 -22.86 1.93 7.20
C LEU D 344 -22.51 0.52 7.65
N PRO D 345 -23.26 -0.55 7.32
CA PRO D 345 -22.86 -1.89 7.80
C PRO D 345 -21.50 -2.35 7.31
N PHE D 346 -20.91 -1.69 6.31
CA PHE D 346 -19.59 -2.06 5.81
C PHE D 346 -18.46 -1.45 6.63
N GLY D 347 -18.76 -0.79 7.74
CA GLY D 347 -17.73 -0.20 8.57
C GLY D 347 -17.19 1.10 7.99
N VAL D 348 -16.29 1.72 8.77
CA VAL D 348 -15.68 2.97 8.35
C VAL D 348 -14.77 2.75 7.15
N GLY D 349 -13.86 1.79 7.25
CA GLY D 349 -12.94 1.53 6.16
C GLY D 349 -11.74 2.44 6.10
N ALA D 350 -11.17 2.77 7.24
CA ALA D 350 -10.01 3.66 7.28
C ALA D 350 -8.77 2.95 6.75
N SER E 2 -30.43 -9.78 -31.94
CA SER E 2 -30.72 -10.12 -33.33
C SER E 2 -29.91 -11.34 -33.77
N ASN E 3 -28.84 -11.63 -33.04
CA ASN E 3 -27.94 -12.74 -33.38
C ASN E 3 -28.53 -14.10 -33.03
N ALA E 4 -29.79 -14.14 -32.58
CA ALA E 4 -30.43 -15.38 -32.16
C ALA E 4 -30.32 -16.45 -33.25
N MET E 5 -30.29 -17.72 -32.81
CA MET E 5 -30.20 -18.84 -33.73
C MET E 5 -30.83 -20.06 -33.05
N ARG E 6 -31.92 -20.55 -33.62
CA ARG E 6 -32.63 -21.71 -33.11
C ARG E 6 -32.52 -22.87 -34.10
N LEU E 7 -32.43 -24.09 -33.54
CA LEU E 7 -32.46 -25.30 -34.35
C LEU E 7 -32.75 -26.48 -33.44
N PRO E 8 -33.43 -27.51 -33.95
CA PRO E 8 -33.63 -28.73 -33.16
C PRO E 8 -32.41 -29.64 -33.23
N TYR E 9 -32.23 -30.42 -32.17
CA TYR E 9 -31.09 -31.33 -32.11
C TYR E 9 -31.17 -32.42 -33.17
N SER E 10 -32.39 -32.84 -33.54
CA SER E 10 -32.54 -33.88 -34.55
C SER E 10 -31.97 -33.45 -35.89
N TRP E 11 -32.27 -32.23 -36.32
CA TRP E 11 -31.73 -31.73 -37.57
C TRP E 11 -30.21 -31.56 -37.49
N LEU E 12 -29.71 -31.08 -36.36
CA LEU E 12 -28.27 -30.91 -36.20
C LEU E 12 -27.56 -32.27 -36.17
N ARG E 13 -28.14 -33.25 -35.46
CA ARG E 13 -27.54 -34.57 -35.40
C ARG E 13 -27.55 -35.25 -36.75
N GLU E 14 -28.62 -35.04 -37.54
CA GLU E 14 -28.73 -35.70 -38.84
C GLU E 14 -27.61 -35.26 -39.78
N VAL E 15 -27.36 -33.95 -39.87
CA VAL E 15 -26.31 -33.44 -40.74
C VAL E 15 -24.94 -33.93 -40.29
N VAL E 16 -24.75 -34.07 -38.98
CA VAL E 16 -23.47 -34.57 -38.46
C VAL E 16 -23.35 -36.07 -38.72
N ALA E 17 -24.46 -36.80 -38.58
CA ALA E 17 -24.43 -38.25 -38.72
C ALA E 17 -24.20 -38.72 -40.14
N VAL E 18 -24.26 -37.82 -41.14
CA VAL E 18 -24.01 -38.23 -42.51
C VAL E 18 -22.57 -38.69 -42.69
N GLY E 19 -21.62 -37.97 -42.08
CA GLY E 19 -20.23 -38.34 -42.16
C GLY E 19 -19.78 -39.24 -41.03
N ALA E 20 -20.27 -38.96 -39.82
CA ALA E 20 -19.97 -39.77 -38.64
C ALA E 20 -21.23 -40.56 -38.28
N SER E 21 -21.33 -41.76 -38.85
CA SER E 21 -22.53 -42.57 -38.67
C SER E 21 -22.71 -42.96 -37.21
N GLY E 22 -23.94 -42.78 -36.72
CA GLY E 22 -24.28 -43.17 -35.37
C GLY E 22 -23.91 -42.18 -34.29
N TRP E 23 -23.47 -40.98 -34.66
CA TRP E 23 -23.09 -39.99 -33.66
C TRP E 23 -24.31 -39.50 -32.90
N ASP E 24 -24.23 -39.54 -31.57
CA ASP E 24 -25.34 -39.08 -30.73
C ASP E 24 -24.79 -38.73 -29.35
N VAL E 25 -25.06 -37.51 -28.90
CA VAL E 25 -24.64 -37.04 -27.60
C VAL E 25 -25.84 -36.49 -26.85
N THR E 26 -25.75 -36.49 -25.52
CA THR E 26 -26.80 -35.92 -24.70
C THR E 26 -26.85 -34.41 -24.87
N PRO E 27 -28.03 -33.80 -24.72
CA PRO E 27 -28.12 -32.34 -24.87
C PRO E 27 -27.25 -31.58 -23.89
N GLY E 28 -27.06 -32.10 -22.67
CA GLY E 28 -26.17 -31.44 -21.74
C GLY E 28 -24.72 -31.48 -22.19
N GLU E 29 -24.30 -32.60 -22.78
CA GLU E 29 -22.94 -32.69 -23.31
C GLU E 29 -22.75 -31.79 -24.52
N LEU E 30 -23.76 -31.71 -25.40
CA LEU E 30 -23.65 -30.86 -26.57
C LEU E 30 -23.59 -29.39 -26.17
N GLU E 31 -24.34 -28.99 -25.14
CA GLU E 31 -24.26 -27.63 -24.64
C GLU E 31 -22.88 -27.33 -24.08
N GLN E 32 -22.32 -28.28 -23.31
CA GLN E 32 -20.97 -28.10 -22.77
C GLN E 32 -19.94 -28.01 -23.89
N THR E 33 -20.11 -28.83 -24.94
CA THR E 33 -19.18 -28.78 -26.06
C THR E 33 -19.28 -27.46 -26.81
N LEU E 34 -20.50 -26.97 -27.03
CA LEU E 34 -20.69 -25.71 -27.75
C LEU E 34 -20.10 -24.54 -26.98
N LEU E 35 -20.23 -24.55 -25.65
CA LEU E 35 -19.69 -23.46 -24.85
C LEU E 35 -18.17 -23.42 -24.90
N ARG E 36 -17.53 -24.59 -24.99
CA ARG E 36 -16.08 -24.66 -24.94
C ARG E 36 -15.41 -24.25 -26.24
N ILE E 37 -16.15 -24.17 -27.34
CA ILE E 37 -15.60 -23.72 -28.62
C ILE E 37 -16.06 -22.32 -28.99
N GLY E 38 -16.89 -21.69 -28.16
CA GLY E 38 -17.24 -20.30 -28.37
C GLY E 38 -18.63 -20.03 -28.91
N HIS E 39 -19.60 -20.86 -28.53
CA HIS E 39 -20.99 -20.68 -28.93
C HIS E 39 -21.84 -20.61 -27.67
N GLU E 40 -22.29 -19.41 -27.32
CA GLU E 40 -23.09 -19.21 -26.12
C GLU E 40 -24.45 -19.87 -26.31
N VAL E 41 -24.75 -20.85 -25.46
CA VAL E 41 -26.04 -21.53 -25.48
C VAL E 41 -26.97 -20.80 -24.53
N GLU E 42 -27.99 -20.15 -25.08
CA GLU E 42 -28.90 -19.36 -24.25
C GLU E 42 -29.86 -20.24 -23.46
N GLU E 43 -30.47 -21.23 -24.12
CA GLU E 43 -31.47 -22.05 -23.47
C GLU E 43 -31.74 -23.30 -24.31
N VAL E 44 -31.90 -24.43 -23.64
CA VAL E 44 -32.37 -25.66 -24.26
C VAL E 44 -33.80 -25.89 -23.78
N ILE E 45 -34.64 -26.43 -24.66
CA ILE E 45 -36.04 -26.65 -24.32
C ILE E 45 -36.51 -27.99 -24.89
N PRO E 46 -36.94 -28.91 -24.04
CA PRO E 46 -37.62 -30.11 -24.53
C PRO E 46 -39.00 -29.75 -25.06
N LEU E 47 -39.61 -30.71 -25.76
CA LEU E 47 -40.92 -30.54 -26.35
C LEU E 47 -41.95 -31.33 -25.53
N GLY E 48 -43.05 -30.67 -25.16
CA GLY E 48 -44.08 -31.30 -24.39
C GLY E 48 -43.84 -31.18 -22.89
N PRO E 49 -44.00 -32.29 -22.17
CA PRO E 49 -44.37 -33.63 -22.64
C PRO E 49 -45.88 -33.81 -22.67
N VAL E 50 -46.36 -34.94 -23.20
CA VAL E 50 -47.79 -35.21 -23.28
C VAL E 50 -48.04 -36.67 -22.91
N ASP E 51 -49.11 -36.90 -22.15
CA ASP E 51 -49.54 -38.24 -21.78
C ASP E 51 -51.05 -38.28 -21.78
N GLY E 52 -51.62 -39.20 -22.54
CA GLY E 52 -53.05 -39.31 -22.67
C GLY E 52 -53.48 -39.44 -24.12
N PRO E 53 -54.72 -39.07 -24.41
CA PRO E 53 -55.25 -39.19 -25.78
C PRO E 53 -54.70 -38.13 -26.73
N VAL E 54 -53.38 -38.11 -26.88
CA VAL E 54 -52.71 -37.19 -27.80
C VAL E 54 -52.44 -37.98 -29.07
N THR E 55 -53.37 -37.90 -30.03
CA THR E 55 -53.27 -38.68 -31.25
C THR E 55 -53.73 -37.83 -32.43
N VAL E 56 -53.37 -38.29 -33.63
CA VAL E 56 -53.69 -37.58 -34.87
C VAL E 56 -55.11 -37.93 -35.30
N GLY E 57 -55.85 -36.90 -35.74
CA GLY E 57 -57.21 -37.10 -36.17
C GLY E 57 -57.52 -36.34 -37.43
N ARG E 58 -58.56 -36.79 -38.13
CA ARG E 58 -59.03 -36.18 -39.36
C ARG E 58 -60.45 -35.65 -39.16
N VAL E 59 -60.67 -34.40 -39.52
CA VAL E 59 -61.97 -33.75 -39.30
C VAL E 59 -62.97 -34.23 -40.35
N ALA E 60 -64.21 -34.40 -39.93
CA ALA E 60 -65.29 -34.84 -40.82
C ALA E 60 -66.52 -33.99 -40.58
N ASP E 61 -67.41 -33.99 -41.57
CA ASP E 61 -68.67 -33.25 -41.53
C ASP E 61 -68.45 -31.74 -41.51
N ILE E 62 -69.54 -30.97 -41.57
CA ILE E 62 -69.46 -29.51 -41.66
C ILE E 62 -69.44 -28.90 -40.27
N GLU E 63 -69.09 -27.62 -40.19
CA GLU E 63 -68.94 -26.93 -38.91
C GLU E 63 -70.28 -26.44 -38.38
N GLU E 64 -70.28 -25.26 -37.76
CA GLU E 64 -71.48 -24.68 -37.19
C GLU E 64 -71.78 -23.31 -37.77
N ARG E 73 -66.52 -23.62 -35.30
CA ARG E 73 -66.46 -24.97 -35.87
C ARG E 73 -67.11 -25.98 -34.94
N ALA E 74 -67.69 -27.04 -35.51
CA ALA E 74 -68.36 -28.07 -34.73
C ALA E 74 -68.40 -29.34 -35.60
N CYS E 75 -67.45 -30.25 -35.35
CA CYS E 75 -67.30 -31.43 -36.19
C CYS E 75 -66.89 -32.62 -35.33
N ALA E 76 -66.78 -33.78 -35.95
CA ALA E 76 -66.25 -34.99 -35.36
C ALA E 76 -64.93 -35.36 -36.02
N VAL E 77 -64.14 -36.18 -35.33
CA VAL E 77 -62.77 -36.47 -35.76
C VAL E 77 -62.52 -37.97 -35.66
N ASP E 78 -61.91 -38.52 -36.71
CA ASP E 78 -61.44 -39.90 -36.69
C ASP E 78 -60.32 -40.04 -35.65
N ILE E 79 -60.54 -40.86 -34.62
CA ILE E 79 -59.53 -41.06 -33.59
C ILE E 79 -58.62 -42.24 -33.89
N GLY E 80 -58.81 -42.91 -35.01
CA GLY E 80 -58.00 -44.06 -35.36
C GLY E 80 -58.65 -45.37 -34.96
N ASP E 81 -58.38 -46.41 -35.74
CA ASP E 81 -58.95 -47.74 -35.52
C ASP E 81 -60.47 -47.69 -35.57
N ARG E 82 -61.02 -46.94 -36.53
CA ARG E 82 -62.46 -46.81 -36.75
C ARG E 82 -63.17 -46.22 -35.53
N GLN E 83 -62.48 -45.35 -34.79
CA GLN E 83 -63.07 -44.67 -33.65
C GLN E 83 -63.42 -43.23 -34.04
N TYR E 84 -64.44 -42.68 -33.37
CA TYR E 84 -64.93 -41.34 -33.68
C TYR E 84 -65.36 -40.64 -32.41
N ARG E 85 -64.91 -39.40 -32.24
CA ARG E 85 -65.31 -38.56 -31.12
C ARG E 85 -65.66 -37.18 -31.64
N GLU E 86 -66.36 -36.41 -30.81
CA GLU E 86 -66.79 -35.06 -31.16
C GLU E 86 -65.94 -34.04 -30.41
N ILE E 87 -65.80 -32.86 -31.01
CA ILE E 87 -65.03 -31.78 -30.42
C ILE E 87 -65.47 -30.45 -31.04
N ILE E 88 -65.78 -29.47 -30.21
CA ILE E 88 -66.24 -28.18 -30.67
C ILE E 88 -65.19 -27.12 -30.35
N CYS E 89 -64.24 -26.93 -31.26
CA CYS E 89 -63.14 -25.99 -31.07
C CYS E 89 -63.42 -24.73 -31.88
N GLY E 90 -63.27 -23.57 -31.23
CA GLY E 90 -63.46 -22.30 -31.89
C GLY E 90 -62.20 -21.75 -32.51
N ALA E 91 -61.94 -22.09 -33.77
CA ALA E 91 -60.74 -21.64 -34.46
C ALA E 91 -60.97 -21.74 -35.96
N THR E 92 -60.67 -20.66 -36.68
CA THR E 92 -60.78 -20.67 -38.13
C THR E 92 -59.51 -21.27 -38.73
N ASN E 93 -59.62 -22.51 -39.20
CA ASN E 93 -58.50 -23.29 -39.70
C ASN E 93 -59.02 -24.64 -40.18
N PHE E 94 -60.21 -24.99 -39.71
CA PHE E 94 -60.78 -26.31 -39.94
C PHE E 94 -61.14 -26.48 -41.42
N ALA E 95 -61.34 -27.74 -41.80
CA ALA E 95 -61.79 -28.12 -43.14
C ALA E 95 -62.20 -29.58 -43.07
N VAL E 96 -62.60 -30.13 -44.23
CA VAL E 96 -62.96 -31.53 -44.35
C VAL E 96 -61.74 -32.28 -44.87
N GLY E 97 -61.30 -33.29 -44.12
CA GLY E 97 -60.13 -34.05 -44.49
C GLY E 97 -58.83 -33.34 -44.18
N ASP E 98 -58.72 -32.82 -42.95
CA ASP E 98 -57.52 -32.13 -42.50
C ASP E 98 -56.98 -32.84 -41.28
N LEU E 99 -55.76 -33.36 -41.37
CA LEU E 99 -55.14 -34.07 -40.26
C LEU E 99 -54.82 -33.08 -39.14
N VAL E 100 -55.39 -33.31 -37.96
CA VAL E 100 -55.20 -32.45 -36.81
C VAL E 100 -54.81 -33.32 -35.61
N VAL E 101 -54.35 -32.65 -34.56
CA VAL E 101 -53.98 -33.30 -33.31
C VAL E 101 -55.08 -33.03 -32.28
N VAL E 102 -55.55 -34.09 -31.63
CA VAL E 102 -56.69 -34.02 -30.73
C VAL E 102 -56.25 -34.53 -29.36
N ALA E 103 -56.77 -33.90 -28.30
CA ALA E 103 -56.55 -34.33 -26.92
C ALA E 103 -57.91 -34.63 -26.30
N LEU E 104 -58.32 -35.90 -26.36
CA LEU E 104 -59.54 -36.35 -25.71
C LEU E 104 -59.36 -36.28 -24.19
N PRO E 105 -60.44 -36.36 -23.42
CA PRO E 105 -60.32 -36.26 -21.96
C PRO E 105 -59.30 -37.25 -21.39
N GLY E 106 -58.38 -36.70 -20.60
CA GLY E 106 -57.36 -37.52 -19.94
C GLY E 106 -55.95 -37.18 -20.38
N ALA E 107 -55.79 -36.11 -21.16
CA ALA E 107 -54.50 -35.74 -21.73
C ALA E 107 -53.81 -34.71 -20.84
N THR E 108 -52.57 -35.00 -20.46
CA THR E 108 -51.76 -34.08 -19.68
C THR E 108 -50.89 -33.27 -20.63
N LEU E 109 -51.20 -31.98 -20.77
CA LEU E 109 -50.45 -31.07 -21.61
C LEU E 109 -49.40 -30.33 -20.81
N PRO E 110 -48.37 -29.78 -21.46
CA PRO E 110 -47.34 -29.02 -20.72
C PRO E 110 -47.94 -27.88 -19.93
N GLY E 111 -47.80 -27.96 -18.61
CA GLY E 111 -48.39 -27.00 -17.70
C GLY E 111 -49.37 -27.59 -16.70
N GLY E 112 -49.55 -28.91 -16.69
CA GLY E 112 -50.47 -29.55 -15.77
C GLY E 112 -51.92 -29.58 -16.22
N PHE E 113 -52.26 -28.89 -17.31
CA PHE E 113 -53.64 -28.85 -17.78
C PHE E 113 -54.05 -30.24 -18.27
N THR E 114 -55.11 -30.78 -17.67
CA THR E 114 -55.62 -32.11 -18.00
C THR E 114 -56.93 -31.97 -18.76
N ILE E 115 -56.99 -32.59 -19.94
CA ILE E 115 -58.19 -32.54 -20.76
C ILE E 115 -59.29 -33.39 -20.13
N ASP E 126 -65.84 -34.39 -26.76
CA ASP E 126 -64.84 -35.34 -26.25
C ASP E 126 -63.43 -34.81 -26.44
N GLY E 127 -63.10 -33.74 -25.72
CA GLY E 127 -61.76 -33.18 -25.79
C GLY E 127 -61.69 -31.98 -26.71
N MET E 128 -60.45 -31.61 -27.04
CA MET E 128 -60.16 -30.44 -27.84
C MET E 128 -59.14 -30.77 -28.93
N ILE E 129 -59.11 -29.95 -29.97
CA ILE E 129 -58.08 -30.01 -30.99
C ILE E 129 -56.99 -29.03 -30.60
N CYS E 130 -55.77 -29.52 -30.47
CA CYS E 130 -54.68 -28.72 -29.93
C CYS E 130 -54.04 -27.87 -31.02
N SER E 131 -53.41 -26.78 -30.58
CA SER E 131 -52.57 -25.94 -31.43
C SER E 131 -51.11 -26.16 -31.06
N ALA E 132 -50.23 -25.47 -31.79
CA ALA E 132 -48.80 -25.62 -31.54
C ALA E 132 -48.38 -24.98 -30.22
N ALA E 133 -49.14 -24.02 -29.71
CA ALA E 133 -48.76 -23.34 -28.47
C ALA E 133 -48.99 -24.22 -27.24
N GLU E 134 -50.21 -24.76 -27.09
CA GLU E 134 -50.49 -25.59 -25.92
C GLU E 134 -49.76 -26.93 -25.98
N LEU E 135 -49.28 -27.35 -27.14
CA LEU E 135 -48.52 -28.58 -27.27
C LEU E 135 -47.03 -28.37 -27.08
N ASN E 136 -46.60 -27.17 -26.73
CA ASN E 136 -45.18 -26.82 -26.59
C ASN E 136 -44.41 -27.14 -27.87
N LEU E 137 -44.76 -26.41 -28.92
CA LEU E 137 -44.14 -26.59 -30.23
C LEU E 137 -43.66 -25.25 -30.79
N GLY E 138 -44.58 -24.30 -30.88
CA GLY E 138 -44.22 -22.99 -31.40
C GLY E 138 -45.33 -22.00 -31.19
N ALA E 139 -45.13 -20.80 -31.75
CA ALA E 139 -46.11 -19.72 -31.65
C ALA E 139 -47.07 -19.83 -32.83
N ASP E 140 -48.33 -20.13 -32.55
CA ASP E 140 -49.35 -20.30 -33.58
C ASP E 140 -50.69 -19.77 -33.07
N HIS E 141 -50.65 -18.58 -32.45
CA HIS E 141 -51.80 -17.92 -31.82
C HIS E 141 -52.75 -18.91 -31.16
N SER E 142 -54.04 -18.77 -31.41
CA SER E 142 -55.05 -19.68 -30.88
C SER E 142 -55.57 -20.66 -31.91
N GLY E 143 -55.14 -20.54 -33.16
CA GLY E 143 -55.57 -21.47 -34.19
C GLY E 143 -54.85 -22.80 -34.09
N ILE E 144 -55.60 -23.87 -34.33
CA ILE E 144 -55.11 -25.24 -34.15
C ILE E 144 -53.99 -25.55 -35.14
N LEU E 145 -53.30 -26.66 -34.92
CA LEU E 145 -52.24 -27.11 -35.81
C LEU E 145 -52.82 -28.06 -36.85
N VAL E 146 -52.51 -27.80 -38.12
CA VAL E 146 -53.01 -28.59 -39.24
C VAL E 146 -51.85 -29.34 -39.84
N LEU E 147 -51.86 -30.67 -39.72
CA LEU E 147 -50.84 -31.47 -40.36
C LEU E 147 -51.19 -31.66 -41.84
N PRO E 148 -50.19 -31.71 -42.72
CA PRO E 148 -50.48 -31.82 -44.15
C PRO E 148 -51.02 -33.22 -44.47
N PRO E 149 -51.86 -33.33 -45.48
CA PRO E 149 -52.36 -34.66 -45.88
C PRO E 149 -51.22 -35.63 -46.16
N GLY E 150 -51.30 -36.81 -45.56
CA GLY E 150 -50.26 -37.81 -45.67
C GLY E 150 -49.20 -37.75 -44.61
N ALA E 151 -49.31 -36.83 -43.64
CA ALA E 151 -48.31 -36.73 -42.59
C ALA E 151 -48.36 -37.94 -41.67
N ALA E 152 -49.56 -38.45 -41.39
CA ALA E 152 -49.72 -39.59 -40.52
C ALA E 152 -51.11 -40.18 -40.70
N GLU E 153 -51.23 -41.45 -40.34
CA GLU E 153 -52.53 -42.10 -40.30
C GLU E 153 -53.30 -41.64 -39.06
N PRO E 154 -54.60 -41.39 -39.18
CA PRO E 154 -55.39 -41.04 -38.00
C PRO E 154 -55.31 -42.13 -36.94
N GLY E 155 -54.93 -41.74 -35.73
CA GLY E 155 -54.74 -42.67 -34.63
C GLY E 155 -53.29 -42.94 -34.27
N ALA E 156 -52.34 -42.34 -34.97
CA ALA E 156 -50.93 -42.54 -34.65
C ALA E 156 -50.57 -41.81 -33.36
N ASP E 157 -49.56 -42.34 -32.67
CA ASP E 157 -49.10 -41.75 -31.42
C ASP E 157 -48.60 -40.34 -31.63
N GLY E 158 -49.31 -39.35 -31.07
CA GLY E 158 -48.97 -37.96 -31.31
C GLY E 158 -47.57 -37.59 -30.86
N ALA E 159 -47.07 -38.23 -29.79
CA ALA E 159 -45.73 -37.94 -29.32
C ALA E 159 -44.68 -38.36 -30.34
N GLY E 160 -44.99 -39.34 -31.19
CA GLY E 160 -44.06 -39.79 -32.20
C GLY E 160 -44.13 -39.01 -33.49
N VAL E 161 -45.35 -38.66 -33.91
CA VAL E 161 -45.51 -37.90 -35.15
C VAL E 161 -45.01 -36.46 -34.96
N LEU E 162 -45.22 -35.89 -33.77
CA LEU E 162 -44.85 -34.51 -33.53
C LEU E 162 -43.38 -34.36 -33.16
N GLY E 163 -42.72 -35.44 -32.77
CA GLY E 163 -41.31 -35.39 -32.39
C GLY E 163 -41.09 -34.70 -31.06
N LEU E 164 -41.86 -35.11 -30.04
CA LEU E 164 -41.76 -34.49 -28.73
C LEU E 164 -40.48 -34.85 -27.99
N ASP E 165 -39.73 -35.83 -28.48
CA ASP E 165 -38.48 -36.23 -27.84
C ASP E 165 -37.30 -35.37 -28.26
N ASP E 166 -37.52 -34.36 -29.11
CA ASP E 166 -36.45 -33.49 -29.58
C ASP E 166 -36.10 -32.47 -28.49
N VAL E 167 -35.10 -31.64 -28.79
CA VAL E 167 -34.70 -30.53 -27.92
C VAL E 167 -34.22 -29.39 -28.81
N VAL E 168 -34.79 -28.20 -28.62
CA VAL E 168 -34.43 -27.04 -29.41
C VAL E 168 -33.33 -26.27 -28.68
N PHE E 169 -32.30 -25.88 -29.44
CA PHE E 169 -31.17 -25.14 -28.90
C PHE E 169 -31.23 -23.70 -29.39
N HIS E 170 -31.26 -22.75 -28.46
CA HIS E 170 -31.18 -21.33 -28.76
C HIS E 170 -29.77 -20.87 -28.40
N LEU E 171 -29.00 -20.46 -29.40
CA LEU E 171 -27.62 -20.08 -29.22
C LEU E 171 -27.41 -18.61 -29.56
N ALA E 172 -26.36 -18.04 -28.98
CA ALA E 172 -25.95 -16.67 -29.25
C ALA E 172 -24.70 -16.73 -30.12
N ILE E 173 -24.86 -16.37 -31.40
CA ILE E 173 -23.77 -16.43 -32.36
C ILE E 173 -23.05 -15.09 -32.38
N THR E 174 -21.75 -15.10 -32.10
CA THR E 174 -20.96 -13.88 -32.11
C THR E 174 -20.89 -13.31 -33.52
N PRO E 175 -20.69 -11.99 -33.66
CA PRO E 175 -20.72 -11.36 -34.99
C PRO E 175 -19.62 -11.82 -35.93
N ASP E 176 -18.53 -12.38 -35.41
CA ASP E 176 -17.45 -12.85 -36.27
C ASP E 176 -17.70 -14.25 -36.82
N ARG E 177 -18.82 -14.88 -36.47
CA ARG E 177 -19.10 -16.23 -36.94
C ARG E 177 -20.41 -16.28 -37.71
N GLY E 178 -20.54 -15.44 -38.74
CA GLY E 178 -21.76 -15.43 -39.53
C GLY E 178 -21.99 -16.74 -40.25
N TYR E 179 -20.92 -17.51 -40.48
CA TYR E 179 -21.07 -18.83 -41.09
C TYR E 179 -21.80 -19.80 -40.16
N CYS E 180 -21.74 -19.57 -38.86
CA CYS E 180 -22.49 -20.38 -37.89
C CYS E 180 -23.97 -20.05 -37.87
N MET E 181 -24.43 -19.21 -38.78
CA MET E 181 -25.85 -18.89 -38.90
C MET E 181 -26.56 -19.87 -39.83
N SER E 182 -26.35 -21.17 -39.59
CA SER E 182 -27.02 -22.23 -40.34
C SER E 182 -26.79 -23.55 -39.61
N VAL E 183 -27.41 -24.60 -40.15
CA VAL E 183 -27.07 -25.96 -39.73
C VAL E 183 -25.76 -26.43 -40.37
N ARG E 184 -25.40 -25.86 -41.51
CA ARG E 184 -24.14 -26.23 -42.16
C ARG E 184 -22.93 -25.83 -41.31
N GLY E 185 -22.87 -24.55 -40.92
CA GLY E 185 -21.75 -24.09 -40.10
C GLY E 185 -21.74 -24.70 -38.72
N LEU E 186 -22.91 -24.98 -38.16
CA LEU E 186 -22.97 -25.58 -36.82
C LEU E 186 -22.55 -27.04 -36.85
N ALA E 187 -22.98 -27.78 -37.88
CA ALA E 187 -22.55 -29.18 -38.00
C ALA E 187 -21.06 -29.27 -38.30
N ARG E 188 -20.52 -28.32 -39.06
CA ARG E 188 -19.08 -28.31 -39.31
C ARG E 188 -18.30 -28.04 -38.03
N GLU E 189 -18.82 -27.14 -37.17
CA GLU E 189 -18.13 -26.84 -35.93
C GLU E 189 -18.12 -28.05 -35.00
N LEU E 190 -19.24 -28.77 -34.92
CA LEU E 190 -19.28 -29.97 -34.07
C LEU E 190 -18.35 -31.04 -34.60
N ALA E 191 -18.21 -31.14 -35.93
CA ALA E 191 -17.29 -32.11 -36.51
C ALA E 191 -15.84 -31.79 -36.14
N CYS E 192 -15.51 -30.51 -36.00
CA CYS E 192 -14.16 -30.13 -35.57
C CYS E 192 -13.93 -30.47 -34.10
N ALA E 193 -14.94 -30.23 -33.26
CA ALA E 193 -14.78 -30.45 -31.83
C ALA E 193 -14.64 -31.94 -31.51
N TYR E 194 -15.42 -32.78 -32.19
CA TYR E 194 -15.39 -34.22 -31.96
C TYR E 194 -14.48 -34.95 -32.94
N ASP E 195 -13.74 -34.23 -33.77
CA ASP E 195 -12.81 -34.80 -34.74
C ASP E 195 -13.53 -35.83 -35.63
N LEU E 196 -14.59 -35.36 -36.28
CA LEU E 196 -15.47 -36.22 -37.05
C LEU E 196 -15.31 -35.98 -38.54
N ASP E 197 -15.70 -36.99 -39.32
CA ASP E 197 -15.82 -36.85 -40.75
C ASP E 197 -17.04 -35.99 -41.07
N PHE E 198 -16.84 -34.91 -41.80
CA PHE E 198 -17.91 -33.97 -42.12
C PHE E 198 -18.27 -34.05 -43.59
N VAL E 199 -19.57 -34.14 -43.87
CA VAL E 199 -20.09 -34.10 -45.23
C VAL E 199 -20.82 -32.76 -45.39
N ASP E 200 -20.22 -31.86 -46.15
CA ASP E 200 -20.78 -30.54 -46.36
C ASP E 200 -22.15 -30.66 -47.04
N PRO E 201 -23.23 -30.18 -46.40
CA PRO E 201 -24.56 -30.24 -47.04
C PRO E 201 -24.71 -29.33 -48.25
N ALA E 202 -23.65 -28.60 -48.64
CA ALA E 202 -23.68 -27.76 -49.83
C ALA E 202 -22.77 -28.28 -50.94
N SER E 203 -22.17 -29.46 -50.74
CA SER E 203 -21.28 -30.01 -51.75
C SER E 203 -22.06 -30.56 -52.94
N ASN E 204 -21.34 -30.88 -54.01
CA ASN E 204 -21.98 -31.36 -55.22
C ASN E 204 -22.60 -32.74 -55.04
N SER E 205 -22.08 -33.54 -54.11
CA SER E 205 -22.63 -34.88 -53.90
C SER E 205 -23.98 -34.83 -53.19
N ARG E 206 -24.19 -33.84 -52.32
CA ARG E 206 -25.47 -33.66 -51.67
C ARG E 206 -26.43 -32.81 -52.51
N VAL E 207 -25.91 -31.85 -53.25
CA VAL E 207 -26.71 -31.07 -54.20
C VAL E 207 -26.14 -31.29 -55.59
N PRO E 208 -26.58 -32.33 -56.31
CA PRO E 208 -26.05 -32.58 -57.65
C PRO E 208 -26.25 -31.39 -58.57
N PRO E 209 -25.26 -31.05 -59.40
CA PRO E 209 -25.36 -29.85 -60.24
C PRO E 209 -26.48 -29.99 -61.26
N LEU E 210 -27.36 -29.00 -61.28
CA LEU E 210 -28.46 -28.96 -62.23
C LEU E 210 -27.97 -28.47 -63.59
N PRO E 211 -28.57 -28.96 -64.67
CA PRO E 211 -28.04 -28.64 -66.01
C PRO E 211 -28.19 -27.17 -66.35
N ILE E 212 -27.31 -26.71 -67.23
CA ILE E 212 -27.36 -25.36 -67.76
C ILE E 212 -27.56 -25.44 -69.27
N GLU E 213 -28.37 -24.52 -69.80
CA GLU E 213 -28.64 -24.48 -71.23
C GLU E 213 -28.85 -23.07 -71.76
N GLY E 214 -28.88 -22.05 -70.92
CA GLY E 214 -29.07 -20.69 -71.36
C GLY E 214 -29.42 -19.76 -70.21
N PRO E 215 -29.55 -18.46 -70.50
CA PRO E 215 -29.87 -17.51 -69.44
C PRO E 215 -31.30 -17.69 -68.95
N ALA E 216 -31.46 -17.65 -67.62
CA ALA E 216 -32.78 -17.84 -67.03
C ALA E 216 -33.63 -16.58 -67.09
N TRP E 217 -32.99 -15.40 -67.02
CA TRP E 217 -33.72 -14.14 -67.03
C TRP E 217 -32.73 -13.02 -67.34
N PRO E 218 -33.12 -12.02 -68.14
CA PRO E 218 -32.22 -10.88 -68.36
C PRO E 218 -31.97 -10.14 -67.06
N LEU E 219 -30.70 -9.76 -66.86
CA LEU E 219 -30.28 -9.14 -65.59
C LEU E 219 -29.25 -8.05 -65.87
N THR E 220 -29.48 -6.87 -65.32
CA THR E 220 -28.52 -5.77 -65.36
C THR E 220 -28.21 -5.36 -63.93
N VAL E 221 -26.91 -5.30 -63.60
CA VAL E 221 -26.46 -5.05 -62.24
C VAL E 221 -25.50 -3.87 -62.26
N GLN E 222 -25.75 -2.90 -61.38
CA GLN E 222 -24.85 -1.77 -61.23
C GLN E 222 -23.58 -2.23 -60.53
N PRO E 223 -22.40 -2.07 -61.14
CA PRO E 223 -21.17 -2.56 -60.49
C PRO E 223 -20.83 -1.85 -59.20
N GLU E 224 -21.11 -0.55 -59.10
CA GLU E 224 -20.81 0.22 -57.91
C GLU E 224 -21.82 -0.02 -56.79
N THR E 225 -22.63 -1.07 -56.88
CA THR E 225 -23.62 -1.36 -55.87
C THR E 225 -23.01 -2.15 -54.70
N GLY E 226 -22.31 -3.24 -55.02
CA GLY E 226 -21.68 -4.05 -53.99
C GLY E 226 -22.17 -5.48 -53.97
N VAL E 227 -22.71 -5.95 -55.08
CA VAL E 227 -23.18 -7.33 -55.20
C VAL E 227 -22.00 -8.22 -55.59
N ARG E 228 -21.84 -9.33 -54.88
CA ARG E 228 -20.80 -10.31 -55.19
C ARG E 228 -21.28 -11.31 -56.24
N ARG E 229 -22.46 -11.90 -56.00
CA ARG E 229 -23.01 -12.92 -56.89
C ARG E 229 -24.52 -12.76 -56.95
N PHE E 230 -25.07 -12.97 -58.14
CA PHE E 230 -26.52 -12.92 -58.34
C PHE E 230 -26.90 -14.10 -59.24
N ALA E 231 -27.60 -15.08 -58.68
CA ALA E 231 -28.00 -16.27 -59.40
C ALA E 231 -29.52 -16.36 -59.49
N LEU E 232 -30.00 -16.89 -60.61
CA LEU E 232 -31.43 -17.02 -60.86
C LEU E 232 -31.71 -18.35 -61.53
N ARG E 233 -32.81 -18.99 -61.13
CA ARG E 233 -33.25 -20.25 -61.72
C ARG E 233 -34.74 -20.46 -61.46
N PRO E 234 -35.54 -20.63 -62.51
CA PRO E 234 -37.00 -20.74 -62.32
C PRO E 234 -37.49 -22.18 -62.24
N VAL E 235 -38.62 -22.37 -61.57
CA VAL E 235 -39.34 -23.64 -61.53
C VAL E 235 -40.73 -23.40 -62.10
N ILE E 236 -41.15 -24.28 -63.01
CA ILE E 236 -42.36 -24.07 -63.79
C ILE E 236 -43.34 -25.21 -63.52
N GLY E 237 -44.59 -24.85 -63.26
CA GLY E 237 -45.67 -25.82 -63.18
C GLY E 237 -45.81 -26.51 -61.85
N ILE E 238 -45.86 -25.75 -60.76
CA ILE E 238 -46.03 -26.32 -59.44
C ILE E 238 -47.51 -26.31 -59.08
N ASP E 239 -47.88 -27.18 -58.14
CA ASP E 239 -49.26 -27.31 -57.71
C ASP E 239 -49.58 -26.27 -56.64
N PRO E 240 -50.47 -25.32 -56.93
CA PRO E 240 -50.82 -24.31 -55.91
C PRO E 240 -51.54 -24.88 -54.72
N ALA E 241 -52.20 -26.03 -54.86
CA ALA E 241 -52.88 -26.67 -53.74
C ALA E 241 -51.97 -27.61 -52.94
N ALA E 242 -50.74 -27.84 -53.40
CA ALA E 242 -49.80 -28.68 -52.68
C ALA E 242 -49.24 -27.93 -51.48
N VAL E 243 -49.03 -28.65 -50.39
CA VAL E 243 -48.49 -28.08 -49.16
C VAL E 243 -47.20 -28.79 -48.81
N SER E 244 -46.40 -28.13 -47.97
CA SER E 244 -45.13 -28.70 -47.55
C SER E 244 -45.36 -29.93 -46.67
N PRO E 245 -44.45 -30.90 -46.72
CA PRO E 245 -44.59 -32.08 -45.84
C PRO E 245 -44.39 -31.70 -44.39
N TRP E 246 -44.65 -32.67 -43.51
CA TRP E 246 -44.60 -32.39 -42.08
C TRP E 246 -43.17 -32.21 -41.59
N TRP E 247 -42.22 -32.98 -42.16
CA TRP E 247 -40.84 -32.86 -41.71
C TRP E 247 -40.26 -31.48 -42.02
N LEU E 248 -40.67 -30.87 -43.14
CA LEU E 248 -40.26 -29.50 -43.43
C LEU E 248 -40.98 -28.52 -42.52
N GLN E 249 -42.30 -28.70 -42.37
CA GLN E 249 -43.09 -27.76 -41.56
C GLN E 249 -42.64 -27.81 -40.10
N ARG E 250 -42.39 -29.00 -39.57
CA ARG E 250 -41.98 -29.12 -38.18
C ARG E 250 -40.61 -28.51 -37.93
N ARG E 251 -39.68 -28.71 -38.87
CA ARG E 251 -38.34 -28.15 -38.69
C ARG E 251 -38.33 -26.63 -38.87
N LEU E 252 -39.27 -26.10 -39.65
CA LEU E 252 -39.37 -24.65 -39.77
C LEU E 252 -39.96 -24.02 -38.52
N LEU E 253 -40.89 -24.70 -37.85
CA LEU E 253 -41.49 -24.15 -36.63
C LEU E 253 -40.50 -24.16 -35.48
N LEU E 254 -39.73 -25.23 -35.34
CA LEU E 254 -38.77 -25.36 -34.26
C LEU E 254 -37.61 -24.37 -34.37
N CYS E 255 -37.52 -23.61 -35.46
CA CYS E 255 -36.48 -22.61 -35.64
C CYS E 255 -37.01 -21.19 -35.67
N GLY E 256 -38.34 -21.01 -35.59
CA GLY E 256 -38.91 -19.67 -35.53
C GLY E 256 -39.28 -19.09 -36.88
N ILE E 257 -39.80 -19.92 -37.77
CA ILE E 257 -40.22 -19.49 -39.10
C ILE E 257 -41.58 -20.12 -39.38
N ARG E 258 -42.59 -19.27 -39.61
CA ARG E 258 -43.93 -19.75 -39.89
C ARG E 258 -44.01 -20.31 -41.30
N ALA E 259 -44.61 -21.49 -41.45
CA ALA E 259 -44.74 -22.14 -42.74
C ALA E 259 -46.00 -21.67 -43.45
N THR E 260 -45.88 -21.40 -44.75
CA THR E 260 -47.01 -20.94 -45.55
C THR E 260 -47.28 -21.90 -46.70
N CYS E 261 -46.44 -21.84 -47.73
CA CYS E 261 -46.57 -22.67 -48.92
C CYS E 261 -45.21 -23.24 -49.28
N PRO E 262 -45.17 -24.37 -49.99
CA PRO E 262 -43.87 -24.99 -50.31
C PRO E 262 -42.94 -24.09 -51.11
N ALA E 263 -43.45 -23.09 -51.81
CA ALA E 263 -42.57 -22.19 -52.56
C ALA E 263 -41.73 -21.34 -51.62
N VAL E 264 -42.37 -20.73 -50.61
CA VAL E 264 -41.63 -19.92 -49.64
C VAL E 264 -41.02 -20.76 -48.54
N ASP E 265 -41.55 -21.96 -48.29
CA ASP E 265 -41.01 -22.80 -47.23
C ASP E 265 -39.61 -23.30 -47.55
N VAL E 266 -39.37 -23.66 -48.81
CA VAL E 266 -38.06 -24.20 -49.17
C VAL E 266 -36.99 -23.13 -49.13
N THR E 267 -37.33 -21.88 -49.47
CA THR E 267 -36.35 -20.80 -49.40
C THR E 267 -35.95 -20.52 -47.95
N ASN E 268 -36.91 -20.62 -47.02
CA ASN E 268 -36.58 -20.48 -45.61
C ASN E 268 -35.85 -21.72 -45.09
N TYR E 269 -36.22 -22.90 -45.61
CA TYR E 269 -35.57 -24.12 -45.17
C TYR E 269 -34.13 -24.20 -45.68
N VAL E 270 -33.88 -23.73 -46.90
CA VAL E 270 -32.53 -23.78 -47.46
C VAL E 270 -31.64 -22.74 -46.80
N MET E 271 -32.20 -21.56 -46.50
CA MET E 271 -31.44 -20.55 -45.77
C MET E 271 -30.97 -21.08 -44.42
N LEU E 272 -31.81 -21.89 -43.76
CA LEU E 272 -31.44 -22.44 -42.47
C LEU E 272 -30.43 -23.58 -42.60
N GLU E 273 -30.57 -24.39 -43.65
CA GLU E 273 -29.71 -25.56 -43.79
C GLU E 273 -28.29 -25.17 -44.22
N LEU E 274 -28.18 -24.19 -45.13
CA LEU E 274 -26.90 -23.86 -45.73
C LEU E 274 -26.39 -22.45 -45.43
N GLY E 275 -27.23 -21.59 -44.83
CA GLY E 275 -26.79 -20.25 -44.50
C GLY E 275 -26.89 -19.25 -45.63
N HIS E 276 -27.35 -19.66 -46.81
CA HIS E 276 -27.53 -18.75 -47.93
C HIS E 276 -28.99 -18.31 -47.99
N PRO E 277 -29.30 -17.04 -47.73
CA PRO E 277 -30.69 -16.59 -47.82
C PRO E 277 -31.25 -16.81 -49.22
N MET E 278 -32.54 -17.14 -49.27
CA MET E 278 -33.20 -17.39 -50.55
C MET E 278 -34.58 -16.78 -50.57
N HIS E 279 -35.00 -16.35 -51.76
CA HIS E 279 -36.29 -15.73 -51.97
C HIS E 279 -36.90 -16.26 -53.26
N ALA E 280 -38.23 -16.36 -53.27
CA ALA E 280 -38.97 -16.88 -54.41
C ALA E 280 -39.87 -15.78 -54.97
N HIS E 281 -39.80 -15.59 -56.29
CA HIS E 281 -40.63 -14.61 -56.99
C HIS E 281 -41.61 -15.35 -57.89
N ASP E 282 -42.85 -14.85 -57.94
CA ASP E 282 -43.87 -15.41 -58.83
C ASP E 282 -43.49 -15.07 -60.26
N ARG E 283 -42.87 -16.05 -60.95
CA ARG E 283 -42.25 -15.81 -62.25
C ARG E 283 -43.15 -15.07 -63.23
N ASN E 284 -44.47 -15.28 -63.14
CA ASN E 284 -45.40 -14.65 -64.07
C ASN E 284 -45.69 -13.19 -63.75
N ARG E 285 -45.08 -12.63 -62.70
CA ARG E 285 -45.36 -11.25 -62.29
C ARG E 285 -44.16 -10.33 -62.44
N ILE E 286 -43.12 -10.74 -63.16
CA ILE E 286 -41.96 -9.91 -63.42
C ILE E 286 -42.02 -9.45 -64.87
N SER E 287 -42.05 -8.15 -65.09
CA SER E 287 -42.04 -7.59 -66.42
C SER E 287 -40.60 -7.29 -66.85
N GLY E 288 -40.36 -7.44 -68.15
CA GLY E 288 -39.09 -7.10 -68.78
C GLY E 288 -37.90 -7.68 -68.07
N THR E 289 -36.80 -6.92 -68.11
CA THR E 289 -35.54 -7.34 -67.52
C THR E 289 -35.49 -7.00 -66.04
N LEU E 290 -34.63 -7.72 -65.31
CA LEU E 290 -34.41 -7.50 -63.89
C LEU E 290 -33.20 -6.62 -63.68
N GLY E 291 -33.29 -5.71 -62.71
CA GLY E 291 -32.21 -4.78 -62.46
C GLY E 291 -31.86 -4.59 -61.00
N VAL E 292 -30.58 -4.48 -60.70
CA VAL E 292 -30.09 -4.16 -59.37
C VAL E 292 -29.46 -2.78 -59.42
N ARG E 293 -29.99 -1.85 -58.63
CA ARG E 293 -29.55 -0.46 -58.69
C ARG E 293 -29.77 0.19 -57.34
N PHE E 294 -29.12 1.35 -57.15
CA PHE E 294 -29.35 2.15 -55.96
C PHE E 294 -30.69 2.87 -56.07
N ALA E 295 -31.44 2.87 -54.97
CA ALA E 295 -32.72 3.56 -54.94
C ALA E 295 -32.52 5.08 -54.96
N ARG E 296 -33.61 5.80 -55.23
CA ARG E 296 -33.60 7.24 -55.23
C ARG E 296 -34.10 7.75 -53.87
N SER E 297 -34.27 9.07 -53.77
CA SER E 297 -34.69 9.66 -52.50
C SER E 297 -36.16 9.40 -52.22
N GLY E 298 -37.03 9.83 -53.13
CA GLY E 298 -38.46 9.63 -52.96
C GLY E 298 -38.97 8.26 -53.32
N GLU E 299 -38.09 7.34 -53.73
CA GLU E 299 -38.52 6.00 -54.08
C GLU E 299 -39.10 5.30 -52.86
N THR E 300 -40.34 4.85 -52.99
CA THR E 300 -41.06 4.20 -51.89
C THR E 300 -41.58 2.85 -52.38
N ALA E 301 -41.33 1.81 -51.60
CA ALA E 301 -41.68 0.45 -51.98
C ALA E 301 -42.53 -0.21 -50.90
N VAL E 302 -43.40 -1.11 -51.33
CA VAL E 302 -44.23 -1.89 -50.43
C VAL E 302 -43.64 -3.29 -50.32
N THR E 303 -43.55 -3.80 -49.10
CA THR E 303 -42.93 -5.09 -48.85
C THR E 303 -43.98 -6.20 -48.89
N LEU E 304 -43.50 -7.45 -48.78
CA LEU E 304 -44.41 -8.60 -48.75
C LEU E 304 -45.34 -8.57 -47.55
N ASP E 305 -44.94 -7.92 -46.46
CA ASP E 305 -45.82 -7.78 -45.31
C ASP E 305 -46.94 -6.78 -45.57
N GLY E 306 -46.81 -5.94 -46.60
CA GLY E 306 -47.82 -4.97 -46.96
C GLY E 306 -47.48 -3.55 -46.56
N ILE E 307 -46.50 -3.36 -45.68
CA ILE E 307 -46.15 -2.02 -45.21
C ILE E 307 -45.37 -1.29 -46.29
N GLU E 308 -45.67 -0.01 -46.44
CA GLU E 308 -44.96 0.84 -47.39
C GLU E 308 -43.83 1.57 -46.69
N ARG E 309 -42.63 1.51 -47.26
CA ARG E 309 -41.44 2.06 -46.65
C ARG E 309 -40.73 3.02 -47.59
N LYS E 310 -40.21 4.11 -47.04
CA LYS E 310 -39.39 5.03 -47.82
C LYS E 310 -37.96 4.51 -47.90
N LEU E 311 -37.28 4.88 -48.99
CA LEU E 311 -35.93 4.42 -49.26
C LEU E 311 -34.99 5.61 -49.44
N ASP E 312 -33.70 5.33 -49.35
CA ASP E 312 -32.66 6.35 -49.44
C ASP E 312 -31.71 6.02 -50.59
N THR E 313 -30.70 6.88 -50.76
CA THR E 313 -29.73 6.68 -51.84
C THR E 313 -28.79 5.52 -51.55
N ALA E 314 -28.43 5.32 -50.28
CA ALA E 314 -27.49 4.26 -49.92
C ALA E 314 -28.12 2.87 -49.98
N ASP E 315 -29.43 2.77 -50.18
CA ASP E 315 -30.10 1.48 -50.25
C ASP E 315 -30.06 0.93 -51.66
N VAL E 316 -30.19 -0.39 -51.77
CA VAL E 316 -30.13 -1.10 -53.04
C VAL E 316 -31.44 -1.83 -53.25
N LEU E 317 -31.85 -1.95 -54.51
CA LEU E 317 -33.16 -2.49 -54.85
C LEU E 317 -33.04 -3.45 -56.02
N ILE E 318 -33.92 -4.45 -56.03
CA ILE E 318 -34.17 -5.28 -57.20
C ILE E 318 -35.44 -4.78 -57.87
N VAL E 319 -35.36 -4.48 -59.16
CA VAL E 319 -36.45 -3.82 -59.87
C VAL E 319 -36.66 -4.46 -61.23
N ASP E 320 -37.83 -4.18 -61.80
CA ASP E 320 -38.10 -4.46 -63.20
C ASP E 320 -38.40 -3.13 -63.89
N ASP E 321 -39.00 -3.17 -65.08
CA ASP E 321 -39.45 -1.96 -65.75
C ASP E 321 -40.89 -1.59 -65.39
N ALA E 322 -41.31 -1.88 -64.16
CA ALA E 322 -42.67 -1.59 -63.74
C ALA E 322 -42.73 -1.23 -62.25
N ALA E 323 -41.99 -1.95 -61.42
CA ALA E 323 -42.00 -1.73 -59.98
C ALA E 323 -40.70 -2.26 -59.38
N THR E 324 -40.60 -2.15 -58.06
CA THR E 324 -39.46 -2.67 -57.31
C THR E 324 -39.80 -4.05 -56.79
N ALA E 325 -38.89 -5.01 -57.02
CA ALA E 325 -39.15 -6.40 -56.67
C ALA E 325 -38.66 -6.77 -55.28
N ALA E 326 -37.58 -6.14 -54.80
CA ALA E 326 -37.02 -6.49 -53.51
C ALA E 326 -36.08 -5.40 -53.04
N ILE E 327 -36.01 -5.23 -51.72
CA ILE E 327 -34.99 -4.41 -51.08
C ILE E 327 -33.77 -5.30 -50.89
N GLY E 328 -32.70 -5.01 -51.63
CA GLY E 328 -31.53 -5.86 -51.69
C GLY E 328 -30.97 -6.34 -50.36
N GLY E 329 -31.23 -7.61 -50.04
CA GLY E 329 -30.71 -8.20 -48.83
C GLY E 329 -31.55 -8.01 -47.58
N VAL E 330 -32.76 -7.46 -47.71
CA VAL E 330 -33.62 -7.23 -46.55
C VAL E 330 -34.86 -8.10 -46.67
N MET E 331 -35.71 -7.80 -47.64
CA MET E 331 -36.94 -8.55 -47.86
C MET E 331 -37.48 -8.18 -49.24
N GLY E 332 -38.09 -9.17 -49.90
CA GLY E 332 -38.71 -8.92 -51.18
C GLY E 332 -40.00 -8.14 -51.07
N ALA E 333 -40.43 -7.62 -52.21
CA ALA E 333 -41.64 -6.81 -52.27
C ALA E 333 -42.86 -7.67 -52.57
N ALA E 334 -44.04 -7.09 -52.38
CA ALA E 334 -45.30 -7.77 -52.62
C ALA E 334 -45.69 -7.79 -54.09
N SER E 335 -44.98 -7.06 -54.95
CA SER E 335 -45.34 -7.03 -56.36
C SER E 335 -44.95 -8.33 -57.06
N THR E 336 -43.94 -9.04 -56.55
CA THR E 336 -43.53 -10.33 -57.10
C THR E 336 -43.60 -11.45 -56.07
N GLU E 337 -44.32 -11.24 -54.97
CA GLU E 337 -44.37 -12.23 -53.91
C GLU E 337 -45.14 -13.48 -54.38
N VAL E 338 -44.85 -14.60 -53.73
CA VAL E 338 -45.53 -15.85 -54.02
C VAL E 338 -46.84 -15.90 -53.26
N ARG E 339 -47.93 -16.17 -53.97
CA ARG E 339 -49.26 -16.21 -53.40
C ARG E 339 -49.81 -17.64 -53.47
N ALA E 340 -51.08 -17.80 -53.11
CA ALA E 340 -51.70 -19.11 -53.02
C ALA E 340 -51.97 -19.76 -54.37
N ASP E 341 -51.68 -19.06 -55.48
CA ASP E 341 -51.97 -19.58 -56.81
C ASP E 341 -50.73 -19.66 -57.69
N SER E 342 -49.55 -19.41 -57.13
CA SER E 342 -48.33 -19.38 -57.94
C SER E 342 -48.02 -20.75 -58.51
N THR E 343 -47.81 -20.81 -59.82
CA THR E 343 -47.39 -22.03 -60.50
C THR E 343 -45.97 -21.95 -61.03
N ASP E 344 -45.54 -20.78 -61.51
CA ASP E 344 -44.19 -20.55 -62.00
C ASP E 344 -43.48 -19.63 -61.01
N VAL E 345 -42.37 -20.11 -60.44
CA VAL E 345 -41.61 -19.35 -59.47
C VAL E 345 -40.20 -19.12 -60.01
N LEU E 346 -39.57 -18.05 -59.53
CA LEU E 346 -38.21 -17.68 -59.93
C LEU E 346 -37.42 -17.36 -58.66
N LEU E 347 -36.39 -18.16 -58.39
CA LEU E 347 -35.60 -18.02 -57.18
C LEU E 347 -34.38 -17.14 -57.43
N GLU E 348 -34.06 -16.30 -56.46
CA GLU E 348 -33.02 -15.28 -56.58
C GLU E 348 -31.95 -15.52 -55.52
N ALA E 349 -30.82 -16.08 -55.93
CA ALA E 349 -29.70 -16.35 -55.04
C ALA E 349 -28.68 -15.22 -55.18
N ALA E 350 -28.61 -14.36 -54.17
CA ALA E 350 -27.79 -13.16 -54.24
C ALA E 350 -26.86 -13.07 -53.03
N ILE E 351 -25.77 -12.35 -53.22
CA ILE E 351 -24.80 -12.04 -52.16
C ILE E 351 -24.64 -10.53 -52.14
N TRP E 352 -25.15 -9.88 -51.10
CA TRP E 352 -25.17 -8.43 -51.01
C TRP E 352 -24.01 -7.92 -50.16
N ASP E 353 -23.79 -6.61 -50.24
CA ASP E 353 -22.79 -5.95 -49.41
C ASP E 353 -23.24 -5.98 -47.96
N PRO E 354 -22.45 -6.58 -47.05
CA PRO E 354 -22.87 -6.62 -45.64
C PRO E 354 -23.08 -5.23 -45.05
N ALA E 355 -22.25 -4.26 -45.43
CA ALA E 355 -22.41 -2.91 -44.90
C ALA E 355 -23.72 -2.29 -45.36
N ALA E 356 -24.03 -2.39 -46.65
CA ALA E 356 -25.27 -1.79 -47.16
C ALA E 356 -26.50 -2.43 -46.54
N VAL E 357 -26.46 -3.74 -46.26
CA VAL E 357 -27.60 -4.41 -45.65
C VAL E 357 -27.76 -3.97 -44.20
N SER E 358 -26.64 -3.78 -43.50
CA SER E 358 -26.70 -3.38 -42.09
C SER E 358 -27.30 -2.00 -41.93
N ARG E 359 -26.82 -1.01 -42.69
CA ARG E 359 -27.34 0.34 -42.59
C ARG E 359 -28.80 0.43 -43.05
N THR E 360 -29.26 -0.48 -43.90
CA THR E 360 -30.61 -0.40 -44.43
C THR E 360 -31.63 -0.97 -43.45
N GLN E 361 -31.42 -2.20 -42.98
CA GLN E 361 -32.41 -2.86 -42.14
C GLN E 361 -32.52 -2.20 -40.76
N ARG E 362 -31.42 -1.62 -40.26
CA ARG E 362 -31.46 -1.02 -38.94
C ARG E 362 -32.27 0.27 -38.94
N ARG E 363 -32.15 1.06 -40.00
CA ARG E 363 -32.89 2.32 -40.07
C ARG E 363 -34.39 2.08 -40.26
N LEU E 364 -34.74 1.08 -41.06
CA LEU E 364 -36.14 0.76 -41.32
C LEU E 364 -36.74 -0.17 -40.27
N HIS E 365 -35.96 -0.60 -39.28
CA HIS E 365 -36.42 -1.49 -38.22
C HIS E 365 -37.01 -2.78 -38.82
N LEU E 366 -36.15 -3.52 -39.51
CA LEU E 366 -36.54 -4.71 -40.27
C LEU E 366 -35.57 -5.84 -39.96
N PRO E 367 -35.71 -6.48 -38.78
CA PRO E 367 -34.80 -7.58 -38.40
C PRO E 367 -35.12 -8.91 -39.10
N SER E 368 -35.16 -8.87 -40.43
CA SER E 368 -35.47 -10.07 -41.20
C SER E 368 -34.33 -11.08 -41.09
N GLU E 369 -34.68 -12.36 -41.26
CA GLU E 369 -33.68 -13.42 -41.18
C GLU E 369 -32.65 -13.33 -42.30
N ALA E 370 -33.00 -12.70 -43.42
CA ALA E 370 -32.03 -12.52 -44.49
C ALA E 370 -31.06 -11.37 -44.20
N ALA E 371 -31.57 -10.28 -43.64
CA ALA E 371 -30.74 -9.12 -43.37
C ALA E 371 -29.72 -9.42 -42.28
N ARG E 372 -30.16 -10.03 -41.18
CA ARG E 372 -29.25 -10.38 -40.10
C ARG E 372 -28.17 -11.35 -40.57
N ARG E 373 -28.51 -12.21 -41.53
CA ARG E 373 -27.54 -13.14 -42.08
C ARG E 373 -26.65 -12.49 -43.13
N TYR E 374 -27.06 -11.34 -43.68
CA TYR E 374 -26.29 -10.69 -44.73
C TYR E 374 -25.32 -9.63 -44.20
N GLU E 375 -25.66 -8.96 -43.10
CA GLU E 375 -24.72 -8.02 -42.49
C GLU E 375 -23.46 -8.75 -42.01
N ARG E 376 -23.61 -10.00 -41.61
CA ARG E 376 -22.48 -10.92 -41.49
C ARG E 376 -22.33 -11.63 -42.83
N THR E 377 -21.09 -11.98 -43.17
CA THR E 377 -20.81 -12.43 -44.53
C THR E 377 -21.45 -13.78 -44.81
N VAL E 378 -22.14 -13.88 -45.95
CA VAL E 378 -22.66 -15.14 -46.46
C VAL E 378 -21.65 -15.69 -47.47
N ASP E 379 -21.43 -17.00 -47.41
CA ASP E 379 -20.51 -17.69 -48.31
C ASP E 379 -20.94 -17.50 -49.76
N PRO E 380 -20.15 -16.76 -50.56
CA PRO E 380 -20.54 -16.52 -51.96
C PRO E 380 -20.32 -17.72 -52.88
N ALA E 381 -19.64 -18.76 -52.42
CA ALA E 381 -19.33 -19.89 -53.28
C ALA E 381 -20.47 -20.91 -53.35
N ILE E 382 -21.44 -20.84 -52.45
CA ILE E 382 -22.53 -21.81 -52.41
C ILE E 382 -23.83 -21.22 -52.95
N SER E 383 -23.74 -20.15 -53.74
CA SER E 383 -24.95 -19.50 -54.23
C SER E 383 -25.75 -20.41 -55.15
N VAL E 384 -25.09 -20.95 -56.19
CA VAL E 384 -25.78 -21.84 -57.12
C VAL E 384 -26.09 -23.17 -56.45
N ALA E 385 -25.22 -23.63 -55.54
CA ALA E 385 -25.46 -24.88 -54.84
C ALA E 385 -26.75 -24.82 -54.02
N ALA E 386 -26.91 -23.74 -53.25
CA ALA E 386 -28.16 -23.56 -52.51
C ALA E 386 -29.33 -23.28 -53.44
N LEU E 387 -29.07 -22.66 -54.59
CA LEU E 387 -30.12 -22.38 -55.56
C LEU E 387 -30.65 -23.69 -56.17
N ASP E 388 -29.74 -24.58 -56.57
CA ASP E 388 -30.16 -25.85 -57.14
C ASP E 388 -30.85 -26.72 -56.10
N ARG E 389 -30.44 -26.60 -54.83
CA ARG E 389 -31.13 -27.33 -53.76
C ARG E 389 -32.57 -26.82 -53.59
N CYS E 390 -32.77 -25.52 -53.78
CA CYS E 390 -34.11 -24.95 -53.67
C CYS E 390 -35.02 -25.47 -54.78
N ALA E 391 -34.53 -25.47 -56.02
CA ALA E 391 -35.37 -25.86 -57.15
C ALA E 391 -35.74 -27.34 -57.09
N ARG E 392 -34.79 -28.20 -56.72
CA ARG E 392 -35.07 -29.64 -56.69
C ARG E 392 -36.00 -29.98 -55.53
N LEU E 393 -35.85 -29.29 -54.39
CA LEU E 393 -36.73 -29.55 -53.26
C LEU E 393 -38.16 -29.10 -53.55
N LEU E 394 -38.32 -28.00 -54.27
CA LEU E 394 -39.65 -27.53 -54.63
C LEU E 394 -40.29 -28.43 -55.69
N ALA E 395 -39.48 -29.00 -56.58
CA ALA E 395 -40.02 -29.85 -57.64
C ALA E 395 -40.71 -31.08 -57.09
N ASP E 396 -40.24 -31.62 -55.97
CA ASP E 396 -40.87 -32.78 -55.37
C ASP E 396 -42.22 -32.39 -54.75
N ILE E 397 -42.17 -31.64 -53.65
CA ILE E 397 -43.34 -31.46 -52.80
C ILE E 397 -44.46 -30.69 -53.50
N ALA E 398 -44.15 -29.93 -54.55
CA ALA E 398 -45.16 -29.20 -55.29
C ALA E 398 -45.42 -29.78 -56.67
N GLY E 399 -44.69 -30.80 -57.08
CA GLY E 399 -44.92 -31.41 -58.39
C GLY E 399 -44.62 -30.50 -59.55
N GLY E 400 -43.54 -29.73 -59.46
CA GLY E 400 -43.15 -28.80 -60.51
C GLY E 400 -42.11 -29.37 -61.45
N GLU E 401 -41.65 -28.51 -62.36
CA GLU E 401 -40.60 -28.86 -63.30
C GLU E 401 -39.49 -27.82 -63.22
N VAL E 402 -38.25 -28.29 -63.22
CA VAL E 402 -37.10 -27.41 -63.12
C VAL E 402 -36.63 -27.04 -64.52
N SER E 403 -36.60 -25.75 -64.82
CA SER E 403 -36.11 -25.29 -66.10
C SER E 403 -34.59 -25.45 -66.16
N PRO E 404 -34.05 -26.14 -67.16
CA PRO E 404 -32.59 -26.31 -67.25
C PRO E 404 -31.88 -25.04 -67.70
N THR E 405 -32.21 -23.92 -67.07
CA THR E 405 -31.63 -22.63 -67.42
C THR E 405 -31.19 -21.92 -66.15
N LEU E 406 -30.19 -21.04 -66.29
CA LEU E 406 -29.60 -20.40 -65.13
C LEU E 406 -28.85 -19.14 -65.56
N THR E 407 -29.02 -18.07 -64.80
CA THR E 407 -28.23 -16.85 -64.94
C THR E 407 -27.41 -16.68 -63.67
N ASP E 408 -26.09 -16.65 -63.82
CA ASP E 408 -25.16 -16.59 -62.68
C ASP E 408 -24.18 -15.45 -62.91
N TRP E 409 -24.52 -14.26 -62.39
CA TRP E 409 -23.61 -13.13 -62.46
C TRP E 409 -22.58 -13.24 -61.34
N ARG E 410 -21.30 -13.16 -61.70
CA ARG E 410 -20.20 -13.37 -60.76
C ARG E 410 -19.16 -12.26 -60.89
N GLY E 411 -19.61 -11.02 -61.04
CA GLY E 411 -18.70 -9.89 -61.08
C GLY E 411 -18.29 -9.49 -62.49
N ASP E 412 -17.58 -8.36 -62.57
CA ASP E 412 -17.10 -7.82 -63.84
C ASP E 412 -15.60 -7.52 -63.72
N PRO E 413 -14.74 -8.38 -64.26
CA PRO E 413 -15.03 -9.62 -65.00
C PRO E 413 -15.44 -10.76 -64.06
N PRO E 414 -15.99 -11.86 -64.59
CA PRO E 414 -16.48 -12.92 -63.70
C PRO E 414 -15.39 -13.49 -62.82
N CYS E 415 -15.72 -13.66 -61.54
CA CYS E 415 -14.83 -14.25 -60.56
C CYS E 415 -15.18 -15.72 -60.33
N ASP E 416 -14.17 -16.55 -60.16
CA ASP E 416 -14.38 -17.99 -60.02
C ASP E 416 -13.68 -18.58 -58.80
N ASP E 417 -13.07 -17.76 -57.95
CA ASP E 417 -12.42 -18.24 -56.73
C ASP E 417 -12.70 -17.23 -55.62
N TRP E 418 -13.57 -17.62 -54.68
CA TRP E 418 -13.99 -16.74 -53.60
C TRP E 418 -13.16 -16.91 -52.33
N SER E 419 -11.94 -17.43 -52.44
CA SER E 419 -11.14 -17.66 -51.25
C SER E 419 -10.45 -16.37 -50.81
N PRO E 420 -10.45 -16.07 -49.51
CA PRO E 420 -9.74 -14.89 -49.01
C PRO E 420 -8.25 -15.01 -49.28
N PRO E 421 -7.50 -13.90 -49.17
CA PRO E 421 -6.08 -13.95 -49.44
C PRO E 421 -5.37 -14.86 -48.45
N PRO E 422 -4.24 -15.44 -48.84
CA PRO E 422 -3.52 -16.34 -47.93
C PRO E 422 -2.88 -15.57 -46.79
N ILE E 423 -2.64 -16.28 -45.70
CA ILE E 423 -2.06 -15.72 -44.48
C ILE E 423 -0.82 -16.53 -44.12
N ARG E 424 0.31 -15.85 -43.99
CA ARG E 424 1.54 -16.49 -43.56
C ARG E 424 1.68 -16.36 -42.04
N MET E 425 2.03 -17.47 -41.39
CA MET E 425 2.14 -17.50 -39.94
C MET E 425 3.15 -18.57 -39.54
N GLY E 426 3.95 -18.26 -38.51
CA GLY E 426 4.88 -19.24 -38.01
C GLY E 426 4.17 -20.47 -37.49
N VAL E 427 4.83 -21.62 -37.67
CA VAL E 427 4.22 -22.90 -37.30
C VAL E 427 3.99 -22.98 -35.79
N ASP E 428 4.82 -22.29 -35.01
CA ASP E 428 4.74 -22.35 -33.55
C ASP E 428 4.06 -21.13 -32.95
N VAL E 429 3.48 -20.26 -33.78
CA VAL E 429 2.84 -19.06 -33.25
C VAL E 429 1.66 -19.39 -32.34
N PRO E 430 0.75 -20.30 -32.69
CA PRO E 430 -0.29 -20.68 -31.72
C PRO E 430 0.27 -21.26 -30.44
N ASP E 431 1.41 -21.96 -30.50
CA ASP E 431 2.02 -22.48 -29.28
C ASP E 431 2.58 -21.35 -28.42
N ARG E 432 3.24 -20.36 -29.05
CA ARG E 432 3.80 -19.25 -28.30
C ARG E 432 2.70 -18.41 -27.66
N ILE E 433 1.60 -18.18 -28.39
CA ILE E 433 0.52 -17.36 -27.85
C ILE E 433 -0.20 -18.09 -26.72
N ALA E 434 -0.45 -19.39 -26.90
CA ALA E 434 -1.16 -20.15 -25.88
C ALA E 434 -0.29 -20.50 -24.68
N GLY E 435 1.03 -20.43 -24.82
CA GLY E 435 1.90 -20.90 -23.77
C GLY E 435 1.85 -22.41 -23.57
N VAL E 436 1.51 -23.15 -24.62
CA VAL E 436 1.40 -24.60 -24.56
C VAL E 436 2.11 -25.19 -25.77
N ALA E 437 3.04 -26.11 -25.51
CA ALA E 437 3.72 -26.82 -26.59
C ALA E 437 2.77 -27.87 -27.13
N TYR E 438 1.94 -27.47 -28.09
CA TYR E 438 1.02 -28.40 -28.73
C TYR E 438 1.81 -29.48 -29.47
N PRO E 439 1.24 -30.68 -29.58
CA PRO E 439 1.90 -31.73 -30.37
C PRO E 439 2.12 -31.29 -31.81
N GLN E 440 3.01 -31.99 -32.50
CA GLN E 440 3.31 -31.65 -33.88
C GLN E 440 2.07 -31.80 -34.75
N GLY E 441 1.98 -30.94 -35.76
CA GLY E 441 0.86 -30.96 -36.68
C GLY E 441 -0.47 -30.55 -36.09
N THR E 442 -0.48 -30.05 -34.85
CA THR E 442 -1.75 -29.64 -34.24
C THR E 442 -2.31 -28.41 -34.94
N THR E 443 -1.46 -27.41 -35.19
CA THR E 443 -1.92 -26.19 -35.86
C THR E 443 -2.39 -26.50 -37.28
N ALA E 444 -1.63 -27.31 -38.02
CA ALA E 444 -1.99 -27.60 -39.40
C ALA E 444 -3.28 -28.41 -39.47
N ARG E 445 -3.47 -29.35 -38.54
CA ARG E 445 -4.67 -30.18 -38.56
C ARG E 445 -5.91 -29.34 -38.23
N ARG E 446 -5.82 -28.46 -37.23
CA ARG E 446 -6.96 -27.65 -36.85
C ARG E 446 -7.32 -26.66 -37.95
N LEU E 447 -6.32 -26.00 -38.55
CA LEU E 447 -6.59 -25.06 -39.63
C LEU E 447 -7.16 -25.76 -40.85
N ALA E 448 -6.79 -27.02 -41.08
CA ALA E 448 -7.41 -27.79 -42.15
C ALA E 448 -8.81 -28.26 -41.76
N GLN E 449 -9.04 -28.48 -40.47
CA GLN E 449 -10.36 -28.92 -40.02
C GLN E 449 -11.42 -27.85 -40.27
N ILE E 450 -11.07 -26.58 -40.10
CA ILE E 450 -12.02 -25.49 -40.31
C ILE E 450 -12.19 -25.14 -41.77
N GLY E 451 -11.47 -25.80 -42.67
CA GLY E 451 -11.66 -25.63 -44.09
C GLY E 451 -10.60 -24.82 -44.83
N ALA E 452 -9.45 -24.56 -44.23
CA ALA E 452 -8.42 -23.75 -44.84
C ALA E 452 -7.38 -24.62 -45.54
N VAL E 453 -6.73 -24.05 -46.57
CA VAL E 453 -5.66 -24.72 -47.29
C VAL E 453 -4.35 -24.35 -46.62
N VAL E 454 -3.63 -25.36 -46.12
CA VAL E 454 -2.39 -25.16 -45.38
C VAL E 454 -1.25 -25.76 -46.19
N THR E 455 -0.25 -24.93 -46.48
CA THR E 455 0.96 -25.36 -47.18
C THR E 455 2.17 -25.06 -46.32
N HIS E 456 3.23 -25.84 -46.51
CA HIS E 456 4.45 -25.73 -45.73
C HIS E 456 5.56 -25.09 -46.55
N ASP E 457 6.42 -24.32 -45.87
CA ASP E 457 7.59 -23.70 -46.48
C ASP E 457 8.61 -23.48 -45.34
N GLY E 458 9.30 -24.55 -44.98
CA GLY E 458 10.20 -24.52 -43.85
C GLY E 458 9.46 -24.52 -42.53
N ASP E 459 9.61 -23.44 -41.76
CA ASP E 459 8.90 -23.25 -40.51
C ASP E 459 7.73 -22.29 -40.64
N THR E 460 7.34 -21.93 -41.86
CA THR E 460 6.30 -20.96 -42.11
C THR E 460 5.15 -21.61 -42.87
N LEU E 461 3.94 -21.48 -42.33
CA LEU E 461 2.75 -21.97 -43.00
C LEU E 461 2.12 -20.86 -43.83
N THR E 462 1.43 -21.26 -44.89
CA THR E 462 0.63 -20.35 -45.71
C THR E 462 -0.80 -20.86 -45.70
N VAL E 463 -1.68 -20.12 -45.02
CA VAL E 463 -3.04 -20.57 -44.74
C VAL E 463 -4.01 -19.74 -45.56
N THR E 464 -4.77 -20.41 -46.44
CA THR E 464 -5.83 -19.76 -47.21
C THR E 464 -7.17 -20.16 -46.60
N PRO E 465 -7.83 -19.28 -45.85
CA PRO E 465 -9.09 -19.66 -45.19
C PRO E 465 -10.18 -19.93 -46.20
N PRO E 466 -11.20 -20.69 -45.83
CA PRO E 466 -12.31 -20.96 -46.75
C PRO E 466 -13.14 -19.72 -46.99
N SER E 467 -13.98 -19.80 -48.03
CA SER E 467 -14.77 -18.65 -48.46
C SER E 467 -15.85 -18.27 -47.45
N TRP E 468 -16.21 -19.17 -46.54
CA TRP E 468 -17.18 -18.87 -45.50
C TRP E 468 -16.54 -18.40 -44.20
N ARG E 469 -15.23 -18.15 -44.20
CA ARG E 469 -14.52 -17.64 -43.02
C ARG E 469 -13.75 -16.38 -43.39
N PRO E 470 -14.44 -15.29 -43.69
CA PRO E 470 -13.74 -14.02 -43.93
C PRO E 470 -13.26 -13.35 -42.66
N ASP E 471 -13.68 -13.82 -41.49
CA ASP E 471 -13.16 -13.31 -40.23
C ASP E 471 -11.70 -13.66 -40.00
N LEU E 472 -11.15 -14.59 -40.78
CA LEU E 472 -9.75 -14.99 -40.67
C LEU E 472 -8.93 -14.14 -41.63
N ARG E 473 -8.30 -13.08 -41.10
CA ARG E 473 -7.50 -12.18 -41.91
C ARG E 473 -6.05 -12.08 -41.47
N GLN E 474 -5.73 -12.37 -40.21
CA GLN E 474 -4.41 -12.21 -39.65
C GLN E 474 -4.01 -13.47 -38.89
N PRO E 475 -2.72 -13.64 -38.61
CA PRO E 475 -2.29 -14.79 -37.79
C PRO E 475 -3.02 -14.91 -36.46
N ALA E 476 -3.39 -13.78 -35.84
CA ALA E 476 -4.16 -13.85 -34.60
C ALA E 476 -5.50 -14.54 -34.80
N ASP E 477 -6.13 -14.34 -35.97
CA ASP E 477 -7.37 -15.05 -36.26
C ASP E 477 -7.14 -16.55 -36.34
N LEU E 478 -6.02 -16.97 -36.93
CA LEU E 478 -5.70 -18.39 -36.99
C LEU E 478 -5.39 -18.94 -35.62
N VAL E 479 -4.73 -18.16 -34.76
CA VAL E 479 -4.40 -18.61 -33.41
C VAL E 479 -5.67 -18.90 -32.63
N GLU E 480 -6.69 -18.05 -32.78
CA GLU E 480 -7.95 -18.29 -32.10
C GLU E 480 -8.58 -19.61 -32.51
N GLU E 481 -8.42 -19.99 -33.79
CA GLU E 481 -9.00 -21.24 -34.26
C GLU E 481 -8.33 -22.45 -33.63
N VAL E 482 -6.99 -22.45 -33.60
CA VAL E 482 -6.26 -23.58 -33.04
C VAL E 482 -6.51 -23.67 -31.54
N LEU E 483 -6.51 -22.53 -30.84
CA LEU E 483 -6.62 -22.54 -29.39
C LEU E 483 -8.02 -22.96 -28.95
N ARG E 484 -9.05 -22.44 -29.60
CA ARG E 484 -10.43 -22.77 -29.19
C ARG E 484 -10.77 -24.22 -29.50
N LEU E 485 -10.19 -24.78 -30.57
CA LEU E 485 -10.47 -26.17 -30.90
C LEU E 485 -9.69 -27.12 -30.00
N GLU E 486 -8.41 -26.82 -29.74
CA GLU E 486 -7.65 -27.60 -28.77
C GLU E 486 -8.20 -27.42 -27.36
N GLY E 487 -8.78 -26.25 -27.07
CA GLY E 487 -9.34 -25.99 -25.77
C GLY E 487 -8.51 -25.06 -24.92
N LEU E 488 -9.16 -24.09 -24.28
CA LEU E 488 -8.47 -23.17 -23.40
C LEU E 488 -8.18 -23.76 -22.03
N GLU E 489 -8.84 -24.87 -21.68
CA GLU E 489 -8.60 -25.54 -20.39
C GLU E 489 -7.21 -26.13 -20.30
N VAL E 490 -6.55 -26.39 -21.43
CA VAL E 490 -5.18 -26.90 -21.41
C VAL E 490 -4.15 -25.80 -21.21
N ILE E 491 -4.56 -24.53 -21.30
CA ILE E 491 -3.66 -23.41 -21.07
C ILE E 491 -3.38 -23.31 -19.57
N PRO E 492 -2.12 -23.36 -19.16
CA PRO E 492 -1.81 -23.38 -17.73
C PRO E 492 -1.83 -21.99 -17.12
N SER E 493 -1.97 -21.96 -15.79
CA SER E 493 -1.98 -20.71 -15.04
C SER E 493 -0.55 -20.39 -14.62
N VAL E 494 0.05 -19.40 -15.29
CA VAL E 494 1.42 -18.98 -15.03
C VAL E 494 1.40 -17.48 -14.78
N LEU E 495 1.65 -17.09 -13.53
CA LEU E 495 1.71 -15.67 -13.19
C LEU E 495 2.89 -15.03 -13.91
N PRO E 496 2.70 -13.90 -14.60
CA PRO E 496 3.82 -13.22 -15.25
C PRO E 496 4.78 -12.65 -14.21
N PRO E 497 6.03 -12.42 -14.57
CA PRO E 497 6.97 -11.82 -13.61
C PRO E 497 6.53 -10.43 -13.21
N ALA E 498 6.75 -10.09 -11.94
CA ALA E 498 6.33 -8.81 -11.42
C ALA E 498 7.22 -7.70 -11.97
N PRO E 499 6.69 -6.75 -12.73
CA PRO E 499 7.51 -5.61 -13.15
C PRO E 499 7.78 -4.67 -12.00
N ALA E 500 8.96 -4.05 -12.03
CA ALA E 500 9.32 -3.12 -10.96
C ALA E 500 8.47 -1.86 -11.04
N GLY E 501 7.30 -1.89 -10.40
CA GLY E 501 6.39 -0.76 -10.44
C GLY E 501 6.68 0.27 -9.36
N ARG E 502 6.02 1.42 -9.49
CA ARG E 502 6.19 2.54 -8.57
C ARG E 502 5.02 2.70 -7.59
N GLY E 503 4.01 1.83 -7.67
CA GLY E 503 2.90 1.92 -6.74
C GLY E 503 1.93 3.04 -7.10
N LEU E 504 1.24 3.54 -6.08
CA LEU E 504 0.27 4.59 -6.30
C LEU E 504 0.97 5.93 -6.53
N THR E 505 0.38 6.76 -7.39
CA THR E 505 0.87 8.11 -7.56
C THR E 505 0.51 8.96 -6.35
N ALA E 506 1.12 10.15 -6.27
CA ALA E 506 0.87 11.03 -5.14
C ALA E 506 -0.60 11.43 -5.05
N GLY E 507 -1.23 11.69 -6.19
CA GLY E 507 -2.64 12.04 -6.18
C GLY E 507 -3.51 10.89 -5.71
N GLN E 508 -3.26 9.69 -6.23
CA GLN E 508 -4.07 8.54 -5.84
C GLN E 508 -3.95 8.25 -4.36
N GLN E 509 -2.74 8.40 -3.80
CA GLN E 509 -2.57 8.22 -2.36
C GLN E 509 -3.34 9.29 -1.59
N ARG E 510 -3.33 10.53 -2.10
CA ARG E 510 -4.05 11.61 -1.43
C ARG E 510 -5.55 11.37 -1.43
N ARG E 511 -6.09 10.81 -2.51
CA ARG E 511 -7.52 10.55 -2.59
C ARG E 511 -7.96 9.50 -1.57
N ARG E 512 -7.10 8.52 -1.29
CA ARG E 512 -7.42 7.54 -0.24
C ARG E 512 -7.43 8.20 1.13
N THR E 513 -6.46 9.09 1.39
CA THR E 513 -6.40 9.75 2.68
C THR E 513 -7.59 10.67 2.91
N ILE E 514 -8.02 11.38 1.87
CA ILE E 514 -9.19 12.24 1.99
C ILE E 514 -10.45 11.40 2.26
N GLY E 515 -10.56 10.25 1.60
CA GLY E 515 -11.70 9.39 1.83
C GLY E 515 -11.69 8.76 3.22
N ARG E 516 -10.51 8.37 3.70
CA ARG E 516 -10.42 7.79 5.04
C ARG E 516 -10.69 8.83 6.11
N SER E 517 -10.13 10.04 5.97
CA SER E 517 -10.30 11.07 6.99
C SER E 517 -11.75 11.52 7.08
N LEU E 518 -12.42 11.68 5.94
CA LEU E 518 -13.82 12.10 5.97
C LEU E 518 -14.71 11.02 6.56
N ALA E 519 -14.44 9.75 6.25
CA ALA E 519 -15.23 8.67 6.82
C ALA E 519 -15.05 8.58 8.32
N LEU E 520 -13.81 8.76 8.81
CA LEU E 520 -13.56 8.71 10.24
C LEU E 520 -14.14 9.90 10.97
N SER E 521 -14.43 11.00 10.26
CA SER E 521 -15.01 12.19 10.86
C SER E 521 -16.53 12.21 10.80
N GLY E 522 -17.15 11.11 10.39
CA GLY E 522 -18.59 11.00 10.39
C GLY E 522 -19.29 11.20 9.06
N TYR E 523 -18.57 11.13 7.94
CA TYR E 523 -19.16 11.27 6.63
C TYR E 523 -19.32 9.92 5.96
N VAL E 524 -20.38 9.78 5.15
CA VAL E 524 -20.69 8.55 4.44
C VAL E 524 -20.51 8.80 2.94
N GLU E 525 -19.71 7.95 2.30
CA GLU E 525 -19.43 8.13 0.88
C GLU E 525 -20.58 7.61 0.03
N ILE E 526 -20.91 8.36 -1.02
CA ILE E 526 -21.90 7.96 -2.01
C ILE E 526 -21.26 8.06 -3.38
N LEU E 527 -21.90 7.41 -4.35
CA LEU E 527 -21.45 7.47 -5.74
C LEU E 527 -22.34 8.45 -6.49
N PRO E 528 -21.82 9.58 -6.95
CA PRO E 528 -22.69 10.60 -7.56
C PRO E 528 -22.99 10.31 -9.01
N THR E 529 -24.26 10.51 -9.39
CA THR E 529 -24.64 10.36 -10.78
C THR E 529 -24.20 11.58 -11.59
N PRO E 530 -23.70 11.39 -12.81
CA PRO E 530 -23.22 12.53 -13.60
C PRO E 530 -24.33 13.32 -14.29
N PHE E 531 -25.57 12.83 -14.28
CA PHE E 531 -26.67 13.50 -14.97
C PHE E 531 -27.33 14.48 -14.01
N LEU E 532 -27.38 15.75 -14.40
CA LEU E 532 -27.91 16.78 -13.53
C LEU E 532 -29.43 16.66 -13.39
N PRO E 533 -29.97 16.91 -12.21
CA PRO E 533 -31.43 16.96 -12.06
C PRO E 533 -32.05 18.01 -12.97
N ALA E 534 -33.34 17.84 -13.24
CA ALA E 534 -34.07 18.71 -14.16
C ALA E 534 -34.12 20.14 -13.66
N GLY E 535 -33.35 21.03 -14.29
CA GLY E 535 -33.35 22.43 -13.92
C GLY E 535 -32.85 22.70 -12.52
N VAL E 536 -31.75 22.04 -12.12
CA VAL E 536 -31.22 22.23 -10.78
C VAL E 536 -30.65 23.64 -10.64
N PHE E 537 -30.01 24.15 -11.68
CA PHE E 537 -29.42 25.49 -11.60
C PHE E 537 -30.50 26.56 -11.56
N ASP E 538 -31.67 26.29 -12.15
CA ASP E 538 -32.79 27.21 -12.00
C ASP E 538 -33.29 27.25 -10.56
N LEU E 539 -33.29 26.10 -9.88
CA LEU E 539 -33.62 26.08 -8.47
C LEU E 539 -32.56 26.79 -7.63
N TRP E 540 -31.29 26.71 -8.05
CA TRP E 540 -30.24 27.42 -7.35
C TRP E 540 -30.30 28.92 -7.58
N GLY E 541 -30.94 29.37 -8.65
CA GLY E 541 -31.00 30.78 -8.95
C GLY E 541 -29.75 31.34 -9.60
N LEU E 542 -28.98 30.50 -10.28
CA LEU E 542 -27.75 30.94 -10.92
C LEU E 542 -28.07 31.90 -12.08
N GLU E 543 -27.11 32.78 -12.37
CA GLU E 543 -27.25 33.67 -13.51
C GLU E 543 -27.07 32.89 -14.81
N ALA E 544 -27.60 33.46 -15.89
CA ALA E 544 -27.56 32.78 -17.18
C ALA E 544 -26.13 32.58 -17.68
N ASP E 545 -25.21 33.46 -17.28
CA ASP E 545 -23.82 33.38 -17.71
C ASP E 545 -22.94 32.68 -16.69
N ASP E 546 -23.53 31.90 -15.78
CA ASP E 546 -22.74 31.16 -14.81
C ASP E 546 -21.92 30.07 -15.51
N SER E 547 -20.64 29.97 -15.14
CA SER E 547 -19.76 29.00 -15.77
C SER E 547 -20.24 27.57 -15.54
N ARG E 548 -20.93 27.33 -14.43
CA ARG E 548 -21.46 25.99 -14.17
C ARG E 548 -22.60 25.65 -15.13
N ARG E 549 -23.34 26.66 -15.61
CA ARG E 549 -24.39 26.40 -16.57
C ARG E 549 -23.86 25.92 -17.91
N MET E 550 -22.59 26.18 -18.21
CA MET E 550 -21.96 25.69 -19.44
C MET E 550 -21.72 24.20 -19.28
N THR E 551 -22.75 23.42 -19.59
CA THR E 551 -22.74 21.98 -19.40
C THR E 551 -22.64 21.25 -20.73
N THR E 552 -22.16 20.02 -20.66
CA THR E 552 -22.12 19.13 -21.81
C THR E 552 -23.37 18.24 -21.79
N ARG E 553 -24.14 18.26 -22.87
CA ARG E 553 -25.43 17.60 -22.91
C ARG E 553 -25.31 16.22 -23.59
N VAL E 554 -26.13 15.29 -23.12
CA VAL E 554 -26.18 13.93 -23.64
C VAL E 554 -27.31 13.85 -24.67
N LEU E 555 -27.02 13.21 -25.81
CA LEU E 555 -27.99 13.14 -26.89
C LEU E 555 -29.15 12.21 -26.54
N ASN E 556 -28.86 11.04 -25.97
CA ASN E 556 -29.85 10.01 -25.69
C ASN E 556 -29.85 9.70 -24.19
N PRO E 557 -30.42 10.57 -23.37
CA PRO E 557 -30.47 10.32 -21.94
C PRO E 557 -31.59 9.36 -21.56
N LEU E 558 -31.40 8.69 -20.42
CA LEU E 558 -32.43 7.81 -19.91
C LEU E 558 -33.68 8.59 -19.53
N GLU E 559 -33.51 9.77 -18.94
CA GLU E 559 -34.60 10.68 -18.64
C GLU E 559 -34.48 11.89 -19.55
N ALA E 560 -35.56 12.19 -20.29
CA ALA E 560 -35.52 13.28 -21.24
C ALA E 560 -35.33 14.63 -20.55
N ASP E 561 -35.80 14.76 -19.31
CA ASP E 561 -35.69 16.01 -18.56
C ASP E 561 -34.35 16.16 -17.85
N ARG E 562 -33.48 15.15 -17.90
CA ARG E 562 -32.15 15.21 -17.27
C ARG E 562 -31.09 14.82 -18.29
N PRO E 563 -30.82 15.69 -19.27
CA PRO E 563 -29.81 15.38 -20.29
C PRO E 563 -28.46 16.06 -20.11
N GLN E 564 -28.31 16.94 -19.12
CA GLN E 564 -27.07 17.68 -18.93
C GLN E 564 -26.15 16.96 -17.96
N LEU E 565 -24.86 16.97 -18.26
CA LEU E 565 -23.87 16.36 -17.40
C LEU E 565 -23.43 17.34 -16.30
N ALA E 566 -22.84 16.79 -15.25
CA ALA E 566 -22.61 17.53 -14.02
C ALA E 566 -21.33 18.37 -14.11
N THR E 567 -21.48 19.68 -13.93
CA THR E 567 -20.33 20.57 -13.75
C THR E 567 -19.89 20.65 -12.29
N THR E 568 -20.75 20.22 -11.36
CA THR E 568 -20.45 20.24 -9.94
C THR E 568 -21.05 19.01 -9.28
N LEU E 569 -20.39 18.54 -8.23
CA LEU E 569 -20.82 17.33 -7.53
C LEU E 569 -21.99 17.58 -6.57
N LEU E 570 -22.31 18.83 -6.28
CA LEU E 570 -23.34 19.13 -5.28
C LEU E 570 -24.74 18.64 -5.66
N PRO E 571 -25.23 18.82 -6.90
CA PRO E 571 -26.60 18.36 -7.20
C PRO E 571 -26.81 16.87 -6.95
N ALA E 572 -25.82 16.04 -7.26
CA ALA E 572 -25.97 14.61 -7.00
C ALA E 572 -25.93 14.30 -5.52
N LEU E 573 -25.10 15.02 -4.76
CA LEU E 573 -25.02 14.81 -3.32
C LEU E 573 -26.28 15.31 -2.63
N LEU E 574 -26.78 16.48 -3.04
CA LEU E 574 -28.01 17.00 -2.45
C LEU E 574 -29.20 16.11 -2.80
N GLU E 575 -29.18 15.46 -3.98
CA GLU E 575 -30.24 14.52 -4.31
C GLU E 575 -30.19 13.29 -3.42
N ALA E 576 -28.99 12.76 -3.17
CA ALA E 576 -28.86 11.65 -2.23
C ALA E 576 -29.19 12.07 -0.81
N LEU E 577 -28.94 13.34 -0.46
CA LEU E 577 -29.31 13.83 0.85
C LEU E 577 -30.82 13.87 1.02
N VAL E 578 -31.55 14.17 -0.06
CA VAL E 578 -33.01 14.20 0.02
C VAL E 578 -33.56 12.79 0.22
N ARG E 579 -32.95 11.79 -0.42
CA ARG E 579 -33.43 10.42 -0.28
C ARG E 579 -33.32 9.94 1.16
N ASN E 580 -32.20 10.26 1.83
CA ASN E 580 -32.00 9.79 3.19
C ASN E 580 -32.97 10.46 4.16
N VAL E 581 -33.12 11.78 4.07
CA VAL E 581 -33.99 12.49 4.98
C VAL E 581 -35.45 12.11 4.75
N SER E 582 -35.83 11.83 3.50
CA SER E 582 -37.20 11.44 3.20
C SER E 582 -37.55 10.04 3.69
N ARG E 583 -36.55 9.26 4.12
CA ARG E 583 -36.78 7.88 4.56
C ARG E 583 -36.45 7.69 6.04
N GLY E 584 -36.41 8.78 6.81
CA GLY E 584 -36.22 8.69 8.25
C GLY E 584 -34.82 8.93 8.76
N LEU E 585 -33.87 9.24 7.87
CA LEU E 585 -32.49 9.52 8.27
C LEU E 585 -32.27 11.02 8.14
N VAL E 586 -32.64 11.76 9.18
CA VAL E 586 -32.61 13.21 9.11
C VAL E 586 -31.22 13.76 9.43
N ASP E 587 -30.46 13.09 10.29
CA ASP E 587 -29.09 13.51 10.62
C ASP E 587 -28.15 12.73 9.72
N VAL E 588 -27.62 13.41 8.70
CA VAL E 588 -26.90 12.75 7.62
C VAL E 588 -25.74 13.65 7.17
N ALA E 589 -24.59 13.04 6.94
CA ALA E 589 -23.41 13.72 6.39
C ALA E 589 -22.83 12.85 5.28
N LEU E 590 -22.96 13.30 4.04
CA LEU E 590 -22.49 12.56 2.87
C LEU E 590 -21.30 13.26 2.25
N PHE E 591 -20.56 12.51 1.43
CA PHE E 591 -19.45 13.06 0.65
C PHE E 591 -19.21 12.17 -0.55
N ALA E 592 -18.53 12.72 -1.55
CA ALA E 592 -18.26 11.98 -2.78
C ALA E 592 -17.01 12.56 -3.43
N ILE E 593 -16.19 11.67 -3.98
CA ILE E 593 -14.96 12.04 -4.68
C ILE E 593 -15.07 11.48 -6.10
N ALA E 594 -15.29 12.37 -7.07
CA ALA E 594 -15.42 11.98 -8.46
C ALA E 594 -15.12 13.17 -9.34
N GLN E 595 -14.94 12.89 -10.63
CA GLN E 595 -14.64 13.93 -11.59
C GLN E 595 -15.92 14.60 -12.08
N VAL E 596 -15.79 15.86 -12.48
CA VAL E 596 -16.88 16.59 -13.12
C VAL E 596 -16.51 16.83 -14.57
N VAL E 597 -17.42 17.39 -15.35
CA VAL E 597 -17.15 17.76 -16.74
C VAL E 597 -17.41 19.25 -16.89
N GLN E 598 -16.52 19.93 -17.61
CA GLN E 598 -16.59 21.39 -17.76
C GLN E 598 -16.09 21.75 -19.14
N PRO E 599 -16.99 21.93 -20.11
CA PRO E 599 -16.56 22.34 -21.46
C PRO E 599 -16.13 23.79 -21.48
N THR E 600 -15.12 24.08 -22.29
CA THR E 600 -14.66 25.44 -22.53
C THR E 600 -15.18 26.03 -23.84
N GLU E 601 -15.99 25.27 -24.58
CA GLU E 601 -16.52 25.70 -25.86
C GLU E 601 -17.70 24.80 -26.20
N GLN E 602 -18.26 25.00 -27.39
CA GLN E 602 -19.29 24.11 -27.89
C GLN E 602 -18.68 22.76 -28.24
N THR E 603 -19.52 21.72 -28.17
CA THR E 603 -19.05 20.35 -28.42
C THR E 603 -18.51 20.22 -29.85
N ARG E 604 -17.19 20.14 -29.97
CA ARG E 604 -16.52 20.03 -31.25
C ARG E 604 -15.99 18.60 -31.43
N GLY E 605 -16.23 18.02 -32.60
CA GLY E 605 -15.76 16.69 -32.91
C GLY E 605 -14.49 16.70 -33.74
N VAL E 606 -13.75 15.59 -33.65
CA VAL E 606 -12.52 15.40 -34.41
C VAL E 606 -12.73 14.24 -35.37
N GLY E 607 -12.47 14.49 -36.65
CA GLY E 607 -12.69 13.47 -37.67
C GLY E 607 -11.86 12.23 -37.45
N LEU E 608 -12.16 11.22 -38.27
CA LEU E 608 -11.51 9.92 -38.15
C LEU E 608 -10.02 10.03 -38.48
N ILE E 609 -9.21 9.35 -37.68
CA ILE E 609 -7.76 9.31 -37.86
C ILE E 609 -7.39 7.89 -38.26
N PRO E 610 -6.53 7.69 -39.29
CA PRO E 610 -6.19 6.33 -39.73
C PRO E 610 -5.73 5.41 -38.60
N VAL E 611 -6.46 4.30 -38.43
CA VAL E 611 -6.14 3.33 -37.39
C VAL E 611 -4.94 2.48 -37.79
N ASP E 612 -4.59 2.45 -39.07
CA ASP E 612 -3.47 1.64 -39.54
C ASP E 612 -2.11 2.14 -39.04
N ARG E 613 -2.08 3.21 -38.26
CA ARG E 613 -0.83 3.75 -37.74
C ARG E 613 -1.11 4.46 -36.43
N ARG E 614 -0.05 4.85 -35.74
CA ARG E 614 -0.19 5.60 -34.51
C ARG E 614 -0.39 7.07 -34.82
N PRO E 615 -1.41 7.72 -34.26
CA PRO E 615 -1.56 9.17 -34.46
C PRO E 615 -0.40 9.91 -33.81
N THR E 616 0.06 10.97 -34.48
CA THR E 616 1.18 11.73 -33.96
C THR E 616 0.75 12.52 -32.72
N ASP E 617 1.75 13.03 -32.00
CA ASP E 617 1.48 13.73 -30.74
C ASP E 617 0.62 14.97 -30.95
N ASP E 618 0.67 15.56 -32.14
CA ASP E 618 -0.19 16.71 -32.42
C ASP E 618 -1.64 16.27 -32.57
N GLU E 619 -1.88 15.10 -33.17
CA GLU E 619 -3.24 14.59 -33.27
C GLU E 619 -3.77 14.17 -31.91
N ILE E 620 -2.90 13.62 -31.06
CA ILE E 620 -3.33 13.23 -29.71
C ILE E 620 -3.69 14.46 -28.90
N ALA E 621 -2.87 15.51 -28.96
CA ALA E 621 -3.18 16.74 -28.26
C ALA E 621 -4.42 17.42 -28.83
N MET E 622 -4.68 17.24 -30.13
CA MET E 622 -5.89 17.79 -30.73
C MET E 622 -7.14 17.03 -30.30
N LEU E 623 -6.99 15.71 -30.05
CA LEU E 623 -8.14 14.93 -29.58
C LEU E 623 -8.46 15.25 -28.13
N ASP E 624 -7.44 15.49 -27.31
CA ASP E 624 -7.68 15.81 -25.91
C ASP E 624 -8.24 17.22 -25.75
N ALA E 625 -7.87 18.15 -26.62
CA ALA E 625 -8.37 19.51 -26.52
C ALA E 625 -9.85 19.58 -26.92
N SER E 626 -10.32 18.65 -27.75
CA SER E 626 -11.72 18.63 -28.15
C SER E 626 -12.64 18.12 -27.05
N LEU E 627 -12.09 17.62 -25.95
CA LEU E 627 -12.88 17.10 -24.83
C LEU E 627 -13.06 18.16 -23.75
N PRO E 628 -14.18 18.12 -23.04
CA PRO E 628 -14.36 19.07 -21.92
C PRO E 628 -13.39 18.80 -20.80
N ARG E 629 -13.11 19.85 -20.03
CA ARG E 629 -12.23 19.71 -18.87
C ARG E 629 -12.88 18.81 -17.83
N GLN E 630 -12.14 17.79 -17.38
CA GLN E 630 -12.64 16.81 -16.44
C GLN E 630 -11.74 16.75 -15.21
N PRO E 631 -11.85 17.73 -14.31
CA PRO E 631 -11.08 17.69 -13.07
C PRO E 631 -11.81 16.92 -11.98
N GLN E 632 -11.04 16.39 -11.05
CA GLN E 632 -11.60 15.62 -9.96
C GLN E 632 -11.94 16.53 -8.79
N HIS E 633 -13.15 16.39 -8.27
CA HIS E 633 -13.66 17.23 -7.20
C HIS E 633 -13.97 16.38 -5.98
N VAL E 634 -13.93 17.01 -4.81
CA VAL E 634 -14.41 16.43 -3.57
C VAL E 634 -15.48 17.35 -3.01
N ALA E 635 -16.60 16.77 -2.57
CA ALA E 635 -17.72 17.56 -2.10
C ALA E 635 -18.43 16.81 -0.98
N ALA E 636 -19.20 17.56 -0.20
CA ALA E 636 -19.89 16.98 0.96
C ALA E 636 -21.10 17.84 1.28
N VAL E 637 -22.13 17.18 1.83
CA VAL E 637 -23.35 17.87 2.26
C VAL E 637 -23.70 17.38 3.66
N LEU E 638 -24.30 18.28 4.45
CA LEU E 638 -24.65 17.97 5.83
C LEU E 638 -26.02 18.56 6.15
N ALA E 639 -26.78 17.83 6.97
CA ALA E 639 -28.09 18.27 7.40
C ALA E 639 -28.45 17.58 8.71
N GLY E 640 -29.34 18.20 9.47
CA GLY E 640 -29.78 17.64 10.73
C GLY E 640 -28.76 17.82 11.83
N LEU E 641 -28.63 16.81 12.69
CA LEU E 641 -27.70 16.87 13.82
C LEU E 641 -26.30 16.51 13.36
N ARG E 642 -25.33 17.41 13.62
CA ARG E 642 -23.94 17.09 13.37
C ARG E 642 -23.39 16.14 14.43
N GLU E 643 -23.63 16.46 15.70
CA GLU E 643 -23.29 15.56 16.79
C GLU E 643 -24.56 14.89 17.30
N PRO E 644 -24.63 13.56 17.31
CA PRO E 644 -25.85 12.90 17.80
C PRO E 644 -26.04 13.13 19.29
N ARG E 645 -27.29 13.18 19.70
CA ARG E 645 -27.60 13.34 21.11
C ARG E 645 -27.25 12.06 21.87
N GLY E 646 -27.26 12.16 23.19
CA GLY E 646 -26.94 11.03 24.04
C GLY E 646 -26.88 11.40 25.50
N PRO E 647 -26.22 10.57 26.31
CA PRO E 647 -26.08 10.88 27.74
C PRO E 647 -25.27 12.14 28.00
N TRP E 648 -24.46 12.58 27.04
CA TRP E 648 -23.67 13.80 27.24
C TRP E 648 -24.54 15.04 27.15
N GLY E 649 -25.48 15.07 26.20
CA GLY E 649 -26.33 16.21 26.01
C GLY E 649 -27.30 16.03 24.85
N PRO E 650 -27.91 17.12 24.41
CA PRO E 650 -28.93 17.04 23.35
C PRO E 650 -28.38 17.09 21.92
N GLY E 651 -27.08 17.15 21.74
CA GLY E 651 -26.50 17.20 20.41
C GLY E 651 -26.47 18.61 19.84
N ARG E 652 -25.68 18.77 18.79
CA ARG E 652 -25.49 20.05 18.13
C ARG E 652 -25.95 19.97 16.68
N PRO E 653 -26.80 20.88 16.22
CA PRO E 653 -27.23 20.86 14.83
C PRO E 653 -26.09 21.28 13.90
N VAL E 654 -26.25 20.91 12.62
CA VAL E 654 -25.26 21.24 11.62
C VAL E 654 -25.23 22.75 11.41
N GLU E 655 -24.03 23.33 11.43
CA GLU E 655 -23.83 24.75 11.17
C GLU E 655 -22.76 24.93 10.11
N ALA E 656 -22.60 26.17 9.66
CA ALA E 656 -21.65 26.47 8.59
C ALA E 656 -20.21 26.12 9.01
N ALA E 657 -19.89 26.27 10.29
CA ALA E 657 -18.54 25.94 10.76
C ALA E 657 -18.22 24.47 10.57
N ASP E 658 -19.23 23.60 10.51
CA ASP E 658 -18.97 22.18 10.24
C ASP E 658 -18.50 21.98 8.80
N ALA E 659 -19.03 22.77 7.87
CA ALA E 659 -18.56 22.70 6.49
C ALA E 659 -17.13 23.24 6.37
N PHE E 660 -16.80 24.28 7.14
CA PHE E 660 -15.43 24.79 7.15
C PHE E 660 -14.48 23.77 7.75
N GLU E 661 -14.95 23.00 8.73
CA GLU E 661 -14.10 21.98 9.33
C GLU E 661 -13.82 20.84 8.36
N ALA E 662 -14.81 20.49 7.53
CA ALA E 662 -14.59 19.50 6.49
C ALA E 662 -13.52 19.94 5.52
N VAL E 663 -13.44 21.25 5.25
CA VAL E 663 -12.36 21.78 4.41
C VAL E 663 -11.01 21.56 5.09
N ARG E 664 -10.93 21.84 6.39
CA ARG E 664 -9.68 21.63 7.11
C ARG E 664 -9.33 20.15 7.22
N ILE E 665 -10.34 19.28 7.28
CA ILE E 665 -10.08 17.85 7.27
C ILE E 665 -9.48 17.42 5.95
N ILE E 666 -10.01 17.96 4.85
CA ILE E 666 -9.45 17.67 3.52
C ILE E 666 -8.05 18.26 3.38
N ALA E 667 -7.85 19.47 3.92
CA ALA E 667 -6.55 20.11 3.81
C ALA E 667 -5.49 19.36 4.60
N ARG E 668 -5.84 18.88 5.80
CA ARG E 668 -4.89 18.10 6.58
C ARG E 668 -4.55 16.79 5.89
N ALA E 669 -5.53 16.19 5.22
CA ALA E 669 -5.27 14.96 4.47
C ALA E 669 -4.37 15.24 3.27
N SER E 670 -4.51 16.41 2.65
CA SER E 670 -3.71 16.79 1.49
C SER E 670 -2.37 17.40 1.87
N ARG E 671 -2.10 17.57 3.16
CA ARG E 671 -0.83 18.12 3.65
C ARG E 671 -0.57 19.52 3.09
N VAL E 672 -1.63 20.32 2.99
CA VAL E 672 -1.53 21.69 2.50
C VAL E 672 -2.24 22.62 3.48
N ASP E 673 -1.87 23.89 3.42
CA ASP E 673 -2.51 24.93 4.21
C ASP E 673 -3.55 25.65 3.38
N VAL E 674 -4.68 25.98 4.01
CA VAL E 674 -5.77 26.66 3.34
C VAL E 674 -6.12 27.92 4.11
N THR E 675 -6.66 28.91 3.39
CA THR E 675 -7.17 30.13 3.97
C THR E 675 -8.61 30.32 3.53
N LEU E 676 -9.46 30.73 4.48
CA LEU E 676 -10.87 30.97 4.20
C LEU E 676 -11.12 32.47 4.16
N ARG E 677 -11.90 32.91 3.18
CA ARG E 677 -12.25 34.31 3.03
C ARG E 677 -13.74 34.40 2.72
N PRO E 678 -14.43 35.38 3.30
CA PRO E 678 -15.87 35.52 3.02
C PRO E 678 -16.13 35.81 1.56
N ALA E 679 -17.18 35.20 1.02
CA ALA E 679 -17.48 35.35 -0.40
C ALA E 679 -18.98 35.16 -0.61
N GLN E 680 -19.47 35.72 -1.71
CA GLN E 680 -20.85 35.57 -2.16
C GLN E 680 -20.83 34.67 -3.39
N TYR E 681 -21.39 33.48 -3.27
CA TYR E 681 -21.34 32.49 -4.35
C TYR E 681 -22.50 31.52 -4.15
N LEU E 682 -23.49 31.59 -5.03
CA LEU E 682 -24.62 30.68 -4.96
C LEU E 682 -24.14 29.25 -5.19
N PRO E 683 -24.82 28.24 -4.63
CA PRO E 683 -26.06 28.32 -3.84
C PRO E 683 -25.81 28.52 -2.35
N TRP E 684 -24.69 29.13 -1.97
CA TRP E 684 -24.36 29.31 -0.56
C TRP E 684 -24.96 30.61 -0.02
N HIS E 685 -25.22 30.61 1.27
CA HIS E 685 -25.67 31.82 1.97
C HIS E 685 -24.56 32.86 1.93
N PRO E 686 -24.81 34.07 1.43
CA PRO E 686 -23.72 35.06 1.29
C PRO E 686 -23.09 35.45 2.61
N GLY E 687 -23.82 35.37 3.72
CA GLY E 687 -23.26 35.62 5.03
C GLY E 687 -22.65 34.43 5.71
N ARG E 688 -22.80 33.23 5.14
CA ARG E 688 -22.26 32.01 5.71
C ARG E 688 -21.44 31.22 4.68
N CYS E 689 -20.82 31.92 3.74
CA CYS E 689 -20.05 31.29 2.68
C CYS E 689 -18.59 31.69 2.77
N ALA E 690 -17.70 30.73 2.49
CA ALA E 690 -16.27 30.96 2.50
C ALA E 690 -15.66 30.38 1.24
N GLN E 691 -14.74 31.14 0.63
CA GLN E 691 -13.99 30.69 -0.54
C GLN E 691 -12.65 30.14 -0.06
N VAL E 692 -12.37 28.88 -0.38
CA VAL E 692 -11.15 28.23 0.07
C VAL E 692 -10.01 28.58 -0.88
N PHE E 693 -8.86 28.93 -0.31
CA PHE E 693 -7.67 29.27 -1.07
C PHE E 693 -6.49 28.45 -0.56
N VAL E 694 -5.70 27.92 -1.49
CA VAL E 694 -4.39 27.37 -1.18
C VAL E 694 -3.36 28.28 -1.84
N GLY E 695 -2.45 28.81 -1.03
CA GLY E 695 -1.56 29.85 -1.50
C GLY E 695 -2.33 31.05 -2.02
N GLU E 696 -2.38 31.19 -3.35
CA GLU E 696 -3.17 32.24 -3.99
C GLU E 696 -4.16 31.69 -4.99
N SER E 697 -4.41 30.38 -4.99
CA SER E 697 -5.28 29.73 -5.95
C SER E 697 -6.61 29.38 -5.28
N SER E 698 -7.71 29.85 -5.86
CA SER E 698 -9.03 29.49 -5.37
C SER E 698 -9.31 28.03 -5.71
N VAL E 699 -9.81 27.28 -4.71
CA VAL E 699 -10.03 25.85 -4.88
C VAL E 699 -11.47 25.43 -4.61
N GLY E 700 -12.34 26.32 -4.18
CA GLY E 700 -13.73 25.98 -3.99
C GLY E 700 -14.37 26.85 -2.91
N HIS E 701 -15.60 26.48 -2.55
CA HIS E 701 -16.40 27.21 -1.58
C HIS E 701 -16.98 26.25 -0.57
N ALA E 702 -17.49 26.81 0.53
CA ALA E 702 -18.06 26.01 1.61
C ALA E 702 -18.92 26.90 2.48
N GLY E 703 -19.77 26.26 3.28
CA GLY E 703 -20.60 26.97 4.24
C GLY E 703 -22.05 26.53 4.13
N GLN E 704 -22.93 27.34 4.72
CA GLN E 704 -24.35 27.06 4.72
C GLN E 704 -25.00 27.52 3.42
N LEU E 705 -25.99 26.76 2.96
CA LEU E 705 -26.65 27.06 1.70
C LEU E 705 -27.66 28.20 1.88
N HIS E 706 -28.05 28.78 0.75
CA HIS E 706 -28.99 29.89 0.77
C HIS E 706 -30.37 29.42 1.22
N PRO E 707 -31.08 30.19 2.03
CA PRO E 707 -32.43 29.78 2.46
C PRO E 707 -33.41 29.66 1.31
N ALA E 708 -33.26 30.49 0.26
CA ALA E 708 -34.14 30.37 -0.90
C ALA E 708 -33.82 29.12 -1.70
N VAL E 709 -32.53 28.78 -1.81
CA VAL E 709 -32.14 27.55 -2.51
C VAL E 709 -32.66 26.33 -1.75
N ILE E 710 -32.59 26.36 -0.42
CA ILE E 710 -33.08 25.25 0.39
C ILE E 710 -34.59 25.11 0.24
N GLU E 711 -35.30 26.24 0.17
CA GLU E 711 -36.76 26.18 0.07
C GLU E 711 -37.20 25.64 -1.28
N ARG E 712 -36.54 26.06 -2.36
CA ARG E 712 -36.97 25.63 -3.70
C ARG E 712 -36.59 24.19 -3.98
N SER E 713 -35.54 23.68 -3.35
CA SER E 713 -35.06 22.33 -3.61
C SER E 713 -35.61 21.30 -2.62
N GLY E 714 -36.41 21.73 -1.65
CA GLY E 714 -36.93 20.80 -0.66
C GLY E 714 -35.88 20.25 0.28
N LEU E 715 -34.73 20.90 0.39
CA LEU E 715 -33.67 20.46 1.27
C LEU E 715 -34.01 20.80 2.73
N PRO E 716 -33.38 20.11 3.68
CA PRO E 716 -33.60 20.46 5.09
C PRO E 716 -33.04 21.84 5.41
N LYS E 717 -33.67 22.50 6.38
CA LYS E 717 -33.24 23.84 6.78
C LYS E 717 -31.85 23.80 7.39
N GLY E 718 -31.01 24.76 7.01
CA GLY E 718 -29.66 24.82 7.50
C GLY E 718 -28.68 23.90 6.81
N THR E 719 -29.01 23.42 5.61
CA THR E 719 -28.12 22.52 4.90
C THR E 719 -26.82 23.22 4.53
N CYS E 720 -25.70 22.58 4.84
CA CYS E 720 -24.37 23.08 4.52
C CYS E 720 -23.71 22.17 3.50
N ALA E 721 -22.81 22.74 2.70
CA ALA E 721 -22.19 22.01 1.61
C ALA E 721 -20.75 22.46 1.42
N VAL E 722 -19.96 21.58 0.81
CA VAL E 722 -18.55 21.82 0.51
C VAL E 722 -18.29 21.33 -0.91
N GLU E 723 -17.39 22.01 -1.61
CA GLU E 723 -16.95 21.53 -2.92
C GLU E 723 -15.55 22.09 -3.19
N LEU E 724 -14.59 21.21 -3.41
CA LEU E 724 -13.21 21.59 -3.71
C LEU E 724 -12.76 20.96 -5.02
N ASN E 725 -11.82 21.62 -5.68
CA ASN E 725 -11.21 21.11 -6.90
C ASN E 725 -9.86 20.52 -6.53
N LEU E 726 -9.79 19.19 -6.44
CA LEU E 726 -8.56 18.53 -6.03
C LEU E 726 -7.43 18.77 -7.03
N ASP E 727 -7.76 18.94 -8.31
CA ASP E 727 -6.74 19.25 -9.30
C ASP E 727 -6.17 20.65 -9.12
N ALA E 728 -6.90 21.55 -8.46
CA ALA E 728 -6.39 22.88 -8.18
C ALA E 728 -5.47 22.89 -6.96
N ILE E 729 -5.51 21.87 -6.13
CA ILE E 729 -4.65 21.76 -4.95
C ILE E 729 -3.37 21.05 -5.37
N PRO E 730 -2.21 21.66 -5.24
CA PRO E 730 -0.96 20.99 -5.62
C PRO E 730 -0.55 19.95 -4.60
N CYS E 731 0.10 18.91 -5.10
CA CYS E 731 0.64 17.87 -4.23
C CYS E 731 1.87 18.38 -3.49
N SER E 732 2.05 17.89 -2.28
CA SER E 732 3.16 18.32 -1.45
C SER E 732 3.67 17.16 -0.61
N ALA E 733 4.99 17.08 -0.46
CA ALA E 733 5.64 16.11 0.40
C ALA E 733 6.65 16.85 1.27
N PRO E 734 6.17 17.54 2.30
CA PRO E 734 7.09 18.32 3.14
C PRO E 734 7.99 17.42 3.96
N LEU E 735 9.22 17.90 4.21
CA LEU E 735 10.22 17.19 4.99
C LEU E 735 10.57 18.03 6.21
N PRO E 736 9.75 17.96 7.26
CA PRO E 736 10.04 18.76 8.45
C PRO E 736 11.22 18.21 9.22
N ALA E 737 11.94 19.10 9.89
CA ALA E 737 13.07 18.75 10.74
C ALA E 737 12.99 19.55 12.02
N PRO E 738 12.07 19.18 12.92
CA PRO E 738 11.89 19.96 14.15
C PRO E 738 13.01 19.71 15.13
N ARG E 739 13.26 20.70 15.99
CA ARG E 739 14.26 20.61 17.05
C ARG E 739 13.57 20.93 18.37
N VAL E 740 13.49 19.95 19.25
CA VAL E 740 12.79 20.11 20.52
C VAL E 740 13.70 20.84 21.51
N SER E 741 13.26 22.01 21.93
CA SER E 741 14.06 22.82 22.87
C SER E 741 13.85 22.30 24.29
N PRO E 742 14.92 21.98 25.02
CA PRO E 742 14.77 21.45 26.38
C PRO E 742 14.53 22.51 27.44
N TYR E 743 14.39 23.78 27.06
CA TYR E 743 14.24 24.90 27.97
C TYR E 743 12.77 25.19 28.24
N PRO E 744 12.44 25.76 29.40
CA PRO E 744 11.04 25.98 29.75
C PRO E 744 10.40 27.04 28.87
N ALA E 745 9.08 26.97 28.78
CA ALA E 745 8.29 27.91 27.99
C ALA E 745 7.71 29.01 28.89
N VAL E 746 7.17 30.04 28.24
CA VAL E 746 6.55 31.16 28.93
C VAL E 746 5.14 31.31 28.38
N PHE E 747 4.14 31.22 29.25
CA PHE E 747 2.74 31.36 28.85
C PHE E 747 2.30 32.80 29.03
N GLN E 748 1.64 33.34 28.02
CA GLN E 748 1.12 34.71 28.07
C GLN E 748 -0.14 34.80 27.24
N ASP E 749 -1.04 35.68 27.64
CA ASP E 749 -2.28 35.94 26.92
C ASP E 749 -2.36 37.41 26.56
N VAL E 750 -2.97 37.69 25.40
CA VAL E 750 -3.11 39.06 24.92
C VAL E 750 -4.52 39.23 24.35
N SER E 751 -5.18 40.31 24.76
CA SER E 751 -6.52 40.65 24.27
C SER E 751 -6.41 41.80 23.28
N LEU E 752 -7.02 41.65 22.12
CA LEU E 752 -6.96 42.64 21.06
C LEU E 752 -8.37 42.94 20.56
N VAL E 753 -8.66 44.22 20.38
CA VAL E 753 -9.97 44.67 19.88
C VAL E 753 -9.81 45.06 18.43
N VAL E 754 -10.68 44.51 17.57
CA VAL E 754 -10.65 44.78 16.13
C VAL E 754 -12.08 45.05 15.68
N ALA E 755 -12.20 45.49 14.43
CA ALA E 755 -13.51 45.63 13.82
C ALA E 755 -14.17 44.26 13.67
N ALA E 756 -15.50 44.26 13.58
CA ALA E 756 -16.23 43.01 13.53
C ALA E 756 -15.91 42.22 12.26
N ASP E 757 -15.64 42.90 11.15
CA ASP E 757 -15.39 42.23 9.88
C ASP E 757 -14.00 41.65 9.76
N ILE E 758 -13.12 41.90 10.73
CA ILE E 758 -11.75 41.36 10.70
C ILE E 758 -11.80 39.88 11.05
N PRO E 759 -11.37 38.99 10.15
CA PRO E 759 -11.34 37.56 10.49
C PRO E 759 -10.31 37.28 11.58
N ALA E 760 -10.65 36.33 12.45
CA ALA E 760 -9.78 36.01 13.58
C ALA E 760 -8.45 35.42 13.11
N GLN E 761 -8.43 34.78 11.95
CA GLN E 761 -7.18 34.25 11.43
C GLN E 761 -6.22 35.36 11.03
N ALA E 762 -6.75 36.48 10.53
CA ALA E 762 -5.89 37.60 10.16
C ALA E 762 -5.19 38.19 11.38
N VAL E 763 -5.89 38.25 12.52
CA VAL E 763 -5.26 38.73 13.75
C VAL E 763 -4.22 37.72 14.22
N ALA E 764 -4.51 36.43 14.12
CA ALA E 764 -3.55 35.41 14.54
C ALA E 764 -2.30 35.44 13.65
N ASP E 765 -2.49 35.64 12.35
CA ASP E 765 -1.33 35.72 11.45
C ASP E 765 -0.50 36.96 11.75
N ALA E 766 -1.14 38.07 12.09
CA ALA E 766 -0.41 39.29 12.42
C ALA E 766 0.38 39.13 13.72
N VAL E 767 -0.20 38.42 14.69
CA VAL E 767 0.52 38.15 15.94
C VAL E 767 1.71 37.25 15.68
N ARG E 768 1.53 36.24 14.82
CA ARG E 768 2.64 35.35 14.48
C ARG E 768 3.76 36.11 13.77
N ALA E 769 3.41 37.01 12.86
CA ALA E 769 4.41 37.73 12.10
C ALA E 769 5.22 38.68 12.98
N GLY E 770 4.61 39.21 14.04
CA GLY E 770 5.28 40.16 14.90
C GLY E 770 6.04 39.51 16.04
N ALA E 771 5.52 38.40 16.55
CA ALA E 771 6.15 37.75 17.70
C ALA E 771 7.53 37.18 17.37
N GLY E 772 7.74 36.82 16.12
CA GLY E 772 9.04 36.27 15.72
C GLY E 772 9.15 34.79 15.97
N ASP E 773 10.39 34.32 16.01
CA ASP E 773 10.67 32.90 16.16
C ASP E 773 10.53 32.40 17.59
N LEU E 774 10.38 33.30 18.57
CA LEU E 774 10.14 32.86 19.95
C LEU E 774 8.75 32.28 20.13
N LEU E 775 7.81 32.64 19.27
CA LEU E 775 6.44 32.14 19.39
C LEU E 775 6.40 30.67 19.03
N GLU E 776 6.01 29.83 19.98
CA GLU E 776 5.89 28.40 19.76
C GLU E 776 4.47 27.95 19.44
N ASP E 777 3.46 28.60 20.03
CA ASP E 777 2.08 28.23 19.80
C ASP E 777 1.18 29.41 20.10
N ILE E 778 0.09 29.52 19.35
CA ILE E 778 -0.90 30.57 19.56
C ILE E 778 -2.29 29.97 19.34
N ALA E 779 -3.19 30.20 20.28
CA ALA E 779 -4.54 29.64 20.21
C ALA E 779 -5.54 30.67 20.68
N LEU E 780 -6.63 30.83 19.93
CA LEU E 780 -7.71 31.73 20.29
C LEU E 780 -8.71 30.98 21.17
N PHE E 781 -9.08 31.61 22.30
CA PHE E 781 -9.99 30.96 23.24
C PHE E 781 -11.11 31.87 23.75
N ASP E 782 -11.22 33.10 23.24
CA ASP E 782 -12.29 33.99 23.70
C ASP E 782 -12.63 35.00 22.62
N VAL E 783 -13.92 35.11 22.31
CA VAL E 783 -14.45 36.13 21.42
C VAL E 783 -15.55 36.86 22.20
N PHE E 784 -15.31 38.12 22.53
CA PHE E 784 -16.19 38.87 23.42
C PHE E 784 -16.68 40.14 22.73
N THR E 785 -17.98 40.41 22.89
CA THR E 785 -18.60 41.62 22.38
C THR E 785 -19.48 42.22 23.45
N GLY E 786 -19.69 43.54 23.37
CA GLY E 786 -20.53 44.24 24.31
C GLY E 786 -20.27 45.72 24.35
N PRO E 787 -21.02 46.44 25.19
CA PRO E 787 -20.81 47.90 25.28
C PRO E 787 -19.45 48.28 25.84
N GLN E 788 -18.82 47.39 26.62
CA GLN E 788 -17.46 47.63 27.06
C GLN E 788 -16.50 47.68 25.89
N ILE E 789 -16.79 46.92 24.83
CA ILE E 789 -15.94 46.87 23.65
C ILE E 789 -16.29 47.98 22.66
N GLY E 790 -17.55 48.06 22.27
CA GLY E 790 -17.98 49.04 21.28
C GLY E 790 -18.78 48.42 20.17
N GLU E 791 -19.57 49.24 19.47
CA GLU E 791 -20.43 48.73 18.41
C GLU E 791 -19.60 48.27 17.21
N HIS E 792 -19.99 47.15 16.62
CA HIS E 792 -19.34 46.58 15.44
C HIS E 792 -17.85 46.32 15.69
N ARG E 793 -17.49 46.02 16.93
CA ARG E 793 -16.13 45.67 17.29
C ARG E 793 -16.17 44.41 18.16
N LYS E 794 -15.00 43.78 18.32
CA LYS E 794 -14.92 42.54 19.06
C LYS E 794 -13.54 42.42 19.68
N SER E 795 -13.47 41.76 20.84
CA SER E 795 -12.22 41.51 21.54
C SER E 795 -11.85 40.04 21.40
N LEU E 796 -10.61 39.78 21.01
CA LEU E 796 -10.10 38.43 20.83
C LEU E 796 -8.89 38.23 21.74
N THR E 797 -8.95 37.19 22.57
CA THR E 797 -7.85 36.83 23.46
C THR E 797 -7.17 35.58 22.93
N PHE E 798 -5.84 35.62 22.84
CA PHE E 798 -5.05 34.52 22.31
C PHE E 798 -4.09 34.02 23.39
N ALA E 799 -3.98 32.69 23.51
CA ALA E 799 -3.03 32.08 24.41
C ALA E 799 -1.71 31.87 23.68
N LEU E 800 -0.66 32.53 24.15
CA LEU E 800 0.65 32.49 23.51
C LEU E 800 1.61 31.65 24.34
N ARG E 801 2.44 30.88 23.66
CA ARG E 801 3.48 30.06 24.29
C ARG E 801 4.81 30.41 23.65
N PHE E 802 5.71 31.02 24.42
CA PHE E 802 7.02 31.40 23.94
C PHE E 802 8.06 30.42 24.45
N ARG E 803 9.08 30.15 23.62
CA ARG E 803 10.17 29.27 24.02
C ARG E 803 11.38 29.57 23.16
N ALA E 804 12.54 29.71 23.79
CA ALA E 804 13.81 29.87 23.10
C ALA E 804 14.49 28.52 22.93
N PRO E 805 15.22 28.32 21.83
CA PRO E 805 15.88 27.04 21.59
C PRO E 805 17.20 26.86 22.34
N ASP E 806 17.73 27.93 22.95
CA ASP E 806 19.06 27.86 23.55
C ASP E 806 19.16 28.48 24.93
N ARG E 807 18.05 28.95 25.51
CA ARG E 807 18.13 29.64 26.79
C ARG E 807 16.76 29.66 27.45
N THR E 808 16.77 29.97 28.75
CA THR E 808 15.55 30.26 29.48
C THR E 808 15.21 31.73 29.32
N LEU E 809 13.93 32.01 29.07
CA LEU E 809 13.48 33.38 28.84
C LEU E 809 13.06 34.04 30.14
N THR E 810 13.29 35.35 30.22
CA THR E 810 12.71 36.17 31.27
C THR E 810 11.33 36.66 30.81
N GLU E 811 10.55 37.18 31.76
CA GLU E 811 9.23 37.70 31.41
C GLU E 811 9.34 38.91 30.50
N ASP E 812 10.42 39.70 30.64
CA ASP E 812 10.64 40.80 29.71
C ASP E 812 10.98 40.30 28.31
N ASP E 813 11.63 39.14 28.21
CA ASP E 813 11.93 38.58 26.91
C ASP E 813 10.65 38.20 26.17
N ALA E 814 9.69 37.59 26.88
CA ALA E 814 8.44 37.21 26.25
C ALA E 814 7.54 38.41 26.00
N SER E 815 7.55 39.38 26.93
CA SER E 815 6.74 40.57 26.76
C SER E 815 7.22 41.42 25.59
N ALA E 816 8.53 41.37 25.28
CA ALA E 816 9.04 42.09 24.12
C ALA E 816 8.50 41.50 22.82
N ALA E 817 8.50 40.17 22.71
CA ALA E 817 7.93 39.53 21.53
C ALA E 817 6.42 39.73 21.47
N ARG E 818 5.76 39.80 22.63
CA ARG E 818 4.32 40.05 22.64
C ARG E 818 4.00 41.47 22.17
N ASP E 819 4.80 42.45 22.62
CA ASP E 819 4.57 43.83 22.19
C ASP E 819 4.83 43.99 20.70
N ALA E 820 5.84 43.30 20.17
CA ALA E 820 6.09 43.33 18.73
C ALA E 820 4.94 42.68 17.95
N ALA E 821 4.26 41.71 18.58
CA ALA E 821 3.10 41.10 17.94
C ALA E 821 1.89 42.03 18.00
N VAL E 822 1.73 42.76 19.11
CA VAL E 822 0.64 43.73 19.22
C VAL E 822 0.82 44.85 18.20
N GLN E 823 2.06 45.30 18.01
CA GLN E 823 2.32 46.34 17.02
C GLN E 823 2.07 45.83 15.61
N SER E 824 2.37 44.56 15.35
CA SER E 824 2.14 44.00 14.02
C SER E 824 0.64 43.90 13.73
N ALA E 825 -0.16 43.56 14.74
CA ALA E 825 -1.60 43.50 14.55
C ALA E 825 -2.21 44.89 14.40
N ALA E 826 -1.55 45.92 14.97
CA ALA E 826 -2.06 47.27 14.83
C ALA E 826 -1.88 47.77 13.39
N GLU E 827 -0.75 47.46 12.77
CA GLU E 827 -0.51 47.91 11.40
C GLU E 827 -1.27 47.09 10.38
N ARG E 828 -1.60 45.83 10.69
CA ARG E 828 -2.17 44.92 9.71
C ARG E 828 -3.70 44.85 9.75
N VAL E 829 -4.29 44.80 10.94
CA VAL E 829 -5.75 44.68 11.05
C VAL E 829 -6.30 45.78 11.94
N GLY E 830 -5.48 46.78 12.23
CA GLY E 830 -5.93 47.89 13.06
C GLY E 830 -6.28 47.50 14.48
N ALA E 831 -5.63 46.48 15.01
CA ALA E 831 -5.96 45.99 16.35
C ALA E 831 -5.55 47.02 17.41
N VAL E 832 -6.32 47.06 18.49
CA VAL E 832 -6.06 47.93 19.62
C VAL E 832 -5.92 47.05 20.87
N LEU E 833 -4.83 47.23 21.60
CA LEU E 833 -4.62 46.48 22.83
C LEU E 833 -5.73 46.79 23.82
N ARG E 834 -6.35 45.72 24.35
CA ARG E 834 -7.49 45.89 25.23
C ARG E 834 -7.07 46.56 26.54
N GLY E 835 -7.80 47.60 26.92
CA GLY E 835 -7.52 48.33 28.14
C GLY E 835 -8.76 48.54 29.00
#